data_6FWS
#
_entry.id   6FWS
#
_cell.length_a   109.771
_cell.length_b   119.751
_cell.length_c   126.740
_cell.angle_alpha   90.00
_cell.angle_beta   90.00
_cell.angle_gamma   90.00
#
_symmetry.space_group_name_H-M   'P 21 21 21'
#
loop_
_entity.id
_entity.type
_entity.pdbx_description
1 polymer 'ATP-dependent DNA helicase DinG'
2 polymer "DNA (5'-D(*TP*TP*TP*TP*TP*TP*TP*TP*TP*TP*T)-3')"
3 polymer "DNA (5'-D(*TP*TP*TP*TP*TP*TP*TP*TP*TP*T)-3')"
4 non-polymer 'IRON/SULFUR CLUSTER'
5 non-polymer "ADENOSINE-5'-DIPHOSPHATE"
6 non-polymer 'BERYLLIUM TRIFLUORIDE ION'
7 non-polymer 'MAGNESIUM ION'
8 water water
#
loop_
_entity_poly.entity_id
_entity_poly.type
_entity_poly.pdbx_seq_one_letter_code
_entity_poly.pdbx_strand_id
1 'polypeptide(L)'
;MALTAALKAQIAAWYKALQEQIPDFIPRAPQRQMIADVAKTLAGEEGRHLAIEAPTGVGKTLSYLIPGIAIAREEQKTLV
VSTANVALQDQIYSKDLPLLKKIIPDLKFTAAFGRGRYVCPRNLTALASTEPTQQDLLAFLDDELTPNNQEEQKRCAKLK
GDLDTYKWDGLRDHTDIAIDDDLWRRLSTDKASCLNRNCYYYRECPFFVARREIQEAEVVVANHALVMAAMESEAVLPDP
KNLLLVLDEGHHLPDVARDALEMSAEITAPWYRLQLDLFTKLVATCMEQFRPKTIPPLAIPERLNAHCEELYELIASLNN
ILNLYMPAGQEAEHRFAMGELPDEVLEICQRLAKLTEMLRGLAELFLNDLSEKTGSHDIVRLHRLILQMNRALGMFEAQS
KLWRLASLAQSSGAPVTKWATREEREGQLHLWFHCVGIRVSDQLERLLWRSIPHIIVTSATLRSLNSFSRLQEMSGLKEK
AGDRFVALDSPFNHCEQGKIVIPRMRVEPSIDNEEQHIAEMAAFFREQVESKKHLGMLVLFASGRAMQRFLDYVTDLRLM
LLVQGDQPRYRLVELHRKRVANGERSVLVGLQSFAEGLDLKGDLLSQVHIHKIAFPPIDSPVVITEGEWLKSLNRYPFEV
QSLPSASFNLIQQVGRLIRSHGCWGEVVIYDKRLLTKNYGKRLLDALPVFPIEQPEVPEGIVKKKEKTKSPRRRRR
;
A,B
2 'polydeoxyribonucleotide' (DT)(DT)(DT)(DT)(DT)(DT)(DT)(DT)(DT)(DT)(DT) C
3 'polydeoxyribonucleotide' (DT)(DT)(DT)(DT)(DT)(DT)(DT)(DT)(DT)(DT) D
#
loop_
_chem_comp.id
_chem_comp.type
_chem_comp.name
_chem_comp.formula
ADP non-polymer ADENOSINE-5'-DIPHOSPHATE 'C10 H15 N5 O10 P2'
BEF non-polymer 'BERYLLIUM TRIFLUORIDE ION' 'Be F3 -1'
DT DNA linking THYMIDINE-5'-MONOPHOSPHATE 'C10 H15 N2 O8 P'
MG non-polymer 'MAGNESIUM ION' 'Mg 2'
SF4 non-polymer 'IRON/SULFUR CLUSTER' 'Fe4 S4'
#
# COMPACT_ATOMS: atom_id res chain seq x y z
N MET A 1 6.79 -7.49 -0.69
CA MET A 1 8.04 -6.80 -0.96
C MET A 1 8.81 -7.44 -2.13
N ALA A 2 9.45 -8.58 -1.86
CA ALA A 2 10.23 -9.25 -2.90
C ALA A 2 9.32 -9.69 -4.06
N LEU A 3 9.83 -9.53 -5.28
CA LEU A 3 9.12 -9.98 -6.48
C LEU A 3 8.94 -11.49 -6.42
N THR A 4 7.72 -11.96 -6.67
CA THR A 4 7.49 -13.39 -6.69
C THR A 4 8.22 -14.04 -7.86
N ALA A 5 8.36 -15.37 -7.78
CA ALA A 5 8.93 -16.14 -8.88
C ALA A 5 7.98 -16.20 -10.08
N ALA A 6 6.68 -16.34 -9.81
CA ALA A 6 5.68 -16.28 -10.88
C ALA A 6 5.76 -14.96 -11.63
N LEU A 7 5.94 -13.85 -10.90
CA LEU A 7 5.91 -12.54 -11.56
C LEU A 7 7.16 -12.32 -12.41
N LYS A 8 8.35 -12.55 -11.85
CA LYS A 8 9.56 -12.47 -12.65
C LYS A 8 9.51 -13.38 -13.87
N ALA A 9 9.08 -14.63 -13.68
CA ALA A 9 8.92 -15.53 -14.82
C ALA A 9 7.98 -14.93 -15.86
N GLN A 10 6.82 -14.42 -15.42
CA GLN A 10 5.83 -13.90 -16.37
C GLN A 10 6.40 -12.74 -17.17
N ILE A 11 7.14 -11.84 -16.51
CA ILE A 11 7.76 -10.72 -17.19
C ILE A 11 8.81 -11.20 -18.19
N ALA A 12 9.62 -12.18 -17.79
CA ALA A 12 10.64 -12.72 -18.68
C ALA A 12 10.02 -13.37 -19.90
N ALA A 13 8.92 -14.11 -19.71
CA ALA A 13 8.32 -14.81 -20.83
C ALA A 13 7.71 -13.82 -21.82
N TRP A 14 7.02 -12.79 -21.29
CA TRP A 14 6.47 -11.76 -22.16
C TRP A 14 7.57 -11.00 -22.90
N TYR A 15 8.60 -10.57 -22.18
CA TYR A 15 9.70 -9.84 -22.80
C TYR A 15 10.41 -10.67 -23.87
N LYS A 16 10.48 -12.00 -23.68
CA LYS A 16 11.09 -12.87 -24.67
C LYS A 16 10.17 -13.07 -25.87
N ALA A 17 8.87 -13.22 -25.62
CA ALA A 17 7.87 -13.26 -26.68
C ALA A 17 7.95 -12.02 -27.54
N LEU A 18 8.52 -10.93 -26.99
CA LEU A 18 8.77 -9.72 -27.77
C LEU A 18 9.78 -9.95 -28.90
N GLN A 19 10.80 -10.79 -28.68
CA GLN A 19 11.77 -11.02 -29.75
C GLN A 19 11.10 -11.56 -31.00
N GLU A 20 10.10 -12.43 -30.83
CA GLU A 20 9.37 -13.00 -31.96
C GLU A 20 8.29 -12.07 -32.49
N GLN A 21 7.87 -11.07 -31.71
CA GLN A 21 6.79 -10.17 -32.06
C GLN A 21 7.27 -8.88 -32.73
N ILE A 22 8.50 -8.48 -32.49
CA ILE A 22 9.19 -7.45 -33.28
C ILE A 22 10.26 -8.17 -34.08
N PRO A 23 10.01 -8.54 -35.35
CA PRO A 23 10.96 -9.41 -36.06
C PRO A 23 12.36 -8.82 -36.16
N ASP A 24 12.47 -7.49 -36.14
CA ASP A 24 13.76 -6.81 -36.09
C ASP A 24 14.10 -6.38 -34.67
N PHE A 25 13.78 -7.22 -33.69
CA PHE A 25 14.11 -6.91 -32.31
C PHE A 25 15.61 -6.94 -32.11
N ILE A 26 16.16 -5.87 -31.53
CA ILE A 26 17.55 -5.84 -31.11
C ILE A 26 17.57 -5.67 -29.59
N PRO A 27 18.40 -6.41 -28.86
CA PRO A 27 18.46 -6.24 -27.41
C PRO A 27 18.88 -4.84 -27.02
N ARG A 28 18.17 -4.28 -26.02
CA ARG A 28 18.42 -2.93 -25.52
C ARG A 28 18.67 -3.00 -24.01
N ALA A 29 19.90 -2.72 -23.60
CA ALA A 29 20.24 -2.77 -22.17
C ALA A 29 19.40 -1.84 -21.32
N PRO A 30 19.20 -0.56 -21.65
CA PRO A 30 18.39 0.30 -20.77
C PRO A 30 16.95 -0.14 -20.69
N GLN A 31 16.43 -0.77 -21.73
CA GLN A 31 15.08 -1.32 -21.66
C GLN A 31 14.99 -2.37 -20.57
N ARG A 32 15.92 -3.32 -20.56
CA ARG A 32 16.01 -4.30 -19.47
C ARG A 32 16.11 -3.60 -18.12
N GLN A 33 17.01 -2.62 -18.00
CA GLN A 33 17.17 -1.91 -16.73
C GLN A 33 15.85 -1.31 -16.25
N MET A 34 15.14 -0.67 -17.18
CA MET A 34 13.91 0.01 -16.83
C MET A 34 12.81 -0.98 -16.49
N ILE A 35 12.79 -2.13 -17.17
CA ILE A 35 11.88 -3.21 -16.76
C ILE A 35 12.12 -3.58 -15.31
N ALA A 36 13.40 -3.82 -14.95
CA ALA A 36 13.66 -4.27 -13.59
C ALA A 36 13.29 -3.21 -12.58
N ASP A 37 13.73 -1.97 -12.79
CA ASP A 37 13.45 -0.94 -11.79
C ASP A 37 11.95 -0.66 -11.69
N VAL A 38 11.24 -0.68 -12.82
CA VAL A 38 9.80 -0.47 -12.78
C VAL A 38 9.11 -1.58 -12.02
N ALA A 39 9.49 -2.84 -12.29
CA ALA A 39 8.98 -3.98 -11.54
C ALA A 39 9.21 -3.81 -10.04
N LYS A 40 10.43 -3.43 -9.66
CA LYS A 40 10.75 -3.27 -8.25
C LYS A 40 9.84 -2.24 -7.60
N THR A 41 9.70 -1.07 -8.23
CA THR A 41 8.93 -0.01 -7.59
C THR A 41 7.44 -0.35 -7.54
N LEU A 42 6.90 -0.81 -8.66
CA LEU A 42 5.46 -1.07 -8.73
C LEU A 42 5.04 -2.25 -7.87
N ALA A 43 5.92 -3.23 -7.69
CA ALA A 43 5.55 -4.38 -6.87
C ALA A 43 5.76 -4.11 -5.39
N GLY A 44 6.40 -2.99 -5.05
CA GLY A 44 6.61 -2.63 -3.66
C GLY A 44 7.83 -3.25 -3.05
N GLU A 45 8.91 -3.39 -3.81
CA GLU A 45 10.13 -3.98 -3.29
C GLU A 45 11.13 -2.95 -2.82
N GLU A 46 11.16 -1.75 -3.40
CA GLU A 46 12.25 -0.84 -3.03
C GLU A 46 11.76 0.61 -3.19
N GLY A 47 11.06 1.09 -2.17
CA GLY A 47 10.78 2.50 -2.08
C GLY A 47 9.37 2.87 -2.46
N ARG A 48 9.19 4.16 -2.62
CA ARG A 48 7.87 4.70 -2.89
C ARG A 48 7.68 4.81 -4.40
N HIS A 49 8.20 5.88 -4.98
CA HIS A 49 8.00 6.14 -6.39
C HIS A 49 9.34 6.14 -7.12
N LEU A 50 9.28 5.99 -8.44
CA LEU A 50 10.45 5.94 -9.30
C LEU A 50 10.34 7.01 -10.36
N ALA A 51 11.26 7.96 -10.33
CA ALA A 51 11.49 8.86 -11.45
C ALA A 51 12.66 8.29 -12.25
N ILE A 52 12.37 7.64 -13.38
CA ILE A 52 13.39 7.00 -14.18
C ILE A 52 13.46 7.69 -15.55
N GLU A 53 14.62 8.25 -15.86
CA GLU A 53 14.88 8.92 -17.12
C GLU A 53 15.54 7.93 -18.07
N ALA A 54 15.00 7.82 -19.28
CA ALA A 54 15.53 6.95 -20.29
C ALA A 54 15.44 7.70 -21.62
N PRO A 55 16.53 7.79 -22.37
CA PRO A 55 16.58 8.69 -23.54
C PRO A 55 15.55 8.34 -24.63
N THR A 56 15.35 9.29 -25.54
CA THR A 56 14.35 9.14 -26.59
C THR A 56 14.67 7.92 -27.48
N GLY A 57 13.66 7.10 -27.74
CA GLY A 57 13.82 5.92 -28.56
C GLY A 57 14.22 4.66 -27.82
N VAL A 58 14.64 4.77 -26.56
CA VAL A 58 15.05 3.61 -25.76
C VAL A 58 13.99 2.52 -25.80
N GLY A 59 12.72 2.91 -25.80
CA GLY A 59 11.63 1.94 -25.80
C GLY A 59 10.95 1.89 -24.45
N LYS A 60 10.69 3.06 -23.85
CA LYS A 60 10.17 3.10 -22.49
C LYS A 60 8.77 2.51 -22.41
N THR A 61 7.95 2.69 -23.46
CA THR A 61 6.55 2.25 -23.47
C THR A 61 6.44 0.78 -23.09
N LEU A 62 7.08 -0.10 -23.86
CA LEU A 62 7.05 -1.53 -23.53
C LEU A 62 7.73 -1.77 -22.19
N SER A 63 8.73 -0.94 -21.86
CA SER A 63 9.47 -1.07 -20.61
C SER A 63 8.56 -0.97 -19.39
N TYR A 64 7.62 -0.03 -19.38
CA TYR A 64 6.71 0.04 -18.23
C TYR A 64 5.41 -0.76 -18.45
N LEU A 65 4.99 -0.94 -19.70
CA LEU A 65 3.77 -1.71 -19.94
C LEU A 65 3.93 -3.17 -19.50
N ILE A 66 5.06 -3.80 -19.81
CA ILE A 66 5.17 -5.24 -19.54
C ILE A 66 5.14 -5.54 -18.05
N PRO A 67 6.04 -4.97 -17.24
CA PRO A 67 5.93 -5.21 -15.79
C PRO A 67 4.63 -4.71 -15.21
N GLY A 68 4.16 -3.54 -15.65
CA GLY A 68 2.92 -2.99 -15.12
C GLY A 68 1.74 -3.91 -15.31
N ILE A 69 1.60 -4.47 -16.52
CA ILE A 69 0.51 -5.42 -16.77
C ILE A 69 0.69 -6.68 -15.93
N ALA A 70 1.92 -7.20 -15.84
CA ALA A 70 2.17 -8.37 -15.00
C ALA A 70 1.68 -8.15 -13.56
N ILE A 71 2.14 -7.05 -12.94
CA ILE A 71 1.79 -6.79 -11.55
C ILE A 71 0.31 -6.45 -11.42
N ALA A 72 -0.29 -5.81 -12.42
CA ALA A 72 -1.72 -5.55 -12.36
C ALA A 72 -2.51 -6.84 -12.31
N ARG A 73 -2.19 -7.77 -13.21
CA ARG A 73 -2.90 -9.05 -13.22
C ARG A 73 -2.69 -9.81 -11.90
N GLU A 74 -1.44 -9.97 -11.48
CA GLU A 74 -1.19 -10.73 -10.27
C GLU A 74 -1.83 -10.06 -9.04
N GLU A 75 -1.82 -8.73 -8.97
CA GLU A 75 -2.36 -8.01 -7.82
C GLU A 75 -3.82 -7.64 -7.94
N GLN A 76 -4.46 -7.91 -9.08
CA GLN A 76 -5.82 -7.44 -9.31
C GLN A 76 -5.91 -5.93 -9.11
N LYS A 77 -5.02 -5.22 -9.77
CA LYS A 77 -4.98 -3.77 -9.76
C LYS A 77 -5.13 -3.29 -11.17
N THR A 78 -5.34 -1.99 -11.31
CA THR A 78 -5.52 -1.36 -12.60
C THR A 78 -4.28 -0.54 -12.93
N LEU A 79 -3.66 -0.83 -14.07
CA LEU A 79 -2.53 -0.04 -14.55
C LEU A 79 -3.06 1.21 -15.23
N VAL A 80 -2.65 2.37 -14.75
CA VAL A 80 -3.03 3.64 -15.35
C VAL A 80 -1.77 4.21 -16.01
N VAL A 81 -1.80 4.27 -17.33
CA VAL A 81 -0.72 4.86 -18.11
C VAL A 81 -1.18 6.23 -18.59
N SER A 82 -0.51 7.29 -18.13
CA SER A 82 -0.89 8.66 -18.44
C SER A 82 0.21 9.33 -19.23
N THR A 83 -0.17 10.02 -20.30
CA THR A 83 0.82 10.71 -21.13
C THR A 83 0.39 12.17 -21.29
N ALA A 84 1.08 12.89 -22.16
CA ALA A 84 0.94 14.34 -22.15
C ALA A 84 -0.29 14.81 -22.90
N ASN A 85 -0.67 14.13 -23.99
CA ASN A 85 -1.78 14.61 -24.80
C ASN A 85 -2.48 13.45 -25.51
N VAL A 86 -3.57 13.79 -26.18
CA VAL A 86 -4.42 12.78 -26.80
C VAL A 86 -3.72 12.08 -27.96
N ALA A 87 -2.82 12.77 -28.65
CA ALA A 87 -2.10 12.11 -29.73
C ALA A 87 -1.27 10.95 -29.19
N LEU A 88 -0.59 11.16 -28.06
CA LEU A 88 0.22 10.11 -27.47
C LEU A 88 -0.65 9.02 -26.83
N GLN A 89 -1.79 9.42 -26.26
CA GLN A 89 -2.80 8.46 -25.85
C GLN A 89 -3.17 7.53 -27.00
N ASP A 90 -3.56 8.13 -28.13
CA ASP A 90 -3.88 7.35 -29.31
C ASP A 90 -2.74 6.42 -29.71
N GLN A 91 -1.49 6.91 -29.65
CA GLN A 91 -0.38 6.07 -30.08
C GLN A 91 -0.25 4.84 -29.21
N ILE A 92 -0.30 5.03 -27.88
CA ILE A 92 -0.23 3.86 -27.00
C ILE A 92 -1.40 2.92 -27.29
N TYR A 93 -2.60 3.47 -27.47
CA TYR A 93 -3.79 2.63 -27.56
C TYR A 93 -3.84 1.86 -28.87
N SER A 94 -3.32 2.46 -29.94
CA SER A 94 -3.52 1.95 -31.28
C SER A 94 -2.30 1.22 -31.83
N LYS A 95 -1.13 1.37 -31.21
CA LYS A 95 0.09 0.80 -31.74
C LYS A 95 0.83 -0.04 -30.70
N ASP A 96 1.19 0.54 -29.54
CA ASP A 96 1.93 -0.22 -28.53
C ASP A 96 1.07 -1.32 -27.89
N LEU A 97 -0.10 -0.96 -27.36
CA LEU A 97 -0.95 -1.94 -26.71
C LEU A 97 -1.42 -3.06 -27.62
N PRO A 98 -1.86 -2.82 -28.86
CA PRO A 98 -2.19 -3.95 -29.75
C PRO A 98 -1.02 -4.90 -29.98
N LEU A 99 0.20 -4.37 -30.19
CA LEU A 99 1.36 -5.25 -30.30
C LEU A 99 1.55 -6.09 -29.05
N LEU A 100 1.33 -5.50 -27.86
CA LEU A 100 1.45 -6.28 -26.64
C LEU A 100 0.31 -7.27 -26.50
N LYS A 101 -0.86 -6.98 -27.06
CA LYS A 101 -1.99 -7.89 -27.01
C LYS A 101 -1.78 -9.07 -27.93
N LYS A 102 -0.87 -8.96 -28.87
CA LYS A 102 -0.52 -10.12 -29.67
C LYS A 102 0.17 -11.12 -28.73
N ILE A 103 0.96 -10.62 -27.78
CA ILE A 103 1.63 -11.49 -26.81
C ILE A 103 0.69 -11.87 -25.66
N ILE A 104 -0.25 -11.00 -25.30
CA ILE A 104 -1.19 -11.29 -24.21
C ILE A 104 -2.61 -11.24 -24.75
N PRO A 105 -3.07 -12.30 -25.43
CA PRO A 105 -4.30 -12.17 -26.24
C PRO A 105 -5.57 -11.90 -25.45
N ASP A 106 -5.55 -12.00 -24.10
CA ASP A 106 -6.72 -11.68 -23.29
C ASP A 106 -6.55 -10.35 -22.56
N LEU A 107 -5.61 -9.52 -22.99
CA LEU A 107 -5.43 -8.23 -22.34
C LEU A 107 -6.62 -7.33 -22.61
N LYS A 108 -7.08 -6.64 -21.57
CA LYS A 108 -8.20 -5.74 -21.70
C LYS A 108 -7.71 -4.34 -21.37
N PHE A 109 -7.79 -3.44 -22.34
CA PHE A 109 -7.30 -2.09 -22.15
C PHE A 109 -8.27 -1.10 -22.76
N THR A 110 -8.31 0.10 -22.20
CA THR A 110 -9.15 1.18 -22.66
C THR A 110 -8.39 2.49 -22.55
N ALA A 111 -8.90 3.52 -23.21
CA ALA A 111 -8.38 4.87 -23.07
C ALA A 111 -9.47 5.77 -22.51
N ALA A 112 -9.08 6.68 -21.62
CA ALA A 112 -10.02 7.55 -20.92
C ALA A 112 -9.76 9.01 -21.31
N PHE A 113 -10.83 9.75 -21.55
CA PHE A 113 -10.77 11.14 -21.97
C PHE A 113 -11.79 11.96 -21.22
N GLY A 114 -11.51 13.26 -21.13
CA GLY A 114 -12.44 14.17 -20.48
C GLY A 114 -13.73 14.34 -21.24
N ARG A 115 -14.79 14.66 -20.48
CA ARG A 115 -16.13 14.74 -21.04
C ARG A 115 -16.21 15.69 -22.23
N GLY A 116 -15.40 16.76 -22.22
CA GLY A 116 -15.45 17.76 -23.27
C GLY A 116 -15.03 17.27 -24.65
N ARG A 117 -14.34 16.14 -24.75
CA ARG A 117 -13.97 15.61 -26.05
C ARG A 117 -15.02 14.68 -26.65
N TYR A 118 -16.15 14.50 -25.99
CA TYR A 118 -17.17 13.58 -26.48
C TYR A 118 -18.35 14.34 -27.09
N VAL A 119 -18.83 13.85 -28.24
CA VAL A 119 -19.97 14.48 -28.89
C VAL A 119 -21.22 14.11 -28.11
N CYS A 120 -22.13 15.08 -27.99
CA CYS A 120 -23.40 14.89 -27.30
C CYS A 120 -24.47 14.48 -28.30
N PRO A 121 -25.21 13.38 -28.09
CA PRO A 121 -26.13 12.92 -29.16
C PRO A 121 -27.26 13.89 -29.44
N ARG A 122 -27.82 14.58 -28.44
CA ARG A 122 -28.89 15.54 -28.69
C ARG A 122 -28.38 16.64 -29.63
N ASN A 123 -27.23 17.23 -29.31
CA ASN A 123 -26.67 18.29 -30.15
C ASN A 123 -26.33 17.77 -31.56
N LEU A 124 -25.82 16.54 -31.67
CA LEU A 124 -25.51 16.01 -32.99
C LEU A 124 -26.78 15.86 -33.83
N THR A 125 -27.85 15.29 -33.24
CA THR A 125 -29.11 15.17 -33.97
C THR A 125 -29.61 16.52 -34.44
N ALA A 126 -29.74 17.47 -33.51
CA ALA A 126 -30.22 18.80 -33.88
C ALA A 126 -29.37 19.39 -34.99
N LEU A 127 -28.05 19.26 -34.87
CA LEU A 127 -27.14 19.78 -35.88
C LEU A 127 -27.22 19.06 -37.22
N ALA A 128 -27.81 17.85 -37.27
CA ALA A 128 -27.98 17.11 -38.52
C ALA A 128 -29.48 16.96 -38.85
N SER A 129 -30.18 18.09 -39.03
CA SER A 129 -31.59 18.10 -39.46
C SER A 129 -31.64 18.57 -40.91
N THR A 130 -32.42 17.88 -41.77
CA THR A 130 -32.40 18.19 -43.21
C THR A 130 -33.04 19.56 -43.49
N GLU A 131 -34.13 19.87 -42.77
CA GLU A 131 -34.94 21.10 -42.92
C GLU A 131 -34.58 22.03 -41.76
N PRO A 132 -33.45 22.76 -41.86
CA PRO A 132 -32.84 23.26 -40.62
C PRO A 132 -33.48 24.51 -40.06
N THR A 133 -33.82 25.52 -40.87
CA THR A 133 -33.99 26.80 -40.19
C THR A 133 -35.05 27.72 -40.79
N GLN A 134 -35.56 28.54 -39.86
CA GLN A 134 -36.24 29.81 -40.05
C GLN A 134 -35.50 30.86 -39.23
N GLN A 135 -35.39 32.09 -39.73
CA GLN A 135 -34.80 33.20 -38.98
C GLN A 135 -35.81 33.90 -38.07
N ASP A 136 -36.73 33.10 -37.51
CA ASP A 136 -37.80 33.56 -36.65
C ASP A 136 -37.28 34.22 -35.38
N LEU A 137 -38.06 35.20 -34.88
CA LEU A 137 -37.93 35.58 -33.48
C LEU A 137 -38.05 34.36 -32.58
N LEU A 138 -39.07 33.53 -32.83
CA LEU A 138 -39.22 32.26 -32.12
C LEU A 138 -37.91 31.46 -32.15
N ALA A 139 -37.36 31.25 -33.33
CA ALA A 139 -36.08 30.57 -33.45
C ALA A 139 -35.00 31.25 -32.60
N PHE A 140 -34.94 32.58 -32.61
CA PHE A 140 -33.93 33.32 -31.83
C PHE A 140 -34.04 33.05 -30.33
N LEU A 141 -35.27 32.97 -29.81
CA LEU A 141 -35.46 32.62 -28.41
C LEU A 141 -35.27 31.12 -28.16
N ASP A 142 -35.65 30.30 -29.14
CA ASP A 142 -35.56 28.84 -29.15
C ASP A 142 -34.24 28.41 -29.78
N ASP A 143 -33.12 28.96 -29.33
CA ASP A 143 -31.91 28.83 -30.11
C ASP A 143 -31.20 27.50 -29.80
N GLU A 144 -31.92 26.42 -30.10
CA GLU A 144 -31.31 25.12 -30.16
C GLU A 144 -30.59 25.01 -31.49
N LEU A 145 -29.58 24.17 -31.52
CA LEU A 145 -28.57 24.31 -32.55
C LEU A 145 -29.16 24.11 -33.94
N THR A 146 -28.73 24.99 -34.83
CA THR A 146 -28.99 25.00 -36.23
C THR A 146 -27.72 24.70 -36.98
N PRO A 147 -27.78 23.91 -38.06
CA PRO A 147 -26.60 23.72 -38.93
C PRO A 147 -26.34 24.99 -39.71
N ASN A 148 -25.23 25.68 -39.39
CA ASN A 148 -24.88 26.97 -39.99
C ASN A 148 -25.17 27.04 -41.48
N ASN A 149 -24.59 26.13 -42.26
CA ASN A 149 -24.97 25.99 -43.66
C ASN A 149 -25.08 24.52 -44.01
N GLN A 150 -25.32 24.26 -45.29
CA GLN A 150 -25.71 22.91 -45.71
C GLN A 150 -24.54 21.95 -45.68
N GLU A 151 -23.33 22.41 -46.03
CA GLU A 151 -22.17 21.52 -46.02
C GLU A 151 -21.85 21.07 -44.60
N GLU A 152 -21.97 21.99 -43.63
CA GLU A 152 -21.79 21.64 -42.22
C GLU A 152 -22.88 20.66 -41.75
N GLN A 153 -24.14 20.92 -42.11
CA GLN A 153 -25.18 19.89 -41.94
C GLN A 153 -24.69 18.54 -42.44
N LYS A 154 -24.26 18.46 -43.70
CA LYS A 154 -23.72 17.23 -44.27
C LYS A 154 -22.64 16.60 -43.39
N ARG A 155 -21.65 17.39 -42.91
CA ARG A 155 -20.71 16.87 -41.93
C ARG A 155 -21.45 16.14 -40.81
N CYS A 156 -22.41 16.83 -40.18
CA CYS A 156 -23.09 16.23 -39.03
C CYS A 156 -23.84 14.96 -39.42
N ALA A 157 -24.44 14.93 -40.61
CA ALA A 157 -25.07 13.70 -41.08
C ALA A 157 -24.04 12.58 -41.21
N LYS A 158 -22.85 12.90 -41.74
CA LYS A 158 -21.81 11.91 -41.88
C LYS A 158 -21.40 11.36 -40.51
N LEU A 159 -21.04 12.25 -39.59
CA LEU A 159 -20.69 11.84 -38.23
C LEU A 159 -21.81 11.09 -37.55
N LYS A 160 -23.04 11.45 -37.85
CA LYS A 160 -24.20 10.83 -37.21
C LYS A 160 -24.40 9.41 -37.68
N GLY A 161 -24.32 9.18 -39.00
CA GLY A 161 -24.26 7.83 -39.50
C GLY A 161 -23.08 7.07 -38.94
N ASP A 162 -21.89 7.67 -38.99
CA ASP A 162 -20.69 6.94 -38.63
C ASP A 162 -20.65 6.65 -37.14
N LEU A 163 -21.41 7.41 -36.34
CA LEU A 163 -21.71 6.99 -34.98
C LEU A 163 -22.54 5.71 -35.00
N ASP A 164 -23.63 5.72 -35.77
CA ASP A 164 -24.53 4.57 -35.83
C ASP A 164 -24.01 3.45 -36.74
N THR A 165 -23.15 3.73 -37.73
CA THR A 165 -22.41 2.63 -38.33
C THR A 165 -21.13 2.33 -37.56
N TYR A 166 -20.99 2.91 -36.35
CA TYR A 166 -20.05 2.57 -35.29
C TYR A 166 -18.59 2.76 -35.65
N LYS A 167 -18.31 3.43 -36.78
CA LYS A 167 -16.95 3.84 -37.11
C LYS A 167 -16.43 4.81 -36.05
N TRP A 168 -17.30 5.69 -35.57
CA TRP A 168 -16.93 6.74 -34.65
C TRP A 168 -17.36 6.34 -33.24
N ASP A 169 -16.53 6.67 -32.26
CA ASP A 169 -16.74 6.28 -30.88
C ASP A 169 -17.36 7.38 -30.03
N GLY A 170 -17.31 8.62 -30.49
CA GLY A 170 -17.78 9.77 -29.74
C GLY A 170 -16.73 10.84 -29.50
N LEU A 171 -15.46 10.58 -29.80
CA LEU A 171 -14.39 11.50 -29.43
C LEU A 171 -14.04 12.39 -30.62
N ARG A 172 -13.79 13.68 -30.34
CA ARG A 172 -13.37 14.61 -31.41
C ARG A 172 -12.17 14.06 -32.17
N ASP A 173 -11.22 13.43 -31.48
CA ASP A 173 -9.98 13.02 -32.10
C ASP A 173 -10.08 11.69 -32.85
N HIS A 174 -11.23 11.01 -32.79
CA HIS A 174 -11.34 9.64 -33.32
C HIS A 174 -12.23 9.54 -34.55
N THR A 175 -12.31 10.59 -35.35
CA THR A 175 -13.02 10.55 -36.62
C THR A 175 -12.16 11.20 -37.69
N ASP A 176 -12.42 10.86 -38.94
CA ASP A 176 -11.71 11.54 -40.02
C ASP A 176 -12.42 12.80 -40.51
N ILE A 177 -13.73 12.91 -40.25
CA ILE A 177 -14.43 14.15 -40.49
C ILE A 177 -13.80 15.24 -39.64
N ALA A 178 -13.26 16.26 -40.30
CA ALA A 178 -12.76 17.42 -39.59
C ALA A 178 -13.94 18.17 -38.98
N ILE A 179 -13.75 18.68 -37.76
CA ILE A 179 -14.77 19.46 -37.08
C ILE A 179 -14.17 20.76 -36.59
N ASP A 180 -14.98 21.82 -36.65
CA ASP A 180 -14.58 23.16 -36.29
C ASP A 180 -14.51 23.33 -34.76
N ASP A 181 -13.72 24.29 -34.33
CA ASP A 181 -13.70 24.62 -32.90
C ASP A 181 -15.08 25.04 -32.43
N ASP A 182 -15.73 25.94 -33.15
CA ASP A 182 -17.07 26.35 -32.76
C ASP A 182 -18.07 25.22 -32.90
N LEU A 183 -17.99 24.46 -33.99
CA LEU A 183 -18.88 23.33 -34.17
C LEU A 183 -18.67 22.27 -33.09
N TRP A 184 -17.43 22.08 -32.63
CA TRP A 184 -17.26 21.17 -31.51
C TRP A 184 -17.88 21.75 -30.25
N ARG A 185 -17.77 23.07 -30.05
CA ARG A 185 -18.43 23.67 -28.89
C ARG A 185 -19.92 23.38 -28.90
N ARG A 186 -20.54 23.38 -30.10
CA ARG A 186 -21.96 23.06 -30.25
C ARG A 186 -22.22 21.58 -29.99
N LEU A 187 -21.39 20.72 -30.57
CA LEU A 187 -21.66 19.30 -30.56
C LEU A 187 -21.52 18.71 -29.16
N SER A 188 -20.77 19.35 -28.29
CA SER A 188 -20.33 18.74 -27.02
C SER A 188 -20.78 19.59 -25.83
N THR A 189 -22.04 19.42 -25.44
CA THR A 189 -22.60 19.99 -24.21
C THR A 189 -22.28 21.47 -23.98
N GLU A 204 -25.29 5.80 -21.27
CA GLU A 204 -26.10 5.74 -22.48
C GLU A 204 -25.40 6.43 -23.66
N CYS A 205 -24.92 7.62 -23.42
CA CYS A 205 -24.22 8.41 -24.43
C CYS A 205 -22.74 8.03 -24.46
N PRO A 206 -22.07 8.25 -25.61
CA PRO A 206 -20.70 7.74 -25.80
C PRO A 206 -19.74 7.96 -24.64
N PHE A 207 -19.93 9.06 -23.90
CA PHE A 207 -19.06 9.36 -22.76
C PHE A 207 -19.22 8.32 -21.65
N PHE A 208 -20.44 7.85 -21.41
CA PHE A 208 -20.64 6.86 -20.37
C PHE A 208 -20.29 5.47 -20.82
N VAL A 209 -20.51 5.13 -22.10
CA VAL A 209 -20.09 3.82 -22.56
C VAL A 209 -18.57 3.76 -22.65
N ALA A 210 -17.92 4.91 -22.84
CA ALA A 210 -16.46 4.95 -22.81
C ALA A 210 -15.97 4.83 -21.38
N ARG A 211 -16.55 5.61 -20.46
CA ARG A 211 -16.10 5.55 -19.08
C ARG A 211 -16.46 4.23 -18.39
N ARG A 212 -17.42 3.48 -18.91
CA ARG A 212 -17.80 2.23 -18.25
C ARG A 212 -16.66 1.22 -18.37
N GLU A 213 -15.85 1.35 -19.42
CA GLU A 213 -14.85 0.32 -19.69
C GLU A 213 -13.68 0.40 -18.72
N ILE A 214 -13.58 1.50 -17.96
CA ILE A 214 -12.48 1.67 -17.02
C ILE A 214 -12.51 0.57 -15.98
N GLN A 215 -13.71 0.19 -15.53
CA GLN A 215 -13.80 -0.66 -14.35
C GLN A 215 -13.21 -2.03 -14.62
N GLU A 216 -13.40 -2.53 -15.84
CA GLU A 216 -13.00 -3.87 -16.22
C GLU A 216 -11.71 -3.89 -17.02
N ALA A 217 -11.13 -2.73 -17.31
CA ALA A 217 -9.89 -2.68 -18.07
C ALA A 217 -8.70 -2.90 -17.14
N GLU A 218 -7.70 -3.65 -17.63
CA GLU A 218 -6.45 -3.85 -16.91
C GLU A 218 -5.49 -2.68 -17.12
N VAL A 219 -5.55 -2.04 -18.29
CA VAL A 219 -4.72 -0.89 -18.60
C VAL A 219 -5.64 0.24 -19.05
N VAL A 220 -5.58 1.38 -18.37
CA VAL A 220 -6.33 2.58 -18.75
C VAL A 220 -5.32 3.63 -19.22
N VAL A 221 -5.48 4.10 -20.46
CA VAL A 221 -4.59 5.11 -21.02
C VAL A 221 -5.26 6.47 -20.89
N ALA A 222 -4.71 7.30 -20.02
CA ALA A 222 -5.23 8.61 -19.68
C ALA A 222 -4.20 9.68 -20.04
N ASN A 223 -4.58 10.94 -19.81
CA ASN A 223 -3.65 12.05 -19.86
C ASN A 223 -3.56 12.70 -18.47
N HIS A 224 -2.54 13.54 -18.30
CA HIS A 224 -2.24 14.10 -16.98
C HIS A 224 -3.36 14.99 -16.46
N ALA A 225 -3.93 15.83 -17.32
CA ALA A 225 -5.06 16.65 -16.92
C ALA A 225 -6.18 15.77 -16.37
N LEU A 226 -6.49 14.68 -17.07
CA LEU A 226 -7.56 13.81 -16.63
C LEU A 226 -7.17 13.06 -15.35
N VAL A 227 -5.88 12.78 -15.15
CA VAL A 227 -5.48 12.14 -13.90
C VAL A 227 -5.62 13.11 -12.73
N MET A 228 -5.25 14.38 -12.95
CA MET A 228 -5.39 15.40 -11.91
C MET A 228 -6.85 15.57 -11.52
N ALA A 229 -7.68 15.86 -12.52
CA ALA A 229 -9.12 15.92 -12.28
C ALA A 229 -9.63 14.65 -11.61
N ALA A 230 -9.05 13.49 -11.96
CA ALA A 230 -9.55 12.24 -11.40
C ALA A 230 -9.19 12.12 -9.93
N MET A 231 -8.00 12.58 -9.56
CA MET A 231 -7.61 12.51 -8.16
C MET A 231 -8.45 13.48 -7.33
N GLU A 232 -8.84 14.61 -7.90
CA GLU A 232 -9.59 15.58 -7.11
C GLU A 232 -11.08 15.25 -7.11
N SER A 233 -11.63 14.85 -8.25
CA SER A 233 -13.01 14.37 -8.33
C SER A 233 -13.19 13.05 -7.58
N GLU A 234 -12.23 12.15 -7.67
CA GLU A 234 -12.33 10.79 -7.14
C GLU A 234 -13.51 10.04 -7.73
N ALA A 235 -14.01 10.45 -8.89
CA ALA A 235 -15.09 9.68 -9.49
C ALA A 235 -14.80 9.00 -10.84
N VAL A 236 -13.65 9.22 -11.47
CA VAL A 236 -13.43 8.65 -12.80
C VAL A 236 -12.56 7.40 -12.78
N LEU A 237 -11.48 7.40 -11.97
CA LEU A 237 -10.65 6.18 -11.90
C LEU A 237 -10.99 5.31 -10.68
N PRO A 238 -10.53 4.01 -10.65
CA PRO A 238 -10.72 3.20 -9.43
C PRO A 238 -9.99 3.77 -8.25
N ASP A 239 -10.20 3.15 -7.09
CA ASP A 239 -9.65 3.68 -5.85
C ASP A 239 -8.13 3.80 -5.97
N PRO A 240 -7.54 4.89 -5.50
CA PRO A 240 -6.09 5.04 -5.61
C PRO A 240 -5.31 3.86 -5.07
N LYS A 241 -5.76 3.25 -3.96
CA LYS A 241 -5.02 2.13 -3.40
C LYS A 241 -5.00 0.95 -4.37
N ASN A 242 -5.97 0.88 -5.28
CA ASN A 242 -6.04 -0.19 -6.26
C ASN A 242 -5.44 0.22 -7.60
N LEU A 243 -4.57 1.22 -7.60
CA LEU A 243 -4.05 1.78 -8.84
C LEU A 243 -2.55 1.55 -8.93
N LEU A 244 -2.11 1.10 -10.08
CA LEU A 244 -0.72 1.25 -10.53
C LEU A 244 -0.72 2.37 -11.55
N LEU A 245 0.13 3.37 -11.32
CA LEU A 245 0.16 4.58 -12.14
C LEU A 245 1.55 4.79 -12.74
N VAL A 246 1.58 4.97 -14.06
CA VAL A 246 2.79 5.39 -14.78
C VAL A 246 2.52 6.76 -15.40
N LEU A 247 3.35 7.74 -15.04
CA LEU A 247 3.32 9.09 -15.63
C LEU A 247 4.36 9.17 -16.73
N ASP A 248 3.98 8.72 -17.92
CA ASP A 248 4.81 8.87 -19.10
C ASP A 248 4.87 10.36 -19.48
N GLU A 249 5.97 10.75 -20.14
CA GLU A 249 6.32 12.16 -20.35
C GLU A 249 6.09 12.95 -19.07
N GLY A 250 6.61 12.42 -17.97
CA GLY A 250 6.32 12.93 -16.64
C GLY A 250 6.76 14.35 -16.40
N HIS A 251 7.67 14.87 -17.21
CA HIS A 251 8.20 16.20 -16.96
C HIS A 251 7.15 17.29 -17.10
N HIS A 252 5.97 16.95 -17.61
CA HIS A 252 4.87 17.91 -17.72
C HIS A 252 3.99 17.93 -16.49
N LEU A 253 4.20 17.05 -15.51
CA LEU A 253 3.25 16.94 -14.41
C LEU A 253 3.14 18.23 -13.60
N PRO A 254 4.22 18.88 -13.13
CA PRO A 254 4.03 20.12 -12.36
C PRO A 254 3.18 21.14 -13.09
N ASP A 255 3.52 21.45 -14.34
CA ASP A 255 2.76 22.42 -15.10
C ASP A 255 1.28 22.05 -15.15
N VAL A 256 0.98 20.84 -15.63
CA VAL A 256 -0.41 20.39 -15.64
C VAL A 256 -1.03 20.53 -14.25
N ALA A 257 -0.28 20.13 -13.22
CA ALA A 257 -0.81 20.22 -11.86
C ALA A 257 -1.14 21.67 -11.53
N ARG A 258 -0.21 22.57 -11.82
CA ARG A 258 -0.45 23.99 -11.62
C ARG A 258 -1.71 24.43 -12.36
N ASP A 259 -1.89 23.97 -13.61
CA ASP A 259 -3.08 24.35 -14.37
C ASP A 259 -4.34 23.70 -13.83
N ALA A 260 -4.22 22.51 -13.27
CA ALA A 260 -5.40 21.84 -12.75
C ALA A 260 -5.88 22.50 -11.48
N LEU A 261 -4.95 23.05 -10.70
CA LEU A 261 -5.25 23.60 -9.40
C LEU A 261 -5.51 25.10 -9.45
N GLU A 262 -5.53 25.70 -10.64
CA GLU A 262 -5.98 27.08 -10.76
C GLU A 262 -7.45 27.19 -10.42
N MET A 263 -7.80 28.23 -9.67
CA MET A 263 -9.18 28.48 -9.26
C MET A 263 -9.67 29.81 -9.81
N SER A 264 -10.91 29.81 -10.29
CA SER A 264 -11.54 31.01 -10.80
C SER A 264 -13.00 30.98 -10.41
N ALA A 265 -13.52 32.13 -9.97
CA ALA A 265 -14.95 32.20 -9.73
C ALA A 265 -15.44 33.61 -10.01
N GLU A 266 -16.69 33.70 -10.45
CA GLU A 266 -17.33 35.00 -10.60
C GLU A 266 -17.64 35.58 -9.23
N ILE A 267 -17.56 36.91 -9.14
CA ILE A 267 -17.85 37.57 -7.87
C ILE A 267 -18.74 38.79 -8.09
N THR A 268 -19.30 38.93 -9.30
CA THR A 268 -20.14 40.08 -9.64
C THR A 268 -21.30 40.20 -8.65
N ALA A 269 -21.38 41.36 -7.99
CA ALA A 269 -22.24 41.48 -6.81
C ALA A 269 -23.71 41.21 -7.07
N PRO A 270 -24.35 41.73 -8.14
CA PRO A 270 -25.77 41.40 -8.32
C PRO A 270 -26.01 39.93 -8.57
N TRP A 271 -25.19 39.33 -9.44
CA TRP A 271 -25.24 37.89 -9.65
C TRP A 271 -25.06 37.14 -8.34
N TYR A 272 -24.11 37.59 -7.51
CA TYR A 272 -23.83 36.88 -6.27
C TYR A 272 -25.02 36.95 -5.33
N ARG A 273 -25.62 38.13 -5.20
CA ARG A 273 -26.83 38.28 -4.39
C ARG A 273 -27.94 37.38 -4.88
N LEU A 274 -28.11 37.26 -6.21
CA LEU A 274 -29.14 36.37 -6.71
C LEU A 274 -28.84 34.92 -6.36
N GLN A 275 -27.57 34.53 -6.46
CA GLN A 275 -27.20 33.16 -6.08
C GLN A 275 -27.56 32.89 -4.62
N LEU A 276 -27.25 33.84 -3.73
CA LEU A 276 -27.55 33.67 -2.31
C LEU A 276 -29.06 33.66 -2.04
N ASP A 277 -29.82 34.53 -2.74
CA ASP A 277 -31.28 34.49 -2.62
C ASP A 277 -31.81 33.11 -2.99
N LEU A 278 -31.39 32.60 -4.14
CA LEU A 278 -31.88 31.30 -4.57
C LEU A 278 -31.51 30.24 -3.55
N PHE A 279 -30.28 30.30 -3.03
CA PHE A 279 -29.86 29.25 -2.11
C PHE A 279 -30.67 29.28 -0.83
N THR A 280 -30.96 30.48 -0.32
CA THR A 280 -31.85 30.59 0.83
C THR A 280 -33.20 29.95 0.55
N LYS A 281 -33.79 30.32 -0.57
CA LYS A 281 -35.08 29.84 -0.94
C LYS A 281 -35.07 28.32 -1.07
N LEU A 282 -33.96 27.79 -1.55
CA LEU A 282 -33.82 26.37 -1.81
C LEU A 282 -33.66 25.59 -0.52
N VAL A 283 -32.86 26.11 0.42
CA VAL A 283 -32.72 25.48 1.73
C VAL A 283 -34.08 25.41 2.43
N ALA A 284 -34.81 26.53 2.42
CA ALA A 284 -36.10 26.56 3.08
C ALA A 284 -37.05 25.54 2.46
N THR A 285 -37.05 25.43 1.13
CA THR A 285 -38.02 24.51 0.55
C THR A 285 -37.63 23.07 0.84
N CYS A 286 -36.33 22.77 0.90
CA CYS A 286 -35.91 21.44 1.33
C CYS A 286 -36.42 21.15 2.72
N MET A 287 -36.28 22.12 3.63
CA MET A 287 -36.80 21.93 4.97
C MET A 287 -38.30 21.64 4.96
N GLU A 288 -39.09 22.43 4.23
CA GLU A 288 -40.53 22.25 4.37
C GLU A 288 -41.01 20.98 3.67
N GLN A 289 -40.36 20.58 2.59
CA GLN A 289 -40.84 19.43 1.84
C GLN A 289 -40.20 18.11 2.25
N PHE A 290 -38.93 18.09 2.69
CA PHE A 290 -38.22 16.86 2.99
C PHE A 290 -37.36 17.11 4.22
N ARG A 291 -38.03 17.36 5.34
CA ARG A 291 -37.34 17.85 6.52
C ARG A 291 -36.32 16.83 7.02
N PRO A 292 -35.11 17.25 7.37
CA PRO A 292 -34.15 16.36 7.99
C PRO A 292 -34.52 16.08 9.45
N LYS A 293 -33.91 15.02 9.99
CA LYS A 293 -34.15 14.64 11.39
C LYS A 293 -33.64 15.70 12.35
N THR A 294 -32.36 16.04 12.23
CA THR A 294 -31.80 17.16 12.94
C THR A 294 -31.63 18.33 11.98
N ILE A 295 -32.12 19.48 12.39
CA ILE A 295 -32.08 20.70 11.57
C ILE A 295 -30.70 21.33 11.73
N PRO A 296 -29.99 21.61 10.64
CA PRO A 296 -28.74 22.34 10.74
C PRO A 296 -28.98 23.73 11.31
N PRO A 297 -28.21 24.14 12.31
CA PRO A 297 -28.34 25.52 12.80
C PRO A 297 -28.31 26.56 11.70
N LEU A 298 -27.39 26.42 10.73
CA LEU A 298 -27.29 27.34 9.62
C LEU A 298 -28.52 27.31 8.72
N ALA A 299 -29.38 26.29 8.84
CA ALA A 299 -30.57 26.24 8.03
C ALA A 299 -31.73 27.05 8.59
N ILE A 300 -31.57 27.58 9.79
CA ILE A 300 -32.64 28.39 10.38
C ILE A 300 -32.67 29.74 9.66
N PRO A 301 -33.85 30.19 9.20
CA PRO A 301 -33.90 31.33 8.26
C PRO A 301 -33.21 32.60 8.74
N GLU A 302 -33.44 33.00 9.98
CA GLU A 302 -32.77 34.19 10.51
C GLU A 302 -31.26 34.03 10.49
N ARG A 303 -30.80 32.83 10.89
CA ARG A 303 -29.38 32.55 10.84
C ARG A 303 -28.87 32.52 9.40
N LEU A 304 -29.59 31.82 8.51
CA LEU A 304 -29.09 31.66 7.16
C LEU A 304 -29.01 33.00 6.43
N ASN A 305 -30.01 33.88 6.57
CA ASN A 305 -29.83 35.09 5.79
C ASN A 305 -29.04 36.15 6.54
N ALA A 306 -28.86 36.03 7.86
CA ALA A 306 -27.79 36.81 8.48
C ALA A 306 -26.44 36.45 7.85
N HIS A 307 -26.16 35.15 7.73
CA HIS A 307 -24.97 34.64 7.07
C HIS A 307 -24.84 35.15 5.64
N CYS A 308 -25.92 35.04 4.85
CA CYS A 308 -25.86 35.43 3.45
C CYS A 308 -25.70 36.94 3.31
N GLU A 309 -26.31 37.71 4.21
CA GLU A 309 -26.15 39.17 4.15
C GLU A 309 -24.71 39.58 4.42
N GLU A 310 -24.07 38.97 5.42
CA GLU A 310 -22.65 39.29 5.65
C GLU A 310 -21.82 38.91 4.43
N LEU A 311 -22.02 37.70 3.91
CA LEU A 311 -21.24 37.27 2.75
C LEU A 311 -21.47 38.20 1.56
N TYR A 312 -22.73 38.63 1.34
CA TYR A 312 -22.99 39.52 0.22
C TYR A 312 -22.28 40.84 0.41
N GLU A 313 -22.34 41.41 1.62
CA GLU A 313 -21.73 42.73 1.80
C GLU A 313 -20.22 42.66 1.59
N LEU A 314 -19.61 41.55 2.01
CA LEU A 314 -18.19 41.34 1.71
C LEU A 314 -17.93 41.29 0.22
N ILE A 315 -18.82 40.62 -0.53
CA ILE A 315 -18.64 40.54 -1.97
C ILE A 315 -18.81 41.91 -2.61
N ALA A 316 -19.78 42.70 -2.16
CA ALA A 316 -19.99 44.03 -2.69
C ALA A 316 -18.77 44.91 -2.46
N SER A 317 -18.23 44.92 -1.25
CA SER A 317 -17.02 45.72 -1.01
C SER A 317 -15.87 45.25 -1.88
N LEU A 318 -15.67 43.94 -2.01
CA LEU A 318 -14.60 43.47 -2.89
C LEU A 318 -14.84 43.90 -4.34
N ASN A 319 -16.10 43.94 -4.80
CA ASN A 319 -16.40 44.49 -6.12
C ASN A 319 -15.95 45.95 -6.21
N ASN A 320 -16.32 46.77 -5.23
CA ASN A 320 -15.92 48.17 -5.27
C ASN A 320 -14.41 48.31 -5.33
N ILE A 321 -13.70 47.61 -4.45
CA ILE A 321 -12.25 47.72 -4.35
C ILE A 321 -11.58 47.27 -5.66
N LEU A 322 -11.98 46.11 -6.18
CA LEU A 322 -11.34 45.61 -7.39
C LEU A 322 -11.66 46.50 -8.59
N ASN A 323 -12.90 47.01 -8.65
CA ASN A 323 -13.31 47.89 -9.73
C ASN A 323 -12.50 49.19 -9.73
N LEU A 324 -12.11 49.70 -8.56
CA LEU A 324 -11.23 50.85 -8.59
C LEU A 324 -9.91 50.58 -9.32
N TYR A 325 -9.51 49.31 -9.49
CA TYR A 325 -8.28 49.02 -10.24
C TYR A 325 -8.49 49.07 -11.74
N MET A 326 -9.71 48.87 -12.19
CA MET A 326 -9.84 48.64 -13.61
C MET A 326 -10.71 49.72 -14.29
N PRO A 327 -10.41 50.05 -15.56
CA PRO A 327 -11.18 51.09 -16.26
C PRO A 327 -12.67 50.81 -16.37
N ALA A 328 -13.49 51.60 -15.67
CA ALA A 328 -14.94 51.42 -15.61
C ALA A 328 -15.55 51.12 -16.97
N GLY A 329 -16.27 50.00 -17.05
CA GLY A 329 -17.05 49.76 -18.24
C GLY A 329 -16.31 49.15 -19.41
N GLN A 330 -15.11 48.63 -19.19
CA GLN A 330 -14.35 47.95 -20.23
C GLN A 330 -13.80 46.63 -19.68
N GLU A 331 -13.53 45.70 -20.59
CA GLU A 331 -12.82 44.48 -20.22
C GLU A 331 -11.46 44.86 -19.67
N ALA A 332 -11.07 44.20 -18.58
CA ALA A 332 -9.88 44.65 -17.87
C ALA A 332 -9.33 43.50 -17.03
N GLU A 333 -8.18 43.77 -16.41
CA GLU A 333 -7.50 42.81 -15.55
C GLU A 333 -6.63 43.57 -14.56
N HIS A 334 -6.41 42.97 -13.39
CA HIS A 334 -5.46 43.50 -12.42
C HIS A 334 -4.79 42.34 -11.70
N ARG A 335 -3.46 42.30 -11.76
CA ARG A 335 -2.67 41.27 -11.11
C ARG A 335 -1.98 41.87 -9.90
N PHE A 336 -2.09 41.21 -8.77
CA PHE A 336 -1.38 41.66 -7.59
C PHE A 336 0.05 41.14 -7.66
N ALA A 337 1.00 42.07 -7.58
CA ALA A 337 2.41 41.72 -7.64
C ALA A 337 2.78 40.84 -6.46
N MET A 338 3.64 39.85 -6.73
CA MET A 338 4.15 38.92 -5.73
C MET A 338 3.03 38.16 -5.01
N GLY A 339 1.82 38.17 -5.57
CA GLY A 339 0.66 37.59 -4.91
C GLY A 339 0.39 38.17 -3.53
N GLU A 340 0.79 39.42 -3.30
CA GLU A 340 0.56 40.10 -2.03
C GLU A 340 -0.71 40.94 -2.16
N LEU A 341 -1.68 40.62 -1.38
CA LEU A 341 -2.89 41.43 -1.40
C LEU A 341 -2.77 42.59 -0.43
N PRO A 342 -3.40 43.73 -0.71
CA PRO A 342 -3.57 44.76 0.31
C PRO A 342 -4.32 44.20 1.51
N ASP A 343 -4.02 44.74 2.70
CA ASP A 343 -4.53 44.15 3.94
C ASP A 343 -6.05 44.05 3.94
N GLU A 344 -6.73 45.10 3.47
CA GLU A 344 -8.20 45.08 3.42
C GLU A 344 -8.72 43.91 2.57
N VAL A 345 -8.11 43.71 1.39
CA VAL A 345 -8.54 42.65 0.49
C VAL A 345 -8.28 41.27 1.10
N LEU A 346 -7.14 41.10 1.78
CA LEU A 346 -6.85 39.83 2.42
C LEU A 346 -7.85 39.54 3.53
N GLU A 347 -8.14 40.54 4.37
CA GLU A 347 -9.14 40.40 5.41
C GLU A 347 -10.47 39.91 4.82
N ILE A 348 -10.95 40.62 3.80
CA ILE A 348 -12.17 40.21 3.11
C ILE A 348 -12.06 38.75 2.67
N CYS A 349 -10.94 38.39 2.02
CA CYS A 349 -10.81 37.02 1.51
C CYS A 349 -10.92 35.99 2.62
N GLN A 350 -10.24 36.24 3.75
CA GLN A 350 -10.27 35.27 4.84
C GLN A 350 -11.70 35.04 5.33
N ARG A 351 -12.47 36.12 5.48
CA ARG A 351 -13.86 35.95 5.92
C ARG A 351 -14.70 35.25 4.86
N LEU A 352 -14.50 35.58 3.58
CA LEU A 352 -15.22 34.90 2.51
C LEU A 352 -14.93 33.41 2.51
N ALA A 353 -13.67 33.03 2.74
CA ALA A 353 -13.33 31.62 2.87
C ALA A 353 -14.17 30.97 3.96
N LYS A 354 -14.25 31.62 5.12
CA LYS A 354 -15.12 31.08 6.16
C LYS A 354 -16.54 30.90 5.66
N LEU A 355 -17.15 31.97 5.16
CA LEU A 355 -18.59 31.97 4.92
C LEU A 355 -18.99 31.08 3.77
N THR A 356 -18.17 31.05 2.71
CA THR A 356 -18.51 30.18 1.61
C THR A 356 -18.23 28.73 1.94
N GLU A 357 -17.24 28.45 2.81
CA GLU A 357 -17.04 27.06 3.21
C GLU A 357 -18.23 26.55 4.00
N MET A 358 -18.76 27.39 4.90
CA MET A 358 -19.92 27.01 5.70
C MET A 358 -21.14 26.76 4.81
N LEU A 359 -21.41 27.68 3.87
CA LEU A 359 -22.51 27.44 2.94
C LEU A 359 -22.29 26.18 2.12
N ARG A 360 -21.06 25.95 1.65
CA ARG A 360 -20.76 24.70 0.96
C ARG A 360 -21.10 23.50 1.82
N GLY A 361 -20.74 23.53 3.10
CA GLY A 361 -21.02 22.37 3.96
C GLY A 361 -22.50 22.16 4.15
N LEU A 362 -23.26 23.26 4.29
CA LEU A 362 -24.72 23.15 4.38
C LEU A 362 -25.29 22.53 3.12
N ALA A 363 -24.84 22.99 1.96
CA ALA A 363 -25.34 22.44 0.71
C ALA A 363 -25.02 20.97 0.60
N GLU A 364 -23.77 20.59 0.92
CA GLU A 364 -23.42 19.18 0.86
C GLU A 364 -24.31 18.35 1.75
N LEU A 365 -24.60 18.86 2.96
CA LEU A 365 -25.43 18.13 3.90
C LEU A 365 -26.82 17.88 3.33
N PHE A 366 -27.45 18.94 2.80
CA PHE A 366 -28.79 18.76 2.23
C PHE A 366 -28.75 17.83 1.03
N LEU A 367 -27.72 17.94 0.20
CA LEU A 367 -27.60 17.04 -0.93
C LEU A 367 -27.59 15.60 -0.47
N ASN A 368 -26.75 15.27 0.52
CA ASN A 368 -26.69 13.90 1.01
C ASN A 368 -28.03 13.45 1.57
N ASP A 369 -28.71 14.33 2.32
CA ASP A 369 -29.99 13.93 2.89
C ASP A 369 -30.99 13.60 1.79
N LEU A 370 -31.26 14.57 0.91
CA LEU A 370 -32.17 14.37 -0.21
C LEU A 370 -31.82 13.11 -0.98
N SER A 371 -30.53 12.94 -1.30
CA SER A 371 -30.12 11.83 -2.15
C SER A 371 -30.33 10.49 -1.47
N GLU A 372 -30.04 10.41 -0.17
CA GLU A 372 -30.39 9.19 0.56
C GLU A 372 -31.88 8.90 0.51
N LYS A 373 -32.73 9.94 0.52
CA LYS A 373 -34.18 9.68 0.51
C LYS A 373 -34.63 8.79 -0.65
N THR A 374 -33.87 8.75 -1.74
CA THR A 374 -34.23 7.95 -2.92
C THR A 374 -34.48 6.47 -2.61
N ASP A 378 -41.55 11.31 -3.00
CA ASP A 378 -41.91 12.12 -4.17
C ASP A 378 -40.73 12.19 -5.16
N ILE A 379 -40.64 11.18 -6.01
CA ILE A 379 -39.37 10.88 -6.70
C ILE A 379 -38.97 12.01 -7.67
N VAL A 380 -39.92 12.47 -8.49
CA VAL A 380 -39.58 13.49 -9.48
C VAL A 380 -39.25 14.82 -8.81
N ARG A 381 -40.15 15.29 -7.93
CA ARG A 381 -39.91 16.50 -7.13
C ARG A 381 -38.55 16.43 -6.43
N LEU A 382 -38.23 15.26 -5.88
CA LEU A 382 -36.98 15.08 -5.17
C LEU A 382 -35.80 15.16 -6.12
N HIS A 383 -35.95 14.62 -7.33
CA HIS A 383 -34.87 14.66 -8.30
C HIS A 383 -34.57 16.10 -8.70
N ARG A 384 -35.61 16.91 -8.90
CA ARG A 384 -35.41 18.32 -9.21
C ARG A 384 -34.64 19.00 -8.09
N LEU A 385 -35.09 18.81 -6.84
CA LEU A 385 -34.38 19.45 -5.74
C LEU A 385 -32.94 18.95 -5.62
N ILE A 386 -32.69 17.68 -5.97
CA ILE A 386 -31.34 17.15 -5.88
C ILE A 386 -30.44 17.83 -6.90
N LEU A 387 -30.92 17.97 -8.14
CA LEU A 387 -30.12 18.68 -9.15
C LEU A 387 -29.85 20.13 -8.73
N GLN A 388 -30.87 20.83 -8.23
CA GLN A 388 -30.66 22.21 -7.82
C GLN A 388 -29.64 22.29 -6.70
N MET A 389 -29.76 21.43 -5.69
CA MET A 389 -28.84 21.48 -4.58
C MET A 389 -27.44 21.11 -5.01
N ASN A 390 -27.33 20.23 -6.01
CA ASN A 390 -26.04 19.89 -6.58
C ASN A 390 -25.40 21.11 -7.25
N ARG A 391 -26.20 21.88 -7.97
CA ARG A 391 -25.65 23.06 -8.65
C ARG A 391 -25.17 24.09 -7.63
N ALA A 392 -25.98 24.35 -6.59
CA ALA A 392 -25.56 25.25 -5.52
C ALA A 392 -24.29 24.73 -4.82
N LEU A 393 -24.24 23.43 -4.56
CA LEU A 393 -23.05 22.85 -3.95
C LEU A 393 -21.82 23.09 -4.81
N GLY A 394 -21.94 22.88 -6.13
CA GLY A 394 -20.80 23.13 -6.99
C GLY A 394 -20.32 24.56 -6.89
N MET A 395 -21.26 25.51 -6.95
CA MET A 395 -20.89 26.92 -6.87
C MET A 395 -20.17 27.25 -5.55
N PHE A 396 -20.68 26.75 -4.41
CA PHE A 396 -19.99 27.05 -3.16
C PHE A 396 -18.66 26.30 -3.05
N GLU A 397 -18.54 25.10 -3.64
CA GLU A 397 -17.24 24.43 -3.69
C GLU A 397 -16.21 25.31 -4.38
N ALA A 398 -16.55 25.78 -5.58
CA ALA A 398 -15.63 26.67 -6.27
C ALA A 398 -15.26 27.87 -5.40
N GLN A 399 -16.28 28.56 -4.88
CA GLN A 399 -16.02 29.72 -4.02
C GLN A 399 -15.03 29.38 -2.92
N SER A 400 -15.32 28.34 -2.15
CA SER A 400 -14.49 27.96 -1.01
C SER A 400 -13.03 27.72 -1.44
N LYS A 401 -12.81 26.93 -2.50
CA LYS A 401 -11.45 26.72 -2.95
C LYS A 401 -10.77 28.05 -3.30
N LEU A 402 -11.49 28.91 -4.02
CA LEU A 402 -10.94 30.19 -4.44
C LEU A 402 -10.49 31.03 -3.24
N TRP A 403 -11.40 31.28 -2.28
CA TRP A 403 -11.06 32.17 -1.18
C TRP A 403 -10.01 31.55 -0.26
N ARG A 404 -10.08 30.24 -0.04
CA ARG A 404 -9.02 29.63 0.75
C ARG A 404 -7.67 29.81 0.07
N LEU A 405 -7.64 29.81 -1.27
CA LEU A 405 -6.38 30.04 -1.96
C LEU A 405 -5.96 31.50 -1.90
N ALA A 406 -6.89 32.44 -2.06
CA ALA A 406 -6.55 33.85 -1.98
C ALA A 406 -6.05 34.22 -0.59
N SER A 407 -6.43 33.46 0.43
CA SER A 407 -6.02 33.80 1.78
C SER A 407 -4.61 33.34 2.10
N LEU A 408 -4.07 32.38 1.34
CA LEU A 408 -2.71 31.90 1.59
C LEU A 408 -1.69 32.99 1.25
N ALA A 409 -0.71 33.15 2.13
CA ALA A 409 0.46 33.96 1.79
C ALA A 409 1.50 33.16 1.03
N GLN A 410 1.53 31.84 1.24
CA GLN A 410 2.44 30.99 0.50
C GLN A 410 1.84 29.60 0.40
N SER A 411 2.30 28.86 -0.60
CA SER A 411 1.86 27.49 -0.81
C SER A 411 3.02 26.79 -1.48
N SER A 412 3.50 25.72 -0.85
CA SER A 412 4.71 25.01 -1.29
C SER A 412 5.88 25.97 -1.43
N GLY A 413 6.01 26.89 -0.48
CA GLY A 413 7.20 27.72 -0.44
C GLY A 413 7.24 28.82 -1.45
N ALA A 414 6.10 29.17 -2.04
CA ALA A 414 6.04 30.20 -3.07
C ALA A 414 4.76 31.00 -2.88
N PRO A 415 4.70 32.21 -3.42
CA PRO A 415 3.45 32.98 -3.38
C PRO A 415 2.38 32.31 -4.23
N VAL A 416 1.16 32.81 -4.05
CA VAL A 416 -0.01 32.43 -4.83
C VAL A 416 -0.34 33.60 -5.75
N THR A 417 -0.27 33.36 -7.06
CA THR A 417 -0.72 34.32 -8.05
C THR A 417 -2.19 34.66 -7.82
N LYS A 418 -2.50 35.96 -7.84
CA LYS A 418 -3.85 36.47 -7.57
C LYS A 418 -4.18 37.59 -8.52
N TRP A 419 -5.29 37.45 -9.25
CA TRP A 419 -5.67 38.54 -10.15
C TRP A 419 -7.14 38.48 -10.44
N ALA A 420 -7.68 39.62 -10.87
CA ALA A 420 -9.09 39.76 -11.18
C ALA A 420 -9.25 40.18 -12.63
N THR A 421 -10.34 39.73 -13.25
CA THR A 421 -10.65 40.14 -14.61
C THR A 421 -12.08 40.65 -14.65
N ARG A 422 -12.33 41.58 -15.57
CA ARG A 422 -13.70 41.99 -15.94
C ARG A 422 -13.86 41.63 -17.40
N GLU A 423 -14.66 40.60 -17.69
CA GLU A 423 -14.77 40.07 -19.05
C GLU A 423 -16.22 40.04 -19.51
N GLU A 424 -16.43 40.02 -20.83
CA GLU A 424 -17.76 40.17 -21.42
C GLU A 424 -18.41 38.83 -21.75
N ARG A 425 -19.70 38.72 -21.43
CA ARG A 425 -20.60 37.67 -21.89
C ARG A 425 -21.98 38.29 -22.11
N GLU A 426 -22.56 38.07 -23.30
CA GLU A 426 -23.91 38.55 -23.63
C GLU A 426 -24.04 40.07 -23.46
N GLY A 427 -22.98 40.79 -23.76
CA GLY A 427 -23.01 42.23 -23.60
C GLY A 427 -23.00 42.71 -22.17
N GLN A 428 -22.78 41.82 -21.22
CA GLN A 428 -22.63 42.19 -19.82
C GLN A 428 -21.21 41.87 -19.36
N LEU A 429 -20.67 42.77 -18.53
CA LEU A 429 -19.39 42.53 -17.89
C LEU A 429 -19.60 41.70 -16.63
N HIS A 430 -18.72 40.74 -16.42
CA HIS A 430 -18.71 39.93 -15.22
C HIS A 430 -17.33 40.05 -14.59
N LEU A 431 -17.33 40.19 -13.26
CA LEU A 431 -16.13 40.34 -12.47
C LEU A 431 -15.72 38.97 -11.93
N TRP A 432 -14.49 38.56 -12.23
CA TRP A 432 -13.96 37.25 -11.90
C TRP A 432 -12.70 37.41 -11.04
N PHE A 433 -12.49 36.46 -10.12
CA PHE A 433 -11.28 36.43 -9.33
C PHE A 433 -10.59 35.09 -9.49
N HIS A 434 -9.25 35.14 -9.58
CA HIS A 434 -8.39 34.03 -9.99
C HIS A 434 -7.24 33.86 -9.00
N CYS A 435 -6.96 32.59 -8.67
CA CYS A 435 -5.82 32.26 -7.82
C CYS A 435 -5.11 31.02 -8.37
N VAL A 436 -3.77 31.06 -8.38
CA VAL A 436 -2.96 29.95 -8.89
C VAL A 436 -1.73 29.82 -8.01
N GLY A 437 -1.60 28.69 -7.32
CA GLY A 437 -0.35 28.41 -6.63
C GLY A 437 0.82 28.29 -7.60
N ILE A 438 1.85 29.11 -7.41
CA ILE A 438 3.02 29.06 -8.28
C ILE A 438 3.76 27.74 -8.13
N ARG A 439 3.89 27.23 -6.91
CA ARG A 439 4.45 25.91 -6.66
C ARG A 439 3.34 25.02 -6.14
N VAL A 440 3.46 23.73 -6.38
CA VAL A 440 2.29 22.86 -6.31
C VAL A 440 2.65 21.53 -5.66
N SER A 441 3.92 21.41 -5.23
CA SER A 441 4.46 20.13 -4.75
C SER A 441 3.61 19.51 -3.62
N ASP A 442 3.21 20.32 -2.64
CA ASP A 442 2.43 19.79 -1.52
C ASP A 442 1.08 19.24 -1.96
N GLN A 443 0.46 19.89 -2.95
CA GLN A 443 -0.79 19.35 -3.47
C GLN A 443 -0.55 18.06 -4.23
N LEU A 444 0.58 17.94 -4.93
CA LEU A 444 0.91 16.67 -5.59
C LEU A 444 1.12 15.59 -4.54
N GLU A 445 1.73 15.96 -3.41
CA GLU A 445 1.87 15.06 -2.27
C GLU A 445 0.52 14.55 -1.80
N ARG A 446 -0.48 15.43 -1.72
CA ARG A 446 -1.77 14.96 -1.24
C ARG A 446 -2.52 14.14 -2.29
N LEU A 447 -2.46 14.55 -3.56
CA LEU A 447 -3.29 13.95 -4.59
C LEU A 447 -2.68 12.71 -5.23
N LEU A 448 -1.35 12.65 -5.35
CA LEU A 448 -0.70 11.53 -5.99
C LEU A 448 0.31 10.87 -5.07
N TRP A 449 1.36 11.58 -4.63
CA TRP A 449 2.52 10.92 -4.07
C TRP A 449 2.16 10.03 -2.90
N ARG A 450 1.27 10.50 -2.02
CA ARG A 450 0.92 9.75 -0.83
C ARG A 450 -0.37 8.95 -0.99
N SER A 451 -1.15 9.21 -2.03
CA SER A 451 -2.41 8.50 -2.29
C SER A 451 -2.24 7.22 -3.08
N ILE A 452 -1.32 7.17 -4.04
CA ILE A 452 -1.06 5.97 -4.83
C ILE A 452 0.14 5.27 -4.22
N PRO A 453 0.05 3.98 -3.88
CA PRO A 453 1.20 3.30 -3.25
C PRO A 453 2.52 3.46 -4.01
N HIS A 454 2.53 3.22 -5.33
CA HIS A 454 3.75 3.29 -6.12
C HIS A 454 3.46 3.81 -7.52
N ILE A 455 4.24 4.81 -7.93
CA ILE A 455 4.03 5.53 -9.18
C ILE A 455 5.35 5.55 -9.95
N ILE A 456 5.27 5.35 -11.26
CA ILE A 456 6.42 5.60 -12.13
C ILE A 456 6.25 6.97 -12.77
N VAL A 457 7.30 7.78 -12.70
CA VAL A 457 7.41 9.04 -13.41
C VAL A 457 8.55 8.86 -14.41
N THR A 458 8.25 8.88 -15.70
CA THR A 458 9.27 8.58 -16.69
C THR A 458 9.21 9.57 -17.85
N SER A 459 10.37 9.75 -18.48
CA SER A 459 10.56 10.69 -19.57
C SER A 459 12.02 10.60 -20.01
N ALA A 460 12.27 11.01 -21.25
CA ALA A 460 13.65 11.19 -21.69
C ALA A 460 14.26 12.49 -21.21
N THR A 461 13.45 13.43 -20.69
CA THR A 461 13.94 14.72 -20.21
C THR A 461 13.38 14.95 -18.81
N LEU A 462 13.99 14.32 -17.81
CA LEU A 462 13.69 14.59 -16.42
C LEU A 462 14.75 15.42 -15.72
N ARG A 463 16.01 15.29 -16.11
CA ARG A 463 17.09 16.01 -15.48
C ARG A 463 17.31 17.37 -16.13
N SER A 464 17.65 18.34 -15.29
CA SER A 464 18.06 19.67 -15.71
C SER A 464 19.44 19.89 -15.13
N LEU A 465 20.39 20.27 -15.99
CA LEU A 465 21.78 20.41 -15.59
C LEU A 465 22.31 19.13 -14.96
N ASN A 466 21.95 18.00 -15.59
CA ASN A 466 22.40 16.68 -15.17
C ASN A 466 22.05 16.40 -13.71
N SER A 467 20.89 16.89 -13.28
CA SER A 467 20.47 16.68 -11.90
C SER A 467 18.95 16.52 -11.82
N PHE A 468 18.52 15.71 -10.86
CA PHE A 468 17.12 15.58 -10.52
C PHE A 468 16.64 16.69 -9.59
N SER A 469 17.44 17.76 -9.43
CA SER A 469 17.12 18.80 -8.47
C SER A 469 15.90 19.61 -8.90
N ARG A 470 15.90 20.10 -10.15
CA ARG A 470 14.74 20.83 -10.67
C ARG A 470 13.45 20.03 -10.51
N LEU A 471 13.46 18.79 -10.98
CA LEU A 471 12.27 17.96 -10.84
C LEU A 471 11.87 17.80 -9.37
N GLN A 472 12.84 17.58 -8.49
CA GLN A 472 12.49 17.41 -7.09
C GLN A 472 11.80 18.66 -6.55
N GLU A 473 12.35 19.84 -6.87
CA GLU A 473 11.71 21.08 -6.47
C GLU A 473 10.30 21.22 -7.04
N MET A 474 10.08 20.84 -8.30
CA MET A 474 8.77 21.16 -8.88
C MET A 474 7.72 20.13 -8.51
N SER A 475 8.06 18.85 -8.48
CA SER A 475 7.09 17.80 -8.20
C SER A 475 6.93 17.52 -6.71
N GLY A 476 7.97 17.71 -5.90
CA GLY A 476 7.90 17.33 -4.51
C GLY A 476 8.41 15.95 -4.19
N LEU A 477 8.68 15.13 -5.21
CA LEU A 477 9.30 13.83 -5.02
C LEU A 477 10.61 13.99 -4.27
N LYS A 478 10.84 13.14 -3.28
CA LYS A 478 11.99 13.27 -2.40
C LYS A 478 12.58 11.91 -2.08
N GLU A 479 13.90 11.83 -2.08
CA GLU A 479 14.59 10.64 -1.59
C GLU A 479 14.16 10.30 -0.18
N LYS A 480 13.96 11.31 0.66
CA LYS A 480 13.68 11.04 2.07
C LYS A 480 12.39 10.26 2.27
N ALA A 481 11.42 10.45 1.38
CA ALA A 481 10.19 9.67 1.34
C ALA A 481 10.34 8.32 0.64
N GLY A 482 11.54 7.96 0.22
CA GLY A 482 11.73 6.71 -0.48
C GLY A 482 11.53 6.76 -1.99
N ASP A 483 11.67 7.93 -2.60
CA ASP A 483 11.57 8.07 -4.05
C ASP A 483 12.94 7.85 -4.67
N ARG A 484 12.97 7.11 -5.77
CA ARG A 484 14.22 6.78 -6.43
C ARG A 484 14.34 7.54 -7.74
N PHE A 485 15.58 7.84 -8.12
CA PHE A 485 15.89 8.68 -9.27
C PHE A 485 16.97 7.99 -10.08
N VAL A 486 16.60 7.46 -11.24
CA VAL A 486 17.49 6.68 -12.09
C VAL A 486 17.62 7.39 -13.43
N ALA A 487 18.84 7.51 -13.93
CA ALA A 487 19.14 8.10 -15.23
C ALA A 487 19.80 7.03 -16.08
N LEU A 488 19.12 6.61 -17.15
CA LEU A 488 19.65 5.57 -18.03
C LEU A 488 20.36 6.17 -19.25
N ASP A 489 21.14 5.33 -19.93
CA ASP A 489 21.93 5.73 -21.09
C ASP A 489 21.24 5.38 -22.40
N SER A 490 21.75 5.92 -23.48
CA SER A 490 21.12 5.59 -24.75
C SER A 490 21.85 4.45 -25.43
N PRO A 491 21.13 3.46 -25.95
CA PRO A 491 21.80 2.34 -26.63
C PRO A 491 22.19 2.64 -28.07
N PHE A 492 21.61 3.67 -28.68
CA PHE A 492 21.87 3.96 -30.08
C PHE A 492 23.17 4.75 -30.22
N ASN A 493 23.81 4.62 -31.38
CA ASN A 493 25.02 5.38 -31.66
C ASN A 493 24.65 6.45 -32.69
N HIS A 494 24.15 7.58 -32.18
CA HIS A 494 23.52 8.58 -33.01
C HIS A 494 24.44 9.10 -34.10
N CYS A 495 25.74 9.18 -33.83
CA CYS A 495 26.66 9.73 -34.81
C CYS A 495 26.80 8.80 -36.01
N GLU A 496 26.59 7.49 -35.81
CA GLU A 496 26.63 6.50 -36.86
C GLU A 496 25.29 6.35 -37.60
N GLN A 497 24.29 7.16 -37.25
CA GLN A 497 22.95 7.04 -37.85
C GLN A 497 22.37 8.34 -38.37
N GLY A 498 22.75 9.50 -37.84
CA GLY A 498 22.15 10.74 -38.28
C GLY A 498 23.08 11.92 -38.12
N LYS A 499 22.56 13.07 -38.55
CA LYS A 499 23.30 14.32 -38.50
C LYS A 499 22.34 15.45 -38.18
N ILE A 500 22.81 16.40 -37.38
CA ILE A 500 22.08 17.65 -37.16
C ILE A 500 22.60 18.64 -38.18
N VAL A 501 21.68 19.31 -38.85
CA VAL A 501 22.05 20.28 -39.87
C VAL A 501 21.44 21.63 -39.50
N ILE A 502 22.31 22.61 -39.23
CA ILE A 502 21.93 23.98 -38.90
C ILE A 502 22.21 24.85 -40.11
N PRO A 503 21.23 25.15 -40.96
CA PRO A 503 21.50 25.99 -42.12
C PRO A 503 21.95 27.37 -41.65
N ARG A 504 22.77 28.03 -42.48
CA ARG A 504 23.26 29.37 -42.17
C ARG A 504 22.22 30.39 -42.62
N MET A 505 21.17 30.50 -41.82
CA MET A 505 20.13 31.47 -42.10
C MET A 505 20.64 32.89 -41.83
N ARG A 506 20.12 33.85 -42.57
CA ARG A 506 20.58 35.22 -42.38
C ARG A 506 20.01 35.80 -41.08
N VAL A 507 18.78 35.42 -40.73
CA VAL A 507 18.07 36.06 -39.63
C VAL A 507 17.89 35.06 -38.50
N GLU A 508 18.15 35.52 -37.28
CA GLU A 508 17.72 34.80 -36.10
C GLU A 508 16.20 34.93 -35.94
N PRO A 509 15.54 33.91 -35.40
CA PRO A 509 14.07 33.98 -35.28
C PRO A 509 13.61 34.84 -34.10
N SER A 510 13.84 36.14 -34.21
CA SER A 510 13.39 37.11 -33.22
C SER A 510 11.93 37.48 -33.44
N ILE A 511 11.49 38.57 -32.83
CA ILE A 511 10.11 38.99 -32.99
C ILE A 511 9.95 39.92 -34.19
N ASP A 512 10.97 40.74 -34.47
CA ASP A 512 11.01 41.62 -35.62
C ASP A 512 11.26 40.89 -36.93
N ASN A 513 11.53 39.58 -36.89
CA ASN A 513 12.07 38.87 -38.03
C ASN A 513 11.21 37.67 -38.42
N GLU A 514 10.02 37.52 -37.84
CA GLU A 514 9.26 36.28 -38.02
C GLU A 514 8.99 36.02 -39.50
N GLU A 515 8.56 37.05 -40.23
CA GLU A 515 8.29 36.89 -41.67
C GLU A 515 9.55 36.46 -42.43
N GLN A 516 10.63 37.22 -42.25
CA GLN A 516 11.87 36.94 -42.98
C GLN A 516 12.38 35.54 -42.68
N HIS A 517 12.40 35.18 -41.39
CA HIS A 517 12.88 33.87 -40.97
C HIS A 517 11.98 32.74 -41.50
N ILE A 518 10.66 32.91 -41.46
CA ILE A 518 9.77 31.87 -41.98
C ILE A 518 9.97 31.71 -43.49
N ALA A 519 10.19 32.81 -44.22
CA ALA A 519 10.37 32.71 -45.67
C ALA A 519 11.68 31.99 -46.02
N GLU A 520 12.74 32.28 -45.26
CA GLU A 520 14.02 31.61 -45.49
C GLU A 520 13.92 30.12 -45.14
N MET A 521 13.20 29.80 -44.05
CA MET A 521 12.94 28.41 -43.70
C MET A 521 12.14 27.69 -44.79
N ALA A 522 11.08 28.33 -45.30
CA ALA A 522 10.29 27.73 -46.37
C ALA A 522 11.15 27.47 -47.60
N ALA A 523 12.03 28.40 -47.94
CA ALA A 523 12.89 28.21 -49.11
C ALA A 523 13.76 26.96 -48.94
N PHE A 524 14.48 26.87 -47.82
CA PHE A 524 15.37 25.73 -47.60
C PHE A 524 14.58 24.43 -47.61
N PHE A 525 13.49 24.40 -46.83
CA PHE A 525 12.59 23.25 -46.85
C PHE A 525 12.25 22.83 -48.26
N ARG A 526 11.86 23.79 -49.11
CA ARG A 526 11.40 23.49 -50.46
C ARG A 526 12.51 22.85 -51.30
N GLU A 527 13.76 23.25 -51.09
CA GLU A 527 14.80 22.48 -51.76
C GLU A 527 14.96 21.08 -51.18
N GLN A 528 14.71 20.91 -49.88
CA GLN A 528 14.82 19.56 -49.33
C GLN A 528 13.74 18.65 -49.90
N VAL A 529 12.54 19.20 -50.15
CA VAL A 529 11.49 18.46 -50.86
C VAL A 529 11.92 18.18 -52.31
N GLU A 530 12.48 19.18 -52.99
CA GLU A 530 12.96 18.94 -54.36
C GLU A 530 14.10 17.93 -54.41
N SER A 531 14.86 17.77 -53.32
CA SER A 531 15.96 16.82 -53.31
C SER A 531 15.50 15.38 -53.46
N LYS A 532 14.24 15.08 -53.11
CA LYS A 532 13.70 13.72 -53.14
C LYS A 532 14.58 12.73 -52.37
N LYS A 533 15.24 13.18 -51.31
CA LYS A 533 16.06 12.28 -50.51
C LYS A 533 15.30 11.63 -49.37
N HIS A 534 14.15 12.18 -48.98
CA HIS A 534 13.42 11.68 -47.81
C HIS A 534 11.95 11.54 -48.15
N LEU A 535 11.45 10.31 -48.05
CA LEU A 535 10.02 10.06 -48.17
C LEU A 535 9.26 10.47 -46.91
N GLY A 536 9.90 10.32 -45.74
CA GLY A 536 9.26 10.67 -44.48
C GLY A 536 9.90 11.85 -43.78
N MET A 537 9.17 12.96 -43.68
CA MET A 537 9.65 14.11 -42.93
C MET A 537 8.58 14.65 -42.00
N LEU A 538 9.02 15.44 -41.03
CA LEU A 538 8.13 16.06 -40.05
C LEU A 538 8.57 17.52 -39.90
N VAL A 539 7.63 18.45 -39.92
CA VAL A 539 7.93 19.87 -39.69
C VAL A 539 7.25 20.28 -38.39
N LEU A 540 8.05 20.79 -37.46
CA LEU A 540 7.63 21.13 -36.10
C LEU A 540 7.75 22.63 -35.87
N PHE A 541 6.68 23.24 -35.36
CA PHE A 541 6.62 24.66 -35.06
C PHE A 541 6.32 24.89 -33.60
N ALA A 542 6.76 26.05 -33.09
CA ALA A 542 6.55 26.43 -31.70
C ALA A 542 5.23 27.17 -31.48
N SER A 543 4.56 27.59 -32.54
CA SER A 543 3.30 28.30 -32.41
C SER A 543 2.44 28.04 -33.64
N GLY A 544 1.13 28.06 -33.46
CA GLY A 544 0.21 27.86 -34.55
C GLY A 544 0.33 28.93 -35.60
N ARG A 545 0.54 30.17 -35.17
CA ARG A 545 0.65 31.28 -36.10
C ARG A 545 1.83 31.10 -37.03
N ALA A 546 2.95 30.67 -36.48
CA ALA A 546 4.15 30.45 -37.28
C ALA A 546 3.92 29.34 -38.29
N MET A 547 3.22 28.30 -37.90
CA MET A 547 2.93 27.20 -38.80
C MET A 547 1.98 27.64 -39.91
N GLN A 548 0.82 28.20 -39.54
CA GLN A 548 -0.10 28.74 -40.56
C GLN A 548 0.60 29.71 -41.50
N ARG A 549 1.50 30.52 -40.95
CA ARG A 549 2.27 31.45 -41.78
C ARG A 549 3.16 30.69 -42.75
N PHE A 550 3.80 29.61 -42.28
CA PHE A 550 4.67 28.79 -43.12
C PHE A 550 3.89 28.11 -44.24
N LEU A 551 2.65 27.70 -43.96
CA LEU A 551 1.85 27.05 -44.98
C LEU A 551 1.50 27.98 -46.14
N ASP A 552 1.59 29.30 -45.95
CA ASP A 552 1.37 30.22 -47.06
C ASP A 552 2.45 30.10 -48.13
N TYR A 553 3.62 29.54 -47.79
CA TYR A 553 4.75 29.45 -48.69
C TYR A 553 4.86 28.11 -49.42
N VAL A 554 4.06 27.11 -49.03
CA VAL A 554 4.21 25.76 -49.58
C VAL A 554 2.85 25.29 -50.07
N THR A 555 2.01 26.28 -50.41
CA THR A 555 0.66 25.98 -50.89
C THR A 555 0.69 24.99 -52.05
N ASP A 556 1.59 25.19 -53.01
CA ASP A 556 1.70 24.26 -54.14
C ASP A 556 2.03 22.83 -53.73
N LEU A 557 2.29 22.58 -52.44
CA LEU A 557 2.66 21.26 -51.96
C LEU A 557 1.58 20.64 -51.12
N ARG A 558 0.42 21.29 -50.99
CA ARG A 558 -0.54 20.92 -49.96
C ARG A 558 -0.95 19.45 -50.05
N LEU A 559 -0.91 18.84 -51.24
CA LEU A 559 -1.32 17.44 -51.38
C LEU A 559 -0.41 16.49 -50.60
N MET A 560 0.85 16.85 -50.46
CA MET A 560 1.82 16.01 -49.79
C MET A 560 1.92 16.28 -48.28
N LEU A 561 1.21 17.28 -47.78
CA LEU A 561 1.27 17.68 -46.38
C LEU A 561 0.05 17.16 -45.61
N LEU A 562 0.31 16.65 -44.42
CA LEU A 562 -0.72 16.33 -43.43
C LEU A 562 -0.49 17.26 -42.26
N VAL A 563 -1.43 18.17 -42.03
CA VAL A 563 -1.21 19.33 -41.16
C VAL A 563 -2.12 19.21 -39.95
N GLN A 564 -1.55 19.47 -38.77
CA GLN A 564 -2.34 19.49 -37.56
C GLN A 564 -3.47 20.50 -37.70
N GLY A 565 -4.69 20.07 -37.40
CA GLY A 565 -5.87 20.91 -37.52
C GLY A 565 -6.84 20.44 -38.59
N ASP A 566 -6.33 19.84 -39.68
CA ASP A 566 -7.19 19.42 -40.79
C ASP A 566 -7.88 18.11 -40.51
N GLN A 567 -7.20 17.20 -39.85
CA GLN A 567 -7.75 15.94 -39.41
C GLN A 567 -7.19 15.70 -38.01
N PRO A 568 -7.88 14.93 -37.18
CA PRO A 568 -7.35 14.65 -35.85
C PRO A 568 -5.95 14.07 -35.90
N ARG A 569 -5.12 14.49 -34.94
CA ARG A 569 -3.67 14.28 -34.98
C ARG A 569 -3.26 12.85 -35.33
N TYR A 570 -3.77 11.87 -34.59
CA TYR A 570 -3.24 10.53 -34.84
C TYR A 570 -3.79 9.92 -36.12
N ARG A 571 -4.96 10.38 -36.59
CA ARG A 571 -5.42 9.99 -37.91
C ARG A 571 -4.49 10.53 -39.01
N LEU A 572 -3.94 11.73 -38.81
CA LEU A 572 -2.88 12.23 -39.67
C LEU A 572 -1.65 11.31 -39.61
N VAL A 573 -1.27 10.91 -38.39
CA VAL A 573 -0.10 10.03 -38.24
C VAL A 573 -0.31 8.74 -39.03
N GLU A 574 -1.49 8.16 -38.91
CA GLU A 574 -1.77 6.95 -39.67
C GLU A 574 -1.63 7.22 -41.17
N LEU A 575 -2.36 8.21 -41.70
CA LEU A 575 -2.25 8.53 -43.13
C LEU A 575 -0.79 8.63 -43.56
N HIS A 576 0.04 9.24 -42.73
CA HIS A 576 1.46 9.38 -43.04
C HIS A 576 2.13 8.00 -43.15
N ARG A 577 1.84 7.12 -42.22
CA ARG A 577 2.44 5.81 -42.24
C ARG A 577 2.05 5.07 -43.50
N LYS A 578 0.79 5.17 -43.89
CA LYS A 578 0.32 4.50 -45.09
C LYS A 578 0.97 5.01 -46.36
N ARG A 579 1.12 6.33 -46.50
CA ARG A 579 1.73 6.90 -47.69
C ARG A 579 3.21 6.55 -47.79
N VAL A 580 3.95 6.71 -46.69
CA VAL A 580 5.36 6.36 -46.73
C VAL A 580 5.53 4.88 -47.06
N ALA A 581 4.61 4.04 -46.60
CA ALA A 581 4.71 2.62 -46.94
C ALA A 581 4.51 2.39 -48.44
N ASN A 582 3.78 3.30 -49.11
CA ASN A 582 3.60 3.21 -50.55
C ASN A 582 4.72 3.84 -51.37
N GLY A 583 5.80 4.28 -50.73
CA GLY A 583 6.80 5.02 -51.44
C GLY A 583 6.39 6.42 -51.84
N GLU A 584 5.33 6.96 -51.22
CA GLU A 584 4.87 8.32 -51.48
C GLU A 584 5.52 9.30 -50.52
N ARG A 585 5.91 10.46 -51.04
CA ARG A 585 6.41 11.53 -50.18
C ARG A 585 5.28 12.02 -49.31
N SER A 586 5.52 12.11 -48.00
CA SER A 586 4.52 12.60 -47.06
C SER A 586 5.23 13.41 -46.00
N VAL A 587 4.61 14.54 -45.61
CA VAL A 587 5.21 15.49 -44.68
C VAL A 587 4.17 15.78 -43.61
N LEU A 588 4.49 15.45 -42.37
CA LEU A 588 3.67 15.86 -41.23
C LEU A 588 4.07 17.26 -40.80
N VAL A 589 3.08 18.10 -40.52
CA VAL A 589 3.29 19.47 -40.06
C VAL A 589 2.46 19.66 -38.81
N GLY A 590 3.11 19.99 -37.70
CA GLY A 590 2.36 20.17 -36.48
C GLY A 590 3.12 20.86 -35.38
N LEU A 591 2.59 20.71 -34.17
CA LEU A 591 3.09 21.45 -33.02
C LEU A 591 3.54 20.50 -31.94
N GLN A 592 3.36 20.93 -30.69
CA GLN A 592 3.78 20.17 -29.51
C GLN A 592 3.36 18.71 -29.56
N SER A 593 2.16 18.42 -30.09
CA SER A 593 1.67 17.04 -30.12
C SER A 593 2.56 16.12 -30.96
N PHE A 594 3.23 16.65 -31.98
CA PHE A 594 4.09 15.86 -32.85
C PHE A 594 5.56 15.99 -32.48
N ALA A 595 5.88 16.86 -31.52
CA ALA A 595 7.25 17.15 -31.15
C ALA A 595 7.79 16.22 -30.06
N GLU A 596 6.93 15.38 -29.50
CA GLU A 596 7.22 14.60 -28.32
C GLU A 596 6.51 13.26 -28.45
N GLY A 597 7.17 12.19 -28.02
CA GLY A 597 6.55 10.89 -27.96
C GLY A 597 6.16 10.21 -29.26
N LEU A 598 5.93 10.98 -30.31
CA LEU A 598 5.57 10.40 -31.60
C LEU A 598 6.69 9.48 -32.11
N ASP A 599 6.30 8.29 -32.55
CA ASP A 599 7.23 7.22 -32.90
C ASP A 599 7.07 6.82 -34.36
N LEU A 600 8.03 7.19 -35.20
CA LEU A 600 8.03 6.87 -36.63
C LEU A 600 9.37 6.24 -36.99
N LYS A 601 9.38 4.90 -37.07
CA LYS A 601 10.61 4.13 -37.23
C LYS A 601 11.16 4.24 -38.65
N GLY A 602 12.48 4.36 -38.75
CA GLY A 602 13.18 4.29 -40.02
C GLY A 602 12.69 5.24 -41.09
N ASP A 603 12.22 4.68 -42.22
CA ASP A 603 11.83 5.50 -43.36
C ASP A 603 10.61 6.37 -43.05
N LEU A 604 9.80 5.97 -42.07
CA LEU A 604 8.62 6.76 -41.73
C LEU A 604 8.99 8.17 -41.31
N LEU A 605 10.24 8.41 -40.89
CA LEU A 605 10.68 9.74 -40.51
C LEU A 605 12.21 9.76 -40.65
N SER A 606 12.68 10.31 -41.75
CA SER A 606 14.12 10.48 -41.95
C SER A 606 14.54 11.93 -42.01
N GLN A 607 13.64 12.90 -42.14
CA GLN A 607 14.07 14.29 -42.01
C GLN A 607 13.12 15.05 -41.09
N VAL A 608 13.65 15.54 -39.97
CA VAL A 608 12.91 16.35 -39.02
C VAL A 608 13.33 17.80 -39.20
N HIS A 609 12.36 18.68 -39.42
CA HIS A 609 12.59 20.12 -39.53
C HIS A 609 12.05 20.80 -38.28
N ILE A 610 12.92 21.50 -37.57
CA ILE A 610 12.56 22.22 -36.36
C ILE A 610 12.62 23.72 -36.65
N HIS A 611 11.49 24.39 -36.47
CA HIS A 611 11.37 25.78 -36.89
C HIS A 611 12.18 26.72 -35.99
N LYS A 612 12.30 26.39 -34.69
CA LYS A 612 12.76 27.38 -33.72
C LYS A 612 13.17 26.68 -32.43
N ILE A 613 13.94 27.39 -31.61
CA ILE A 613 14.02 27.08 -30.19
C ILE A 613 12.72 27.56 -29.58
N ALA A 614 12.03 26.66 -28.88
CA ALA A 614 10.71 26.96 -28.31
C ALA A 614 10.89 27.47 -26.88
N PHE A 615 11.16 28.74 -26.79
CA PHE A 615 11.14 29.43 -25.51
C PHE A 615 9.71 29.73 -25.09
N PRO A 616 9.35 29.44 -23.83
CA PRO A 616 7.95 29.52 -23.42
C PRO A 616 7.46 30.96 -23.41
N PRO A 617 6.16 31.16 -23.59
CA PRO A 617 5.61 32.53 -23.46
C PRO A 617 5.62 32.99 -22.01
N ILE A 618 5.74 34.30 -21.83
CA ILE A 618 6.12 34.88 -20.54
C ILE A 618 5.07 35.86 -20.03
N ASP A 619 3.91 35.93 -20.68
CA ASP A 619 2.91 36.96 -20.43
C ASP A 619 1.83 36.60 -19.41
N SER A 620 1.79 35.36 -18.93
CA SER A 620 0.73 34.99 -18.01
C SER A 620 0.91 35.64 -16.62
N PRO A 621 -0.18 35.89 -15.93
CA PRO A 621 -0.04 36.38 -14.55
C PRO A 621 0.77 35.44 -13.68
N VAL A 622 0.64 34.12 -13.85
CA VAL A 622 1.38 33.17 -13.02
C VAL A 622 2.86 33.19 -13.37
N VAL A 623 3.18 33.26 -14.67
CA VAL A 623 4.58 33.19 -15.04
C VAL A 623 5.30 34.49 -14.67
N ILE A 624 4.64 35.64 -14.76
CA ILE A 624 5.35 36.86 -14.37
C ILE A 624 5.38 37.01 -12.86
N THR A 625 4.34 36.55 -12.15
CA THR A 625 4.40 36.51 -10.70
C THR A 625 5.50 35.55 -10.23
N GLU A 626 5.65 34.42 -10.91
CA GLU A 626 6.77 33.53 -10.61
C GLU A 626 8.09 34.23 -10.88
N GLY A 627 8.16 35.02 -11.96
CA GLY A 627 9.39 35.72 -12.27
C GLY A 627 9.77 36.74 -11.21
N GLU A 628 8.79 37.51 -10.74
CA GLU A 628 9.10 38.45 -9.67
C GLU A 628 9.48 37.72 -8.38
N TRP A 629 8.86 36.58 -8.10
CA TRP A 629 9.26 35.81 -6.93
C TRP A 629 10.67 35.24 -7.08
N LEU A 630 10.99 34.71 -8.25
CA LEU A 630 12.34 34.20 -8.49
C LEU A 630 13.36 35.31 -8.29
N LYS A 631 13.10 36.49 -8.86
CA LYS A 631 14.03 37.60 -8.69
C LYS A 631 14.11 38.07 -7.23
N SER A 632 13.03 37.92 -6.46
CA SER A 632 13.12 38.27 -5.06
C SER A 632 14.01 37.28 -4.31
N LEU A 633 14.03 36.03 -4.76
CA LEU A 633 14.96 35.04 -4.24
C LEU A 633 16.33 35.14 -4.90
N ASN A 634 16.58 36.21 -5.65
CA ASN A 634 17.87 36.38 -6.32
C ASN A 634 18.20 35.17 -7.21
N ARG A 635 17.19 34.72 -7.96
CA ARG A 635 17.36 33.71 -9.00
C ARG A 635 16.94 34.30 -10.33
N TYR A 636 17.63 33.93 -11.39
CA TYR A 636 17.36 34.51 -12.70
C TYR A 636 16.20 33.79 -13.35
N PRO A 637 15.12 34.49 -13.71
CA PRO A 637 13.98 33.80 -14.31
C PRO A 637 14.30 33.12 -15.63
N PHE A 638 15.16 33.70 -16.47
CA PHE A 638 15.47 33.03 -17.73
C PHE A 638 16.11 31.67 -17.50
N GLU A 639 17.02 31.58 -16.53
CA GLU A 639 17.71 30.32 -16.25
C GLU A 639 16.75 29.29 -15.67
N VAL A 640 15.74 29.73 -14.92
CA VAL A 640 14.91 28.83 -14.12
C VAL A 640 13.65 28.40 -14.87
N GLN A 641 12.97 29.35 -15.53
CA GLN A 641 11.67 29.07 -16.13
C GLN A 641 11.70 29.05 -17.65
N SER A 642 12.76 29.51 -18.31
CA SER A 642 12.80 29.57 -19.77
C SER A 642 13.78 28.58 -20.38
N LEU A 643 15.07 28.67 -20.04
CA LEU A 643 16.06 27.80 -20.67
C LEU A 643 15.79 26.32 -20.48
N PRO A 644 15.37 25.82 -19.32
CA PRO A 644 15.11 24.38 -19.23
C PRO A 644 13.93 23.93 -20.09
N SER A 645 12.88 24.75 -20.20
CA SER A 645 11.75 24.40 -21.05
C SER A 645 12.20 24.26 -22.51
N ALA A 646 12.97 25.23 -23.00
CA ALA A 646 13.46 25.16 -24.37
C ALA A 646 14.45 24.01 -24.57
N SER A 647 15.31 23.74 -23.58
CA SER A 647 16.23 22.60 -23.67
C SER A 647 15.47 21.29 -23.75
N PHE A 648 14.53 21.08 -22.82
CA PHE A 648 13.72 19.86 -22.82
C PHE A 648 12.99 19.70 -24.14
N ASN A 649 12.36 20.77 -24.62
CA ASN A 649 11.65 20.66 -25.88
C ASN A 649 12.60 20.30 -27.02
N LEU A 650 13.80 20.89 -27.03
CA LEU A 650 14.73 20.62 -28.13
C LEU A 650 15.21 19.17 -28.10
N ILE A 651 15.44 18.63 -26.90
CA ILE A 651 15.82 17.23 -26.78
C ILE A 651 14.71 16.32 -27.31
N GLN A 652 13.45 16.60 -26.95
CA GLN A 652 12.36 15.74 -27.44
C GLN A 652 12.23 15.82 -28.95
N GLN A 653 12.22 17.05 -29.48
CA GLN A 653 12.06 17.25 -30.91
C GLN A 653 13.15 16.53 -31.68
N VAL A 654 14.42 16.80 -31.35
CA VAL A 654 15.53 16.07 -31.94
C VAL A 654 15.34 14.56 -31.78
N GLY A 655 14.78 14.14 -30.64
CA GLY A 655 14.50 12.74 -30.37
C GLY A 655 13.47 12.08 -31.28
N ARG A 656 12.72 12.85 -32.08
CA ARG A 656 11.85 12.17 -33.07
C ARG A 656 12.61 11.32 -34.08
N LEU A 657 13.89 11.62 -34.36
CA LEU A 657 14.56 10.96 -35.49
C LEU A 657 14.91 9.50 -35.19
N ILE A 658 15.77 9.27 -34.20
CA ILE A 658 16.34 7.95 -33.93
C ILE A 658 15.40 7.16 -33.01
N ARG A 659 14.75 6.12 -33.56
CA ARG A 659 13.85 5.25 -32.81
C ARG A 659 14.36 3.81 -32.77
N SER A 660 15.44 3.52 -33.46
CA SER A 660 15.96 2.16 -33.58
C SER A 660 17.39 2.24 -34.09
N HIS A 661 18.09 1.10 -34.02
CA HIS A 661 19.43 1.04 -34.59
C HIS A 661 19.41 1.16 -36.10
N GLY A 662 18.26 0.92 -36.73
CA GLY A 662 18.09 1.11 -38.15
C GLY A 662 17.57 2.45 -38.58
N CYS A 663 17.19 3.32 -37.64
CA CYS A 663 16.76 4.66 -38.01
C CYS A 663 17.94 5.47 -38.55
N TRP A 664 17.63 6.48 -39.35
CA TRP A 664 18.63 7.21 -40.15
C TRP A 664 18.03 8.54 -40.55
N GLY A 665 18.91 9.46 -40.95
CA GLY A 665 18.44 10.74 -41.47
C GLY A 665 19.05 11.97 -40.81
N GLU A 666 18.28 13.03 -40.69
CA GLU A 666 18.83 14.28 -40.19
C GLU A 666 17.76 15.11 -39.50
N VAL A 667 18.23 16.00 -38.63
CA VAL A 667 17.40 16.99 -37.96
C VAL A 667 17.89 18.36 -38.38
N VAL A 668 17.09 19.06 -39.18
CA VAL A 668 17.35 20.46 -39.55
C VAL A 668 16.82 21.34 -38.45
N ILE A 669 17.65 22.24 -37.93
CA ILE A 669 17.21 23.20 -36.92
C ILE A 669 17.44 24.60 -37.48
N TYR A 670 16.33 25.33 -37.72
CA TYR A 670 16.37 26.62 -38.39
C TYR A 670 16.64 27.79 -37.45
N ASP A 671 17.20 27.54 -36.27
CA ASP A 671 17.47 28.59 -35.29
C ASP A 671 18.99 28.73 -35.18
N LYS A 672 19.52 29.73 -35.87
CA LYS A 672 20.93 30.08 -35.87
C LYS A 672 21.43 30.46 -34.47
N ARG A 673 20.53 30.80 -33.55
CA ARG A 673 20.94 31.15 -32.20
C ARG A 673 21.64 30.02 -31.46
N LEU A 674 21.44 28.77 -31.87
CA LEU A 674 22.19 27.66 -31.29
C LEU A 674 23.69 27.86 -31.42
N LEU A 675 24.11 28.55 -32.49
CA LEU A 675 25.51 28.92 -32.62
C LEU A 675 25.78 30.35 -32.20
N THR A 676 24.79 31.21 -32.40
CA THR A 676 24.81 32.64 -32.10
C THR A 676 24.81 33.19 -30.66
N LYS A 677 24.00 32.62 -29.78
CA LYS A 677 23.86 33.11 -28.42
C LYS A 677 24.61 32.30 -27.38
N ASN A 678 24.82 32.88 -26.21
CA ASN A 678 25.54 32.20 -25.15
C ASN A 678 24.90 30.88 -24.78
N TYR A 679 23.58 30.74 -24.94
CA TYR A 679 22.94 29.52 -24.49
C TYR A 679 22.92 28.40 -25.53
N GLY A 680 23.38 28.68 -26.76
CA GLY A 680 23.36 27.66 -27.80
C GLY A 680 24.25 26.47 -27.49
N LYS A 681 25.44 26.72 -26.96
CA LYS A 681 26.33 25.63 -26.57
C LYS A 681 25.64 24.72 -25.57
N ARG A 682 24.97 25.29 -24.58
CA ARG A 682 24.36 24.48 -23.54
C ARG A 682 23.22 23.65 -24.11
N LEU A 683 22.42 24.24 -25.01
CA LEU A 683 21.39 23.49 -25.70
C LEU A 683 21.97 22.32 -26.49
N LEU A 684 23.02 22.54 -27.28
CA LEU A 684 23.59 21.44 -28.05
C LEU A 684 24.20 20.37 -27.14
N ASP A 685 24.80 20.78 -26.01
CA ASP A 685 25.38 19.80 -25.09
C ASP A 685 24.32 18.92 -24.44
N ALA A 686 23.09 19.43 -24.28
CA ALA A 686 22.09 18.53 -23.71
C ALA A 686 21.60 17.47 -24.70
N LEU A 687 21.88 17.65 -26.00
CA LEU A 687 21.39 16.76 -27.06
C LEU A 687 22.25 15.51 -27.19
N PRO A 688 21.76 14.49 -27.91
CA PRO A 688 22.64 13.38 -28.28
C PRO A 688 23.75 13.88 -29.19
N VAL A 689 24.89 13.21 -29.14
CA VAL A 689 26.03 13.63 -29.97
C VAL A 689 25.73 13.33 -31.43
N PHE A 690 25.65 14.38 -32.24
CA PHE A 690 25.45 14.27 -33.68
C PHE A 690 26.51 15.15 -34.32
N PRO A 691 27.06 14.75 -35.46
CA PRO A 691 27.81 15.69 -36.28
C PRO A 691 26.89 16.82 -36.72
N ILE A 692 27.46 18.01 -36.90
CA ILE A 692 26.69 19.18 -37.31
C ILE A 692 27.20 19.63 -38.67
N GLU A 693 26.28 19.73 -39.64
CA GLU A 693 26.57 20.36 -40.92
C GLU A 693 25.87 21.72 -40.97
N GLN A 694 26.40 22.60 -41.81
CA GLN A 694 25.90 23.97 -41.93
C GLN A 694 25.87 24.33 -43.40
N PRO A 695 24.85 23.88 -44.12
CA PRO A 695 24.70 24.23 -45.53
C PRO A 695 24.19 25.65 -45.67
N GLU A 696 24.31 26.16 -46.88
CA GLU A 696 23.87 27.52 -47.12
C GLU A 696 22.42 27.52 -47.60
N VAL A 697 21.82 28.72 -47.58
CA VAL A 697 20.38 28.88 -47.73
C VAL A 697 20.08 29.67 -49.01
N PRO A 698 19.02 29.36 -49.75
CA PRO A 698 18.61 30.24 -50.85
C PRO A 698 17.98 31.51 -50.33
N GLU A 699 17.70 32.40 -51.26
CA GLU A 699 17.02 33.62 -50.90
C GLU A 699 15.58 33.32 -50.50
N GLY A 700 15.15 33.96 -49.38
CA GLY A 700 13.81 33.84 -48.91
C GLY A 700 13.01 35.06 -49.33
N ILE A 701 11.95 34.82 -50.07
CA ILE A 701 11.13 35.90 -50.62
C ILE A 701 9.92 36.02 -49.69
N VAL A 702 9.89 36.97 -48.76
CA VAL A 702 8.72 37.06 -47.90
C VAL A 702 7.61 37.60 -48.77
N LYS A 703 6.41 37.03 -48.65
CA LYS A 703 5.24 37.33 -49.47
C LYS A 703 4.36 38.31 -48.72
N ALA C 2 26.53 -17.96 -3.03
CA ALA C 2 26.31 -19.40 -3.05
C ALA C 2 27.03 -20.08 -1.90
N LEU C 3 26.92 -21.41 -1.84
CA LEU C 3 27.67 -22.20 -0.87
C LEU C 3 29.10 -22.34 -1.36
N THR C 4 29.95 -21.38 -0.98
CA THR C 4 31.35 -21.42 -1.39
C THR C 4 32.06 -22.62 -0.79
N ALA C 5 33.31 -22.82 -1.22
CA ALA C 5 34.10 -23.88 -0.62
C ALA C 5 34.53 -23.49 0.80
N ALA C 6 34.83 -22.21 1.02
CA ALA C 6 35.22 -21.78 2.35
C ALA C 6 34.09 -21.99 3.36
N LEU C 7 32.84 -21.76 2.92
CA LEU C 7 31.69 -21.90 3.79
C LEU C 7 31.34 -23.36 4.04
N LYS C 8 31.40 -24.19 2.99
CA LYS C 8 31.26 -25.63 3.16
C LYS C 8 32.27 -26.16 4.16
N ALA C 9 33.54 -25.78 3.96
CA ALA C 9 34.60 -26.24 4.85
C ALA C 9 34.35 -25.78 6.28
N GLN C 10 33.88 -24.55 6.44
CA GLN C 10 33.63 -24.01 7.77
C GLN C 10 32.52 -24.79 8.49
N ILE C 11 31.38 -24.99 7.82
CA ILE C 11 30.28 -25.74 8.41
C ILE C 11 30.73 -27.13 8.80
N ALA C 12 31.38 -27.80 7.83
CA ALA C 12 32.11 -29.06 7.98
C ALA C 12 32.95 -29.10 9.24
N ALA C 13 33.76 -28.06 9.46
CA ALA C 13 34.74 -28.04 10.54
C ALA C 13 34.05 -27.90 11.89
N TRP C 14 33.02 -27.05 11.95
CA TRP C 14 32.25 -26.90 13.17
C TRP C 14 31.53 -28.20 13.53
N TYR C 15 30.83 -28.80 12.56
CA TYR C 15 30.24 -30.11 12.79
C TYR C 15 31.28 -31.16 13.16
N LYS C 16 32.56 -30.91 12.84
CA LYS C 16 33.64 -31.81 13.19
C LYS C 16 34.01 -31.65 14.67
N ALA C 17 34.24 -30.41 15.10
CA ALA C 17 34.55 -30.13 16.50
C ALA C 17 33.42 -30.60 17.42
N LEU C 18 32.17 -30.46 16.97
CA LEU C 18 31.04 -30.86 17.80
C LEU C 18 31.13 -32.33 18.20
N GLN C 19 31.67 -33.19 17.33
CA GLN C 19 31.84 -34.59 17.69
C GLN C 19 32.65 -34.73 18.98
N GLU C 20 33.62 -33.83 19.22
CA GLU C 20 34.44 -33.89 20.42
C GLU C 20 33.71 -33.27 21.59
N GLN C 21 32.87 -32.27 21.33
CA GLN C 21 32.03 -31.74 22.41
C GLN C 21 30.85 -32.65 22.77
N ILE C 22 30.51 -33.64 21.95
CA ILE C 22 29.47 -34.58 22.36
C ILE C 22 30.07 -35.99 22.33
N PRO C 23 30.81 -36.44 23.38
CA PRO C 23 31.42 -37.78 23.31
C PRO C 23 30.43 -38.96 23.29
N ASP C 24 29.12 -38.75 23.53
CA ASP C 24 28.14 -39.80 23.26
C ASP C 24 27.68 -39.78 21.80
N PHE C 25 28.40 -39.07 20.93
CA PHE C 25 28.04 -38.93 19.54
C PHE C 25 27.88 -40.29 18.87
N ILE C 26 26.81 -40.43 18.11
CA ILE C 26 26.59 -41.55 17.20
C ILE C 26 26.28 -40.91 15.86
N PRO C 27 26.86 -41.37 14.75
CA PRO C 27 26.60 -40.71 13.46
C PRO C 27 25.12 -40.71 13.12
N ARG C 28 24.63 -39.57 12.65
CA ARG C 28 23.21 -39.39 12.36
C ARG C 28 23.07 -38.93 10.91
N ALA C 29 22.58 -39.83 10.06
CA ALA C 29 22.44 -39.51 8.63
C ALA C 29 21.47 -38.37 8.39
N PRO C 30 20.21 -38.41 8.87
CA PRO C 30 19.30 -37.29 8.58
C PRO C 30 19.81 -35.98 9.11
N GLN C 31 20.58 -35.99 10.19
CA GLN C 31 21.18 -34.76 10.66
C GLN C 31 22.08 -34.15 9.60
N ARG C 32 22.95 -34.98 9.02
CA ARG C 32 23.82 -34.49 7.95
C ARG C 32 22.98 -33.96 6.79
N GLN C 33 21.96 -34.71 6.39
CA GLN C 33 21.13 -34.29 5.27
C GLN C 33 20.50 -32.93 5.54
N MET C 34 19.84 -32.78 6.69
CA MET C 34 19.21 -31.52 7.05
C MET C 34 20.22 -30.39 7.10
N ILE C 35 21.45 -30.65 7.54
CA ILE C 35 22.46 -29.60 7.54
C ILE C 35 22.73 -29.11 6.13
N ALA C 36 22.94 -30.06 5.20
CA ALA C 36 23.24 -29.66 3.83
C ALA C 36 22.06 -28.91 3.19
N ASP C 37 20.82 -29.38 3.45
CA ASP C 37 19.66 -28.70 2.87
C ASP C 37 19.48 -27.29 3.45
N VAL C 38 19.66 -27.14 4.77
CA VAL C 38 19.48 -25.83 5.39
C VAL C 38 20.54 -24.85 4.90
N ALA C 39 21.80 -25.31 4.77
CA ALA C 39 22.85 -24.46 4.22
C ALA C 39 22.51 -24.04 2.80
N LYS C 40 22.12 -25.01 1.96
CA LYS C 40 21.76 -24.71 0.58
C LYS C 40 20.68 -23.63 0.50
N THR C 41 19.54 -23.87 1.18
CA THR C 41 18.44 -22.92 1.12
C THR C 41 18.85 -21.56 1.66
N LEU C 42 19.54 -21.53 2.80
CA LEU C 42 19.85 -20.24 3.41
C LEU C 42 20.86 -19.45 2.58
N ALA C 43 21.73 -20.12 1.84
CA ALA C 43 22.64 -19.40 0.97
C ALA C 43 21.99 -18.97 -0.34
N GLY C 44 20.74 -19.38 -0.58
CA GLY C 44 20.04 -19.07 -1.82
C GLY C 44 20.30 -20.03 -2.96
N GLU C 45 20.99 -21.14 -2.72
CA GLU C 45 21.38 -22.00 -3.82
C GLU C 45 20.20 -22.81 -4.37
N GLU C 46 19.20 -23.12 -3.54
CA GLU C 46 18.17 -24.09 -3.89
C GLU C 46 16.75 -23.57 -3.54
N GLY C 47 16.28 -22.62 -4.31
CA GLY C 47 14.92 -22.15 -4.18
C GLY C 47 14.73 -21.06 -3.20
N ARG C 48 13.56 -20.91 -2.64
CA ARG C 48 13.20 -19.89 -1.68
C ARG C 48 13.26 -20.33 -0.26
N HIS C 49 12.26 -21.05 0.19
CA HIS C 49 12.19 -21.51 1.54
C HIS C 49 12.18 -22.99 1.59
N LEU C 50 12.48 -23.52 2.75
CA LEU C 50 12.60 -24.96 2.94
C LEU C 50 11.72 -25.37 4.11
N ALA C 51 10.76 -26.24 3.85
CA ALA C 51 9.98 -26.89 4.90
C ALA C 51 10.53 -28.30 5.04
N ILE C 52 11.31 -28.54 6.10
CA ILE C 52 11.99 -29.82 6.25
C ILE C 52 11.54 -30.48 7.56
N GLU C 53 10.93 -31.65 7.43
CA GLU C 53 10.48 -32.45 8.55
C GLU C 53 11.55 -33.45 8.94
N ALA C 54 11.98 -33.44 10.21
CA ALA C 54 12.89 -34.45 10.74
C ALA C 54 12.28 -35.01 12.02
N PRO C 55 12.35 -36.31 12.26
CA PRO C 55 11.62 -36.88 13.41
C PRO C 55 12.20 -36.44 14.75
N THR C 56 11.43 -36.72 15.80
CA THR C 56 11.80 -36.25 17.14
C THR C 56 13.11 -36.86 17.60
N GLY C 57 14.04 -36.01 18.00
CA GLY C 57 15.30 -36.42 18.58
C GLY C 57 16.46 -36.47 17.62
N VAL C 58 16.19 -36.39 16.30
CA VAL C 58 17.24 -36.45 15.28
C VAL C 58 18.34 -35.44 15.56
N GLY C 59 18.01 -34.30 16.17
CA GLY C 59 19.02 -33.30 16.43
C GLY C 59 18.90 -32.10 15.49
N LYS C 60 17.67 -31.61 15.35
CA LYS C 60 17.41 -30.50 14.45
C LYS C 60 18.08 -29.22 14.88
N THR C 61 18.15 -28.98 16.20
CA THR C 61 18.66 -27.69 16.68
C THR C 61 20.04 -27.42 16.12
N LEU C 62 20.97 -28.38 16.31
CA LEU C 62 22.32 -28.24 15.77
C LEU C 62 22.31 -28.26 14.25
N SER C 63 21.40 -29.05 13.67
CA SER C 63 21.27 -29.15 12.22
C SER C 63 21.07 -27.78 11.57
N TYR C 64 20.15 -26.97 12.10
CA TYR C 64 19.98 -25.65 11.49
C TYR C 64 20.89 -24.60 12.11
N LEU C 65 21.30 -24.79 13.36
CA LEU C 65 22.13 -23.78 14.02
C LEU C 65 23.49 -23.64 13.34
N ILE C 66 24.11 -24.76 12.98
CA ILE C 66 25.47 -24.69 12.44
C ILE C 66 25.47 -23.95 11.09
N PRO C 67 24.72 -24.39 10.08
CA PRO C 67 24.69 -23.62 8.81
C PRO C 67 24.24 -22.19 9.02
N GLY C 68 23.18 -21.98 9.81
CA GLY C 68 22.68 -20.64 10.01
C GLY C 68 23.75 -19.70 10.55
N ILE C 69 24.51 -20.19 11.54
CA ILE C 69 25.53 -19.34 12.14
C ILE C 69 26.68 -19.11 11.16
N ALA C 70 27.12 -20.16 10.48
CA ALA C 70 28.14 -20.00 9.44
C ALA C 70 27.74 -18.94 8.43
N ILE C 71 26.60 -19.13 7.75
CA ILE C 71 26.18 -18.22 6.70
C ILE C 71 25.94 -16.82 7.25
N ALA C 72 25.29 -16.72 8.42
CA ALA C 72 25.04 -15.41 9.00
C ALA C 72 26.33 -14.67 9.27
N ARG C 73 27.38 -15.41 9.62
CA ARG C 73 28.65 -14.79 9.93
C ARG C 73 29.42 -14.41 8.68
N GLU C 74 29.51 -15.33 7.71
CA GLU C 74 30.18 -15.02 6.45
C GLU C 74 29.66 -13.72 5.88
N GLU C 75 28.33 -13.61 5.80
CA GLU C 75 27.70 -12.38 5.37
C GLU C 75 27.55 -11.48 6.59
N GLN C 76 26.69 -10.48 6.53
CA GLN C 76 26.40 -9.65 7.69
C GLN C 76 24.90 -9.72 7.95
N LYS C 77 24.46 -10.92 8.33
CA LYS C 77 23.07 -11.17 8.62
C LYS C 77 22.90 -11.66 10.04
N THR C 78 21.70 -11.42 10.55
CA THR C 78 21.28 -11.92 11.85
C THR C 78 20.48 -13.20 11.64
N LEU C 79 20.91 -14.28 12.27
CA LEU C 79 20.15 -15.52 12.27
C LEU C 79 19.06 -15.43 13.34
N VAL C 80 17.80 -15.40 12.92
CA VAL C 80 16.69 -15.40 13.86
C VAL C 80 16.15 -16.82 13.95
N VAL C 81 16.30 -17.41 15.13
CA VAL C 81 15.80 -18.73 15.46
C VAL C 81 14.55 -18.54 16.29
N SER C 82 13.40 -18.93 15.77
CA SER C 82 12.15 -18.74 16.47
C SER C 82 11.53 -20.09 16.78
N THR C 83 10.98 -20.22 17.98
CA THR C 83 10.34 -21.47 18.33
C THR C 83 9.02 -21.17 19.04
N ALA C 84 8.34 -22.22 19.49
CA ALA C 84 6.92 -22.09 19.80
C ALA C 84 6.64 -21.34 21.09
N ASN C 85 7.54 -21.40 22.08
CA ASN C 85 7.24 -20.83 23.38
C ASN C 85 8.53 -20.49 24.12
N VAL C 86 8.37 -19.77 25.23
CA VAL C 86 9.50 -19.26 26.02
C VAL C 86 10.31 -20.40 26.61
N ALA C 87 9.68 -21.52 26.93
CA ALA C 87 10.45 -22.63 27.47
C ALA C 87 11.41 -23.18 26.43
N LEU C 88 10.95 -23.32 25.18
CA LEU C 88 11.84 -23.74 24.10
C LEU C 88 12.90 -22.67 23.83
N GLN C 89 12.54 -21.39 23.92
CA GLN C 89 13.55 -20.36 23.79
C GLN C 89 14.65 -20.57 24.81
N ASP C 90 14.26 -20.76 26.08
CA ASP C 90 15.24 -20.98 27.12
C ASP C 90 16.07 -22.22 26.84
N GLN C 91 15.46 -23.29 26.34
CA GLN C 91 16.23 -24.50 26.08
C GLN C 91 17.30 -24.26 25.01
N ILE C 92 16.94 -23.57 23.92
CA ILE C 92 17.96 -23.23 22.94
C ILE C 92 19.03 -22.36 23.59
N TYR C 93 18.62 -21.32 24.28
CA TYR C 93 19.56 -20.37 24.89
C TYR C 93 20.51 -20.89 25.98
N SER C 94 20.02 -21.72 26.88
CA SER C 94 20.83 -22.23 27.97
C SER C 94 21.50 -23.57 27.72
N LYS C 95 21.12 -24.24 26.65
CA LYS C 95 21.67 -25.57 26.37
C LYS C 95 22.40 -25.62 25.03
N ASP C 96 21.71 -25.39 23.91
CA ASP C 96 22.30 -25.68 22.61
C ASP C 96 23.33 -24.62 22.20
N LEU C 97 22.94 -23.36 22.23
CA LEU C 97 23.84 -22.27 21.88
C LEU C 97 25.08 -22.28 22.77
N PRO C 98 24.97 -22.47 24.11
CA PRO C 98 26.21 -22.61 24.87
C PRO C 98 27.07 -23.74 24.34
N LEU C 99 26.45 -24.81 23.85
CA LEU C 99 27.22 -25.98 23.45
C LEU C 99 28.01 -25.73 22.17
N LEU C 100 27.51 -24.90 21.26
CA LEU C 100 28.44 -24.61 20.19
C LEU C 100 29.15 -23.27 20.33
N LYS C 101 28.93 -22.57 21.44
CA LYS C 101 29.75 -21.39 21.78
C LYS C 101 31.17 -21.78 22.21
N LYS C 102 31.36 -22.94 22.85
CA LYS C 102 32.70 -23.47 23.07
C LYS C 102 33.46 -23.57 21.78
N ILE C 103 32.83 -24.14 20.75
CA ILE C 103 33.47 -24.34 19.47
C ILE C 103 33.73 -22.98 18.82
N ILE C 104 32.81 -22.04 19.02
CA ILE C 104 32.93 -20.68 18.48
C ILE C 104 32.93 -19.70 19.64
N PRO C 105 34.03 -19.54 20.39
CA PRO C 105 34.00 -18.71 21.61
C PRO C 105 33.72 -17.22 21.37
N ASP C 106 33.61 -16.78 20.13
CA ASP C 106 33.25 -15.40 19.82
C ASP C 106 31.80 -15.27 19.33
N LEU C 107 31.01 -16.33 19.48
CA LEU C 107 29.61 -16.33 19.08
C LEU C 107 28.78 -15.44 20.00
N LYS C 108 27.92 -14.61 19.40
CA LYS C 108 27.09 -13.66 20.13
C LYS C 108 25.63 -14.02 19.92
N PHE C 109 24.92 -14.34 21.00
CA PHE C 109 23.53 -14.76 20.91
C PHE C 109 22.73 -14.19 22.05
N THR C 110 21.48 -13.83 21.74
CA THR C 110 20.58 -13.21 22.70
C THR C 110 19.20 -13.82 22.49
N ALA C 111 18.31 -13.57 23.43
CA ALA C 111 16.94 -14.00 23.28
C ALA C 111 16.05 -12.77 23.29
N ALA C 112 15.02 -12.79 22.46
CA ALA C 112 14.10 -11.67 22.33
C ALA C 112 12.72 -12.12 22.78
N PHE C 113 12.06 -11.28 23.57
CA PHE C 113 10.74 -11.57 24.11
C PHE C 113 9.88 -10.32 24.00
N GLY C 114 8.57 -10.53 24.10
CA GLY C 114 7.67 -9.40 24.09
C GLY C 114 7.84 -8.50 25.30
N ARG C 115 7.39 -7.26 25.13
CA ARG C 115 7.54 -6.27 26.17
C ARG C 115 6.84 -6.70 27.46
N GLY C 116 5.76 -7.47 27.34
CA GLY C 116 5.01 -7.91 28.49
C GLY C 116 5.78 -8.77 29.47
N ARG C 117 6.90 -9.36 29.05
CA ARG C 117 7.61 -10.26 29.94
C ARG C 117 8.70 -9.56 30.75
N TYR C 118 8.83 -8.24 30.60
CA TYR C 118 9.87 -7.48 31.25
C TYR C 118 9.26 -6.67 32.39
N VAL C 119 9.97 -6.58 33.50
CA VAL C 119 9.53 -5.75 34.60
C VAL C 119 9.86 -4.30 34.28
N CYS C 120 8.98 -3.39 34.68
CA CYS C 120 9.27 -1.97 34.60
C CYS C 120 10.01 -1.55 35.86
N PRO C 121 11.28 -1.12 35.78
CA PRO C 121 12.02 -0.78 37.01
C PRO C 121 11.33 0.26 37.88
N ARG C 122 10.63 1.21 37.28
CA ARG C 122 9.84 2.17 38.04
C ARG C 122 8.79 1.48 38.92
N ASN C 123 7.99 0.60 38.32
CA ASN C 123 6.94 -0.09 39.06
C ASN C 123 7.54 -0.96 40.18
N LEU C 124 8.63 -1.67 39.89
CA LEU C 124 9.28 -2.46 40.90
C LEU C 124 9.75 -1.60 42.07
N THR C 125 10.42 -0.48 41.76
CA THR C 125 10.85 0.46 42.80
C THR C 125 9.66 0.95 43.63
N ALA C 126 8.56 1.36 42.98
CA ALA C 126 7.40 1.78 43.73
C ALA C 126 6.90 0.69 44.66
N LEU C 127 6.77 -0.53 44.15
CA LEU C 127 6.18 -1.59 44.96
C LEU C 127 7.08 -2.00 46.11
N ALA C 128 8.39 -1.95 45.93
CA ALA C 128 9.35 -2.36 46.96
C ALA C 128 9.62 -1.26 47.98
N SER C 129 9.52 0.02 47.60
CA SER C 129 9.95 1.11 48.47
C SER C 129 8.78 1.88 49.08
N THR C 130 7.57 1.39 48.93
CA THR C 130 6.37 2.09 49.39
C THR C 130 5.55 1.15 50.25
N GLU C 131 5.31 1.57 51.50
CA GLU C 131 4.50 0.75 52.39
C GLU C 131 3.08 0.64 51.87
N PRO C 132 2.42 -0.47 52.10
CA PRO C 132 0.97 -0.53 51.87
C PRO C 132 0.29 0.66 52.52
N THR C 133 -0.53 1.35 51.74
CA THR C 133 -1.36 2.42 52.27
C THR C 133 -2.51 1.82 53.07
N GLN C 134 -2.82 2.44 54.21
CA GLN C 134 -4.09 2.13 54.86
C GLN C 134 -5.18 2.89 54.15
N GLN C 135 -6.41 2.37 54.23
CA GLN C 135 -7.50 2.87 53.41
C GLN C 135 -7.75 4.35 53.65
N ASP C 136 -7.20 5.16 52.75
CA ASP C 136 -7.35 6.60 52.75
C ASP C 136 -7.73 7.00 51.33
N LEU C 137 -8.70 7.91 51.19
CA LEU C 137 -9.18 8.28 49.86
C LEU C 137 -8.11 9.00 49.08
N LEU C 138 -7.46 9.98 49.70
CA LEU C 138 -6.26 10.56 49.10
C LEU C 138 -5.33 9.49 48.53
N ALA C 139 -5.11 8.40 49.28
CA ALA C 139 -4.38 7.27 48.69
C ALA C 139 -5.18 6.64 47.56
N PHE C 140 -6.48 6.45 47.76
CA PHE C 140 -7.31 5.87 46.72
C PHE C 140 -7.40 6.71 45.45
N LEU C 141 -7.52 8.02 45.62
CA LEU C 141 -7.62 8.92 44.48
C LEU C 141 -6.36 8.93 43.62
N ASP C 142 -5.21 8.87 44.28
CA ASP C 142 -3.93 8.83 43.57
C ASP C 142 -3.77 7.52 42.82
N ASP C 143 -4.13 6.40 43.45
CA ASP C 143 -3.89 5.09 42.87
C ASP C 143 -2.45 4.97 42.41
N GLU C 144 -1.54 5.46 43.24
CA GLU C 144 -0.15 5.11 43.08
C GLU C 144 0.03 3.62 43.38
N LEU C 145 1.02 3.03 42.73
CA LEU C 145 1.34 1.63 43.01
C LEU C 145 1.76 1.49 44.46
N THR C 146 1.02 0.65 45.18
CA THR C 146 1.16 0.35 46.57
C THR C 146 1.01 -1.16 46.66
N PRO C 147 1.91 -1.83 47.35
CA PRO C 147 1.77 -3.28 47.52
C PRO C 147 0.60 -3.57 48.44
N ASN C 148 -0.27 -4.46 48.00
CA ASN C 148 -1.46 -4.85 48.76
C ASN C 148 -1.15 -5.12 50.23
N ASN C 149 0.02 -5.68 50.53
CA ASN C 149 0.41 -5.92 51.91
C ASN C 149 1.94 -5.79 52.04
N GLN C 150 2.48 -6.17 53.20
CA GLN C 150 3.92 -6.08 53.45
C GLN C 150 4.69 -7.27 52.87
N GLU C 151 4.13 -8.48 52.97
CA GLU C 151 4.74 -9.64 52.31
C GLU C 151 5.06 -9.32 50.84
N GLU C 152 4.10 -8.71 50.14
CA GLU C 152 4.29 -8.35 48.74
C GLU C 152 5.39 -7.30 48.57
N GLN C 153 5.46 -6.35 49.49
CA GLN C 153 6.52 -5.35 49.42
C GLN C 153 7.90 -6.00 49.58
N LYS C 154 8.06 -6.85 50.60
CA LYS C 154 9.33 -7.54 50.78
C LYS C 154 9.71 -8.30 49.52
N ARG C 155 8.74 -8.98 48.90
CA ARG C 155 9.09 -9.78 47.74
C ARG C 155 9.48 -8.92 46.55
N CYS C 156 8.78 -7.79 46.33
CA CYS C 156 9.27 -6.85 45.33
C CYS C 156 10.66 -6.32 45.67
N ALA C 157 10.97 -6.22 46.95
CA ALA C 157 12.29 -5.75 47.35
C ALA C 157 13.37 -6.77 46.99
N LYS C 158 13.10 -8.07 47.18
CA LYS C 158 14.13 -9.04 46.80
C LYS C 158 14.21 -9.18 45.28
N LEU C 159 13.09 -9.01 44.57
CA LEU C 159 13.17 -8.90 43.12
C LEU C 159 14.04 -7.73 42.69
N LYS C 160 13.87 -6.57 43.33
CA LYS C 160 14.71 -5.43 42.98
C LYS C 160 16.16 -5.69 43.34
N GLY C 161 16.41 -6.31 44.50
CA GLY C 161 17.77 -6.64 44.88
C GLY C 161 18.44 -7.55 43.86
N ASP C 162 17.75 -8.60 43.43
CA ASP C 162 18.31 -9.48 42.41
C ASP C 162 18.47 -8.76 41.07
N LEU C 163 17.58 -7.83 40.76
CA LEU C 163 17.73 -7.04 39.54
C LEU C 163 19.02 -6.22 39.59
N ASP C 164 19.16 -5.40 40.63
CA ASP C 164 20.27 -4.45 40.69
C ASP C 164 21.60 -5.13 40.99
N THR C 165 21.58 -6.31 41.60
CA THR C 165 22.77 -7.13 41.78
C THR C 165 23.12 -7.92 40.50
N TYR C 166 22.34 -7.71 39.42
CA TYR C 166 22.43 -8.43 38.13
C TYR C 166 22.21 -9.93 38.23
N LYS C 167 21.52 -10.35 39.27
CA LYS C 167 21.19 -11.73 39.48
C LYS C 167 19.87 -12.10 38.83
N TRP C 168 19.10 -11.09 38.38
CA TRP C 168 17.87 -11.35 37.63
C TRP C 168 17.88 -10.45 36.41
N ASP C 169 17.60 -11.03 35.24
CA ASP C 169 17.65 -10.27 33.98
C ASP C 169 16.42 -9.38 33.79
N GLY C 170 15.38 -9.55 34.60
CA GLY C 170 14.17 -8.76 34.50
C GLY C 170 13.03 -9.45 33.77
N LEU C 171 13.23 -10.67 33.30
CA LEU C 171 12.18 -11.41 32.59
C LEU C 171 11.36 -12.22 33.58
N ARG C 172 10.03 -12.18 33.41
CA ARG C 172 9.12 -12.96 34.25
C ARG C 172 9.60 -14.39 34.42
N ASP C 173 10.09 -15.01 33.34
CA ASP C 173 10.43 -16.42 33.29
C ASP C 173 11.82 -16.74 33.84
N HIS C 174 12.59 -15.75 34.28
CA HIS C 174 13.99 -15.98 34.58
C HIS C 174 14.34 -15.59 36.02
N THR C 175 13.39 -15.82 36.93
CA THR C 175 13.58 -15.66 38.37
C THR C 175 12.73 -16.72 39.06
N ASP C 176 13.15 -17.14 40.25
CA ASP C 176 12.44 -18.20 40.93
C ASP C 176 11.47 -17.68 41.99
N ILE C 177 11.36 -16.37 42.12
CA ILE C 177 10.41 -15.78 43.04
C ILE C 177 9.04 -15.82 42.40
N ALA C 178 8.06 -16.38 43.11
CA ALA C 178 6.71 -16.50 42.57
C ALA C 178 6.10 -15.12 42.32
N ILE C 179 5.34 -15.00 41.23
CA ILE C 179 4.66 -13.77 40.86
C ILE C 179 3.32 -14.14 40.24
N ASP C 180 2.22 -13.77 40.89
CA ASP C 180 0.94 -14.02 40.27
C ASP C 180 0.66 -13.00 39.16
N ASP C 181 -0.37 -13.28 38.38
CA ASP C 181 -0.67 -12.48 37.19
C ASP C 181 -1.03 -11.05 37.56
N ASP C 182 -1.68 -10.86 38.70
CA ASP C 182 -2.01 -9.52 39.17
C ASP C 182 -0.74 -8.72 39.43
N LEU C 183 0.18 -9.31 40.20
CA LEU C 183 1.41 -8.63 40.54
C LEU C 183 2.28 -8.40 39.32
N TRP C 184 2.35 -9.38 38.42
CA TRP C 184 3.11 -9.13 37.20
C TRP C 184 2.43 -8.06 36.34
N ARG C 185 1.11 -7.98 36.38
CA ARG C 185 0.43 -6.92 35.65
C ARG C 185 0.84 -5.56 36.18
N ARG C 186 1.03 -5.45 37.50
CA ARG C 186 1.47 -4.16 38.03
C ARG C 186 2.98 -3.93 37.85
N LEU C 187 3.79 -4.99 37.86
CA LEU C 187 5.24 -4.84 37.75
C LEU C 187 5.68 -4.42 36.36
N SER C 188 4.88 -4.68 35.33
CA SER C 188 5.31 -4.49 33.96
C SER C 188 4.58 -3.31 33.31
N THR C 189 5.17 -2.82 32.24
CA THR C 189 4.71 -1.62 31.53
C THR C 189 3.62 -1.93 30.49
N CYS C 205 16.92 -0.28 31.66
CA CYS C 205 15.61 -0.93 31.59
C CYS C 205 15.76 -2.24 30.82
N PRO C 206 15.46 -3.36 31.49
CA PRO C 206 15.81 -4.68 30.93
C PRO C 206 15.33 -4.90 29.50
N PHE C 207 14.16 -4.38 29.15
CA PHE C 207 13.62 -4.59 27.82
C PHE C 207 14.51 -3.95 26.75
N PHE C 208 14.97 -2.73 27.00
CA PHE C 208 15.82 -2.03 26.04
C PHE C 208 17.21 -2.64 25.96
N VAL C 209 17.72 -3.18 27.08
CA VAL C 209 18.98 -3.94 27.05
C VAL C 209 18.85 -5.15 26.13
N ALA C 210 17.73 -5.87 26.23
CA ALA C 210 17.50 -7.00 25.34
C ALA C 210 17.45 -6.57 23.88
N ARG C 211 16.72 -5.49 23.58
CA ARG C 211 16.64 -5.03 22.19
C ARG C 211 18.01 -4.62 21.65
N ARG C 212 18.77 -3.86 22.44
CA ARG C 212 20.13 -3.52 22.04
C ARG C 212 20.94 -4.77 21.74
N GLU C 213 20.82 -5.80 22.57
CA GLU C 213 21.52 -7.05 22.27
C GLU C 213 21.08 -7.63 20.94
N ILE C 214 19.81 -7.46 20.57
CA ILE C 214 19.37 -7.87 19.23
C ILE C 214 20.18 -7.16 18.16
N GLN C 215 20.53 -5.89 18.40
CA GLN C 215 21.15 -5.12 17.31
C GLN C 215 22.46 -5.75 16.82
N GLU C 216 23.32 -6.27 17.70
CA GLU C 216 24.57 -6.86 17.22
C GLU C 216 24.70 -8.37 17.52
N ALA C 217 23.62 -9.07 17.81
CA ALA C 217 23.73 -10.50 18.04
C ALA C 217 23.80 -11.26 16.72
N GLU C 218 24.59 -12.34 16.70
CA GLU C 218 24.63 -13.20 15.52
C GLU C 218 23.47 -14.18 15.48
N VAL C 219 22.94 -14.54 16.65
CA VAL C 219 21.77 -15.38 16.78
C VAL C 219 20.80 -14.69 17.74
N VAL C 220 19.56 -14.52 17.31
CA VAL C 220 18.48 -13.99 18.13
C VAL C 220 17.44 -15.09 18.27
N VAL C 221 17.14 -15.47 19.51
CA VAL C 221 16.23 -16.57 19.81
C VAL C 221 14.89 -15.97 20.21
N ALA C 222 13.88 -16.20 19.39
CA ALA C 222 12.57 -15.56 19.48
C ALA C 222 11.47 -16.63 19.59
N ASN C 223 10.24 -16.18 19.70
CA ASN C 223 9.11 -17.08 19.50
C ASN C 223 8.27 -16.59 18.33
N HIS C 224 7.29 -17.41 17.95
CA HIS C 224 6.55 -17.15 16.72
C HIS C 224 5.66 -15.92 16.83
N ALA C 225 5.06 -15.72 18.01
CA ALA C 225 4.28 -14.51 18.25
C ALA C 225 5.13 -13.25 18.07
N LEU C 226 6.36 -13.28 18.55
CA LEU C 226 7.20 -12.10 18.43
C LEU C 226 7.65 -11.87 16.99
N VAL C 227 7.86 -12.95 16.22
CA VAL C 227 8.17 -12.80 14.81
C VAL C 227 6.98 -12.19 14.08
N MET C 228 5.77 -12.69 14.37
CA MET C 228 4.60 -12.14 13.70
C MET C 228 4.47 -10.64 13.98
N ALA C 229 4.55 -10.26 15.26
CA ALA C 229 4.47 -8.86 15.62
C ALA C 229 5.59 -8.04 14.96
N ALA C 230 6.81 -8.58 14.93
CA ALA C 230 7.93 -7.91 14.27
C ALA C 230 7.65 -7.67 12.80
N MET C 231 6.90 -8.58 12.17
CA MET C 231 6.58 -8.41 10.77
C MET C 231 5.54 -7.32 10.56
N GLU C 232 4.56 -7.18 11.46
CA GLU C 232 3.61 -6.09 11.24
C GLU C 232 4.04 -4.77 11.86
N SER C 233 4.52 -4.77 13.10
CA SER C 233 5.06 -3.56 13.74
C SER C 233 6.58 -3.61 13.57
N GLU C 234 7.07 -2.99 12.51
CA GLU C 234 8.43 -3.29 12.05
C GLU C 234 9.52 -2.62 12.89
N ALA C 235 9.70 -3.08 14.13
CA ALA C 235 10.66 -2.47 15.05
C ALA C 235 11.39 -3.44 15.94
N VAL C 236 10.92 -4.67 16.11
CA VAL C 236 11.64 -5.55 17.04
C VAL C 236 12.84 -6.17 16.36
N LEU C 237 12.74 -6.55 15.10
CA LEU C 237 13.84 -7.20 14.42
C LEU C 237 14.52 -6.25 13.45
N PRO C 238 15.74 -6.59 12.98
CA PRO C 238 16.39 -5.76 11.96
C PRO C 238 15.65 -5.82 10.62
N ASP C 239 16.20 -5.15 9.60
CA ASP C 239 15.60 -5.17 8.28
C ASP C 239 15.43 -6.61 7.82
N PRO C 240 14.23 -7.04 7.44
CA PRO C 240 14.03 -8.43 7.00
C PRO C 240 15.02 -8.88 5.93
N LYS C 241 15.44 -7.98 5.02
CA LYS C 241 16.36 -8.37 3.96
C LYS C 241 17.68 -8.90 4.51
N ASN C 242 18.07 -8.48 5.72
CA ASN C 242 19.32 -8.96 6.31
C ASN C 242 19.09 -10.05 7.34
N LEU C 243 18.01 -10.83 7.22
CA LEU C 243 17.72 -11.87 8.19
C LEU C 243 17.83 -13.27 7.58
N LEU C 244 18.39 -14.19 8.36
CA LEU C 244 18.20 -15.62 8.18
C LEU C 244 17.18 -16.08 9.23
N LEU C 245 16.13 -16.75 8.79
CA LEU C 245 15.03 -17.09 9.69
C LEU C 245 14.81 -18.60 9.71
N VAL C 246 14.91 -19.19 10.90
CA VAL C 246 14.51 -20.58 11.14
C VAL C 246 13.31 -20.56 12.08
N LEU C 247 12.29 -21.33 11.71
CA LEU C 247 11.05 -21.46 12.44
C LEU C 247 11.00 -22.89 12.96
N ASP C 248 11.66 -23.09 14.09
CA ASP C 248 11.62 -24.37 14.78
C ASP C 248 10.23 -24.57 15.33
N GLU C 249 9.79 -25.82 15.40
CA GLU C 249 8.40 -26.16 15.68
C GLU C 249 7.46 -25.33 14.79
N GLY C 250 7.78 -25.29 13.50
CA GLY C 250 7.04 -24.49 12.54
C GLY C 250 5.60 -24.93 12.29
N HIS C 251 5.22 -26.13 12.73
CA HIS C 251 3.84 -26.52 12.48
C HIS C 251 2.85 -25.66 13.26
N HIS C 252 3.34 -24.79 14.13
CA HIS C 252 2.47 -23.87 14.84
C HIS C 252 2.23 -22.58 14.09
N LEU C 253 2.93 -22.34 12.97
CA LEU C 253 2.93 -21.00 12.39
C LEU C 253 1.55 -20.51 11.97
N PRO C 254 0.75 -21.25 11.17
CA PRO C 254 -0.57 -20.70 10.79
C PRO C 254 -1.40 -20.27 11.99
N ASP C 255 -1.52 -21.13 13.01
CA ASP C 255 -2.24 -20.77 14.23
C ASP C 255 -1.73 -19.46 14.83
N VAL C 256 -0.43 -19.40 15.11
CA VAL C 256 0.17 -18.15 15.59
C VAL C 256 -0.25 -17.01 14.67
N ALA C 257 -0.04 -17.21 13.37
CA ALA C 257 -0.39 -16.20 12.38
C ALA C 257 -1.85 -15.79 12.54
N ARG C 258 -2.74 -16.79 12.53
CA ARG C 258 -4.16 -16.47 12.66
C ARG C 258 -4.39 -15.68 13.93
N ASP C 259 -3.84 -16.15 15.04
CA ASP C 259 -4.09 -15.47 16.30
C ASP C 259 -3.56 -14.05 16.27
N ALA C 260 -2.40 -13.84 15.66
CA ALA C 260 -1.84 -12.51 15.61
C ALA C 260 -2.64 -11.59 14.70
N LEU C 261 -3.33 -12.13 13.70
CA LEU C 261 -3.94 -11.28 12.70
C LEU C 261 -5.39 -10.94 13.04
N GLU C 262 -5.92 -11.51 14.12
CA GLU C 262 -7.22 -11.10 14.59
C GLU C 262 -7.19 -9.63 14.92
N MET C 263 -8.19 -8.92 14.43
CA MET C 263 -8.37 -7.49 14.68
C MET C 263 -9.61 -7.31 15.53
N SER C 264 -9.52 -6.45 16.55
CA SER C 264 -10.69 -6.09 17.32
C SER C 264 -10.64 -4.60 17.60
N ALA C 265 -11.82 -3.99 17.72
CA ALA C 265 -11.91 -2.57 18.07
C ALA C 265 -13.22 -2.30 18.79
N GLU C 266 -13.16 -1.38 19.74
CA GLU C 266 -14.34 -0.98 20.49
C GLU C 266 -15.26 -0.14 19.61
N ILE C 267 -16.57 -0.30 19.81
CA ILE C 267 -17.53 0.43 19.00
C ILE C 267 -18.66 0.93 19.88
N THR C 268 -18.47 0.84 21.19
CA THR C 268 -19.44 1.41 22.13
C THR C 268 -19.79 2.83 21.71
N ALA C 269 -21.08 3.06 21.47
CA ALA C 269 -21.50 4.33 20.88
C ALA C 269 -21.14 5.53 21.75
N PRO C 270 -21.44 5.58 23.04
CA PRO C 270 -21.04 6.77 23.83
C PRO C 270 -19.53 6.98 23.82
N TRP C 271 -18.77 5.90 24.06
CA TRP C 271 -17.32 5.96 23.99
C TRP C 271 -16.86 6.53 22.65
N TYR C 272 -17.50 6.08 21.56
CA TYR C 272 -17.09 6.52 20.23
C TYR C 272 -17.39 8.00 20.02
N ARG C 273 -18.55 8.47 20.50
CA ARG C 273 -18.85 9.89 20.46
C ARG C 273 -17.78 10.68 21.22
N LEU C 274 -17.37 10.18 22.38
CA LEU C 274 -16.30 10.84 23.13
C LEU C 274 -15.02 10.92 22.31
N GLN C 275 -14.62 9.80 21.70
CA GLN C 275 -13.35 9.79 20.97
C GLN C 275 -13.39 10.75 19.80
N LEU C 276 -14.50 10.81 19.07
CA LEU C 276 -14.57 11.72 17.93
C LEU C 276 -14.58 13.17 18.40
N ASP C 277 -15.30 13.50 19.48
CA ASP C 277 -15.26 14.85 20.02
C ASP C 277 -13.84 15.26 20.41
N LEU C 278 -13.12 14.37 21.10
CA LEU C 278 -11.75 14.70 21.45
C LEU C 278 -10.88 14.89 20.21
N PHE C 279 -11.02 14.01 19.21
CA PHE C 279 -10.16 14.15 18.05
C PHE C 279 -10.44 15.46 17.32
N THR C 280 -11.71 15.81 17.16
CA THR C 280 -12.09 17.10 16.57
C THR C 280 -11.43 18.24 17.32
N LYS C 281 -11.64 18.32 18.64
CA LYS C 281 -11.06 19.42 19.41
C LYS C 281 -9.54 19.41 19.32
N LEU C 282 -8.96 18.23 19.17
CA LEU C 282 -7.50 18.13 19.13
C LEU C 282 -6.98 18.67 17.80
N VAL C 283 -7.59 18.27 16.69
CA VAL C 283 -7.23 18.81 15.39
C VAL C 283 -7.37 20.33 15.39
N ALA C 284 -8.50 20.85 15.89
CA ALA C 284 -8.67 22.30 15.89
C ALA C 284 -7.58 23.01 16.70
N THR C 285 -7.21 22.43 17.84
CA THR C 285 -6.19 23.06 18.67
C THR C 285 -4.83 23.03 17.97
N CYS C 286 -4.51 21.93 17.28
CA CYS C 286 -3.31 21.88 16.45
C CYS C 286 -3.34 22.97 15.40
N MET C 287 -4.47 23.11 14.71
CA MET C 287 -4.62 24.14 13.71
C MET C 287 -4.33 25.51 14.28
N GLU C 288 -4.90 25.81 15.44
CA GLU C 288 -4.85 27.17 15.93
C GLU C 288 -3.47 27.49 16.51
N GLN C 289 -2.75 26.49 17.04
CA GLN C 289 -1.50 26.78 17.74
C GLN C 289 -0.24 26.32 17.01
N PHE C 290 -0.31 25.28 16.17
CA PHE C 290 0.85 24.88 15.38
C PHE C 290 0.41 24.55 13.95
N ARG C 291 -0.20 25.52 13.30
CA ARG C 291 -0.77 25.29 11.98
C ARG C 291 0.26 24.69 11.03
N PRO C 292 -0.04 23.57 10.39
CA PRO C 292 0.85 23.08 9.35
C PRO C 292 0.74 24.01 8.16
N LYS C 293 1.87 24.24 7.48
CA LYS C 293 1.83 25.22 6.40
C LYS C 293 0.99 24.76 5.21
N THR C 294 0.56 23.49 5.19
CA THR C 294 -0.45 23.00 4.25
C THR C 294 -1.61 22.40 5.04
N ILE C 295 -2.82 22.89 4.77
CA ILE C 295 -4.00 22.38 5.46
C ILE C 295 -4.56 21.18 4.69
N PRO C 296 -4.75 20.04 5.33
CA PRO C 296 -5.45 18.94 4.67
C PRO C 296 -6.93 19.26 4.63
N PRO C 297 -7.60 19.00 3.51
CA PRO C 297 -9.04 19.29 3.45
C PRO C 297 -9.80 18.77 4.65
N LEU C 298 -9.52 17.53 5.10
CA LEU C 298 -10.33 16.95 6.15
C LEU C 298 -10.16 17.69 7.45
N ALA C 299 -9.12 18.50 7.56
CA ALA C 299 -8.90 19.19 8.83
C ALA C 299 -9.67 20.48 8.90
N ILE C 300 -10.34 20.88 7.82
CA ILE C 300 -11.24 22.04 7.86
C ILE C 300 -12.43 21.72 8.76
N PRO C 301 -12.79 22.61 9.69
CA PRO C 301 -13.75 22.22 10.75
C PRO C 301 -15.11 21.77 10.23
N GLU C 302 -15.69 22.49 9.27
CA GLU C 302 -16.98 22.08 8.72
C GLU C 302 -16.91 20.65 8.18
N ARG C 303 -15.79 20.31 7.51
CA ARG C 303 -15.66 18.99 6.93
C ARG C 303 -15.30 17.93 7.97
N LEU C 304 -14.42 18.25 8.92
CA LEU C 304 -14.09 17.25 9.93
C LEU C 304 -15.31 16.93 10.79
N ASN C 305 -16.14 17.95 11.08
CA ASN C 305 -17.36 17.72 11.82
C ASN C 305 -18.36 16.89 11.00
N ALA C 306 -18.60 17.24 9.73
CA ALA C 306 -19.49 16.40 8.93
C ALA C 306 -19.01 14.95 8.89
N HIS C 307 -17.70 14.77 8.69
CA HIS C 307 -17.10 13.45 8.64
C HIS C 307 -17.36 12.69 9.93
N CYS C 308 -17.04 13.31 11.07
CA CYS C 308 -17.20 12.61 12.34
C CYS C 308 -18.67 12.36 12.65
N GLU C 309 -19.58 13.24 12.24
CA GLU C 309 -20.99 12.98 12.47
C GLU C 309 -21.44 11.76 11.69
N GLU C 310 -21.13 11.70 10.39
CA GLU C 310 -21.50 10.52 9.61
C GLU C 310 -20.96 9.26 10.24
N LEU C 311 -19.67 9.26 10.61
CA LEU C 311 -19.05 8.11 11.26
C LEU C 311 -19.84 7.72 12.52
N TYR C 312 -20.11 8.69 13.39
CA TYR C 312 -20.82 8.37 14.63
C TYR C 312 -22.19 7.78 14.34
N GLU C 313 -22.94 8.35 13.38
CA GLU C 313 -24.26 7.82 13.07
C GLU C 313 -24.16 6.38 12.61
N LEU C 314 -23.15 6.06 11.82
CA LEU C 314 -22.98 4.66 11.42
C LEU C 314 -22.67 3.77 12.61
N ILE C 315 -21.89 4.26 13.56
CA ILE C 315 -21.55 3.45 14.73
C ILE C 315 -22.78 3.23 15.61
N ALA C 316 -23.62 4.26 15.77
CA ALA C 316 -24.85 4.10 16.53
C ALA C 316 -25.75 3.07 15.86
N SER C 317 -25.92 3.19 14.55
CA SER C 317 -26.75 2.21 13.87
C SER C 317 -26.20 0.81 14.07
N LEU C 318 -24.89 0.62 13.89
CA LEU C 318 -24.29 -0.69 14.11
C LEU C 318 -24.55 -1.17 15.53
N ASN C 319 -24.47 -0.26 16.51
CA ASN C 319 -24.77 -0.62 17.89
C ASN C 319 -26.20 -1.15 18.02
N ASN C 320 -27.16 -0.48 17.38
CA ASN C 320 -28.54 -0.95 17.47
C ASN C 320 -28.68 -2.33 16.85
N ILE C 321 -28.19 -2.48 15.61
CA ILE C 321 -28.27 -3.75 14.88
C ILE C 321 -27.68 -4.88 15.71
N LEU C 322 -26.45 -4.69 16.21
CA LEU C 322 -25.80 -5.74 17.01
C LEU C 322 -26.56 -6.01 18.29
N ASN C 323 -27.06 -4.95 18.94
CA ASN C 323 -27.87 -5.14 20.15
C ASN C 323 -29.12 -5.98 19.85
N LEU C 324 -29.59 -6.00 18.61
CA LEU C 324 -30.68 -6.93 18.30
C LEU C 324 -30.24 -8.40 18.35
N TYR C 325 -28.94 -8.69 18.26
CA TYR C 325 -28.49 -10.08 18.24
C TYR C 325 -28.07 -10.61 19.59
N MET C 326 -27.97 -9.79 20.61
CA MET C 326 -27.33 -10.25 21.83
C MET C 326 -28.27 -10.16 23.03
N PRO C 327 -28.12 -11.08 23.99
CA PRO C 327 -28.97 -11.07 25.19
C PRO C 327 -29.00 -9.70 25.85
N ALA C 328 -30.16 -9.35 26.40
CA ALA C 328 -30.51 -7.97 26.74
C ALA C 328 -29.67 -7.42 27.89
N GLY C 329 -28.97 -6.33 27.62
CA GLY C 329 -28.18 -5.60 28.61
C GLY C 329 -27.30 -6.41 29.55
N GLN C 330 -26.38 -7.20 28.98
CA GLN C 330 -25.58 -8.13 29.76
C GLN C 330 -24.37 -8.50 28.93
N GLU C 331 -23.43 -9.18 29.56
CA GLU C 331 -22.31 -9.79 28.84
C GLU C 331 -22.82 -10.77 27.82
N ALA C 332 -22.37 -10.63 26.58
CA ALA C 332 -23.01 -11.37 25.49
C ALA C 332 -22.01 -11.52 24.34
N GLU C 333 -22.44 -12.24 23.32
CA GLU C 333 -21.62 -12.57 22.17
C GLU C 333 -22.58 -12.84 21.02
N HIS C 334 -22.17 -12.47 19.82
CA HIS C 334 -22.88 -12.92 18.63
C HIS C 334 -21.90 -13.15 17.50
N ARG C 335 -21.99 -14.34 16.92
CA ARG C 335 -21.12 -14.77 15.83
C ARG C 335 -21.94 -14.90 14.56
N PHE C 336 -21.42 -14.39 13.45
CA PHE C 336 -22.11 -14.45 12.19
C PHE C 336 -21.68 -15.71 11.45
N ALA C 337 -22.64 -16.58 11.16
CA ALA C 337 -22.35 -17.83 10.49
C ALA C 337 -21.66 -17.58 9.16
N MET C 338 -20.72 -18.46 8.83
CA MET C 338 -19.95 -18.42 7.60
C MET C 338 -19.20 -17.12 7.42
N GLY C 339 -19.10 -16.32 8.48
CA GLY C 339 -18.53 -15.00 8.35
C GLY C 339 -19.27 -14.12 7.37
N GLU C 340 -20.56 -14.37 7.17
CA GLU C 340 -21.36 -13.59 6.25
C GLU C 340 -22.30 -12.70 7.05
N LEU C 341 -22.14 -11.44 6.89
CA LEU C 341 -22.86 -10.35 7.52
C LEU C 341 -24.15 -10.05 6.77
N PRO C 342 -25.19 -9.65 7.48
CA PRO C 342 -26.37 -9.10 6.81
C PRO C 342 -25.99 -7.88 5.98
N ASP C 343 -26.67 -7.72 4.85
CA ASP C 343 -26.26 -6.75 3.84
C ASP C 343 -26.15 -5.34 4.42
N GLU C 344 -27.06 -4.96 5.32
CA GLU C 344 -26.95 -3.64 5.92
C GLU C 344 -25.68 -3.50 6.74
N VAL C 345 -25.32 -4.55 7.47
CA VAL C 345 -24.10 -4.50 8.27
C VAL C 345 -22.87 -4.45 7.38
N LEU C 346 -22.89 -5.19 6.27
CA LEU C 346 -21.78 -5.09 5.32
C LEU C 346 -21.64 -3.67 4.79
N GLU C 347 -22.77 -3.05 4.40
CA GLU C 347 -22.75 -1.66 3.92
C GLU C 347 -22.15 -0.73 4.97
N ILE C 348 -22.61 -0.86 6.21
CA ILE C 348 -22.07 -0.07 7.30
C ILE C 348 -20.58 -0.31 7.46
N CYS C 349 -20.14 -1.57 7.43
CA CYS C 349 -18.71 -1.84 7.62
C CYS C 349 -17.86 -1.22 6.52
N GLN C 350 -18.32 -1.28 5.26
CA GLN C 350 -17.55 -0.67 4.18
C GLN C 350 -17.43 0.84 4.37
N ARG C 351 -18.53 1.50 4.72
CA ARG C 351 -18.45 2.93 4.97
C ARG C 351 -17.54 3.23 6.16
N LEU C 352 -17.64 2.44 7.23
CA LEU C 352 -16.76 2.63 8.38
C LEU C 352 -15.31 2.47 8.00
N ALA C 353 -15.00 1.52 7.09
CA ALA C 353 -13.62 1.34 6.67
C ALA C 353 -13.10 2.59 6.01
N LYS C 354 -13.88 3.17 5.09
CA LYS C 354 -13.43 4.41 4.47
C LYS C 354 -13.25 5.52 5.51
N LEU C 355 -14.27 5.76 6.33
CA LEU C 355 -14.24 6.91 7.24
C LEU C 355 -13.10 6.80 8.25
N THR C 356 -12.91 5.61 8.83
CA THR C 356 -11.85 5.49 9.82
C THR C 356 -10.48 5.50 9.17
N GLU C 357 -10.36 4.98 7.95
CA GLU C 357 -9.06 5.08 7.27
C GLU C 357 -8.70 6.53 7.00
N MET C 358 -9.67 7.34 6.56
CA MET C 358 -9.40 8.76 6.37
C MET C 358 -8.98 9.43 7.67
N LEU C 359 -9.69 9.14 8.76
CA LEU C 359 -9.30 9.77 10.03
C LEU C 359 -7.93 9.29 10.47
N ARG C 360 -7.62 8.02 10.23
CA ARG C 360 -6.28 7.52 10.54
C ARG C 360 -5.22 8.28 9.77
N GLY C 361 -5.43 8.48 8.47
CA GLY C 361 -4.48 9.25 7.68
C GLY C 361 -4.33 10.67 8.18
N LEU C 362 -5.44 11.31 8.58
CA LEU C 362 -5.33 12.68 9.07
C LEU C 362 -4.52 12.72 10.36
N ALA C 363 -4.79 11.79 11.29
CA ALA C 363 -4.02 11.75 12.53
C ALA C 363 -2.55 11.51 12.25
N GLU C 364 -2.24 10.62 11.30
CA GLU C 364 -0.85 10.38 10.93
C GLU C 364 -0.19 11.64 10.38
N LEU C 365 -0.87 12.30 9.45
CA LEU C 365 -0.34 13.54 8.87
C LEU C 365 -0.01 14.56 9.96
N PHE C 366 -0.96 14.79 10.87
CA PHE C 366 -0.73 15.78 11.92
C PHE C 366 0.39 15.35 12.86
N LEU C 367 0.44 14.06 13.21
CA LEU C 367 1.54 13.57 14.04
C LEU C 367 2.87 13.84 13.38
N ASN C 368 2.95 13.58 12.07
CA ASN C 368 4.19 13.85 11.34
C ASN C 368 4.54 15.32 11.38
N ASP C 369 3.55 16.21 11.24
CA ASP C 369 3.83 17.65 11.18
C ASP C 369 4.26 18.18 12.54
N LEU C 370 3.49 17.92 13.61
CA LEU C 370 3.90 18.27 14.96
C LEU C 370 5.27 17.70 15.29
N SER C 371 5.50 16.44 14.92
CA SER C 371 6.75 15.76 15.24
C SER C 371 7.93 16.43 14.55
N GLU C 372 7.81 16.77 13.27
CA GLU C 372 8.92 17.47 12.61
C GLU C 372 9.11 18.89 13.18
N LYS C 373 8.06 19.50 13.70
CA LYS C 373 8.19 20.77 14.41
C LYS C 373 9.07 20.58 15.64
N ASP C 378 8.22 25.18 21.51
CA ASP C 378 7.25 25.24 22.59
C ASP C 378 7.04 23.85 23.18
N ILE C 379 8.06 23.36 23.87
CA ILE C 379 8.29 21.91 23.99
C ILE C 379 7.20 21.26 24.83
N VAL C 380 6.83 21.86 25.97
CA VAL C 380 5.96 21.15 26.89
C VAL C 380 4.55 20.99 26.30
N ARG C 381 3.93 22.11 25.89
CA ARG C 381 2.58 22.06 25.34
C ARG C 381 2.53 21.21 24.06
N LEU C 382 3.54 21.36 23.20
CA LEU C 382 3.60 20.62 21.94
C LEU C 382 3.82 19.12 22.17
N HIS C 383 4.72 18.75 23.09
CA HIS C 383 4.87 17.35 23.47
C HIS C 383 3.53 16.76 23.92
N ARG C 384 2.81 17.49 24.78
CA ARG C 384 1.48 17.04 25.17
C ARG C 384 0.60 16.77 23.95
N LEU C 385 0.52 17.72 23.01
CA LEU C 385 -0.29 17.49 21.82
C LEU C 385 0.21 16.30 21.00
N ILE C 386 1.51 16.06 20.95
CA ILE C 386 2.05 14.95 20.16
C ILE C 386 1.61 13.62 20.75
N LEU C 387 1.61 13.52 22.08
CA LEU C 387 1.18 12.27 22.68
C LEU C 387 -0.30 12.05 22.45
N GLN C 388 -1.11 13.13 22.58
CA GLN C 388 -2.53 12.99 22.27
C GLN C 388 -2.76 12.54 20.83
N MET C 389 -2.03 13.11 19.88
CA MET C 389 -2.21 12.75 18.48
C MET C 389 -1.76 11.32 18.22
N ASN C 390 -0.68 10.87 18.87
CA ASN C 390 -0.24 9.51 18.64
C ASN C 390 -1.26 8.50 19.17
N ARG C 391 -1.89 8.80 20.32
CA ARG C 391 -2.96 7.91 20.74
C ARG C 391 -4.12 7.93 19.75
N ALA C 392 -4.52 9.12 19.28
CA ALA C 392 -5.62 9.17 18.33
C ALA C 392 -5.30 8.34 17.09
N LEU C 393 -4.06 8.47 16.60
CA LEU C 393 -3.62 7.64 15.49
C LEU C 393 -3.78 6.16 15.82
N GLY C 394 -3.34 5.75 17.02
CA GLY C 394 -3.48 4.34 17.40
C GLY C 394 -4.91 3.87 17.33
N MET C 395 -5.84 4.64 17.91
CA MET C 395 -7.25 4.28 17.89
C MET C 395 -7.77 4.15 16.46
N PHE C 396 -7.38 5.07 15.58
CA PHE C 396 -7.91 4.98 14.22
C PHE C 396 -7.20 3.92 13.40
N GLU C 397 -5.95 3.58 13.72
CA GLU C 397 -5.31 2.42 13.12
C GLU C 397 -6.11 1.15 13.42
N ALA C 398 -6.39 0.92 14.70
CA ALA C 398 -7.19 -0.25 15.08
C ALA C 398 -8.52 -0.26 14.34
N GLN C 399 -9.25 0.87 14.37
CA GLN C 399 -10.54 0.93 13.70
C GLN C 399 -10.44 0.58 12.21
N SER C 400 -9.54 1.25 11.50
CA SER C 400 -9.48 1.09 10.06
C SER C 400 -9.10 -0.34 9.68
N LYS C 401 -8.16 -0.96 10.41
CA LYS C 401 -7.86 -2.36 10.12
C LYS C 401 -9.06 -3.26 10.37
N LEU C 402 -9.75 -3.06 11.50
CA LEU C 402 -10.91 -3.88 11.81
C LEU C 402 -11.96 -3.79 10.69
N TRP C 403 -12.33 -2.58 10.27
CA TRP C 403 -13.41 -2.47 9.29
C TRP C 403 -12.95 -2.93 7.92
N ARG C 404 -11.69 -2.70 7.58
CA ARG C 404 -11.16 -3.23 6.34
C ARG C 404 -11.33 -4.74 6.28
N LEU C 405 -11.04 -5.45 7.38
CA LEU C 405 -11.29 -6.90 7.37
C LEU C 405 -12.78 -7.21 7.39
N ALA C 406 -13.57 -6.44 8.13
CA ALA C 406 -15.00 -6.70 8.19
C ALA C 406 -15.65 -6.54 6.83
N SER C 407 -15.05 -5.75 5.95
CA SER C 407 -15.58 -5.51 4.63
C SER C 407 -15.33 -6.65 3.65
N LEU C 408 -14.35 -7.49 3.90
CA LEU C 408 -14.01 -8.55 2.98
C LEU C 408 -15.01 -9.70 3.04
N ALA C 409 -15.31 -10.25 1.85
CA ALA C 409 -16.08 -11.50 1.75
C ALA C 409 -15.19 -12.72 1.92
N GLN C 410 -13.92 -12.61 1.56
CA GLN C 410 -12.99 -13.72 1.71
C GLN C 410 -11.58 -13.18 1.89
N SER C 411 -10.75 -13.98 2.58
CA SER C 411 -9.33 -13.69 2.71
C SER C 411 -8.61 -15.01 2.61
N SER C 412 -7.59 -15.08 1.77
CA SER C 412 -6.85 -16.33 1.55
C SER C 412 -7.79 -17.48 1.22
N GLY C 413 -8.79 -17.22 0.36
CA GLY C 413 -9.67 -18.26 -0.10
C GLY C 413 -10.67 -18.78 0.91
N ALA C 414 -10.89 -18.06 2.01
CA ALA C 414 -11.81 -18.57 3.01
C ALA C 414 -12.63 -17.43 3.60
N PRO C 415 -13.69 -17.70 4.34
CA PRO C 415 -14.43 -16.61 4.96
C PRO C 415 -13.62 -15.94 6.06
N VAL C 416 -14.07 -14.76 6.43
CA VAL C 416 -13.54 -14.00 7.56
C VAL C 416 -14.50 -14.22 8.72
N THR C 417 -14.01 -14.82 9.80
CA THR C 417 -14.78 -14.87 11.01
C THR C 417 -15.08 -13.45 11.49
N LYS C 418 -16.33 -13.22 11.89
CA LYS C 418 -16.78 -11.89 12.31
C LYS C 418 -17.76 -12.07 13.47
N TRP C 419 -17.51 -11.35 14.56
CA TRP C 419 -18.39 -11.50 15.70
C TRP C 419 -18.24 -10.30 16.60
N ALA C 420 -19.25 -10.09 17.43
CA ALA C 420 -19.26 -9.00 18.39
C ALA C 420 -19.36 -9.56 19.81
N THR C 421 -18.71 -8.88 20.76
CA THR C 421 -18.79 -9.25 22.15
C THR C 421 -19.18 -8.03 22.98
N ARG C 422 -19.95 -8.26 24.04
CA ARG C 422 -20.22 -7.19 25.00
C ARG C 422 -19.69 -7.65 26.35
N GLU C 423 -18.73 -6.89 26.86
CA GLU C 423 -18.04 -7.22 28.10
C GLU C 423 -18.20 -6.07 29.09
N GLU C 424 -18.10 -6.39 30.38
CA GLU C 424 -18.24 -5.40 31.43
C GLU C 424 -16.89 -5.22 32.10
N ARG C 425 -16.48 -3.97 32.35
CA ARG C 425 -15.18 -3.77 32.99
C ARG C 425 -15.28 -3.08 34.36
N GLU C 426 -15.61 -1.79 34.41
CA GLU C 426 -15.78 -1.09 35.69
C GLU C 426 -17.22 -0.59 35.80
N GLY C 427 -18.16 -1.54 35.81
CA GLY C 427 -19.55 -1.20 35.98
C GLY C 427 -20.24 -0.71 34.74
N GLN C 428 -19.55 -0.68 33.59
CA GLN C 428 -20.21 -0.40 32.33
C GLN C 428 -19.84 -1.44 31.29
N LEU C 429 -20.74 -1.52 30.31
CA LEU C 429 -20.66 -2.45 29.20
C LEU C 429 -19.94 -1.80 28.03
N HIS C 430 -19.06 -2.57 27.42
CA HIS C 430 -18.28 -2.18 26.26
C HIS C 430 -18.59 -3.15 25.13
N LEU C 431 -18.87 -2.60 23.96
CA LEU C 431 -19.20 -3.37 22.78
C LEU C 431 -17.97 -3.41 21.88
N TRP C 432 -17.61 -4.61 21.45
CA TRP C 432 -16.41 -4.84 20.65
C TRP C 432 -16.78 -5.59 19.38
N PHE C 433 -16.07 -5.28 18.31
CA PHE C 433 -16.19 -6.04 17.07
C PHE C 433 -14.85 -6.68 16.75
N HIS C 434 -14.92 -7.94 16.31
CA HIS C 434 -13.76 -8.80 16.09
C HIS C 434 -13.86 -9.42 14.71
N CYS C 435 -12.73 -9.45 14.00
CA CYS C 435 -12.62 -10.13 12.72
C CYS C 435 -11.32 -10.91 12.67
N VAL C 436 -11.38 -12.12 12.11
CA VAL C 436 -10.17 -12.88 11.90
C VAL C 436 -10.34 -13.78 10.69
N GLY C 437 -9.47 -13.61 9.70
CA GLY C 437 -9.42 -14.51 8.57
C GLY C 437 -9.20 -15.95 9.01
N ILE C 438 -9.98 -16.87 8.42
CA ILE C 438 -9.84 -18.29 8.75
C ILE C 438 -8.58 -18.88 8.11
N ARG C 439 -8.25 -18.44 6.90
CA ARG C 439 -6.98 -18.81 6.29
C ARG C 439 -6.13 -17.55 6.17
N VAL C 440 -4.81 -17.70 6.37
CA VAL C 440 -3.92 -16.55 6.41
C VAL C 440 -2.73 -16.75 5.50
N SER C 441 -2.78 -17.80 4.67
CA SER C 441 -1.69 -18.09 3.74
C SER C 441 -1.23 -16.85 2.98
N ASP C 442 -2.17 -16.07 2.42
CA ASP C 442 -1.77 -14.88 1.66
C ASP C 442 -1.15 -13.81 2.54
N GLN C 443 -1.64 -13.68 3.78
CA GLN C 443 -1.04 -12.72 4.69
C GLN C 443 0.36 -13.16 5.11
N LEU C 444 0.55 -14.45 5.38
CA LEU C 444 1.91 -14.96 5.64
C LEU C 444 2.78 -14.80 4.41
N GLU C 445 2.20 -14.87 3.22
CA GLU C 445 2.93 -14.62 2.00
C GLU C 445 3.43 -13.19 1.95
N ARG C 446 2.61 -12.23 2.38
CA ARG C 446 3.04 -10.85 2.26
C ARG C 446 3.95 -10.43 3.41
N LEU C 447 3.74 -10.99 4.61
CA LEU C 447 4.50 -10.55 5.78
C LEU C 447 5.80 -11.32 5.98
N LEU C 448 5.80 -12.62 5.68
CA LEU C 448 6.96 -13.48 5.92
C LEU C 448 7.57 -13.93 4.60
N TRP C 449 6.87 -14.79 3.85
CA TRP C 449 7.46 -15.49 2.73
C TRP C 449 8.12 -14.53 1.74
N ARG C 450 7.46 -13.42 1.44
CA ARG C 450 7.99 -12.47 0.48
C ARG C 450 8.83 -11.38 1.14
N SER C 451 9.03 -11.45 2.45
CA SER C 451 9.79 -10.43 3.16
C SER C 451 11.19 -10.86 3.56
N ILE C 452 11.38 -12.14 3.88
CA ILE C 452 12.69 -12.70 4.22
C ILE C 452 13.19 -13.46 3.01
N PRO C 453 14.44 -13.27 2.58
CA PRO C 453 14.91 -13.99 1.38
C PRO C 453 14.82 -15.50 1.53
N HIS C 454 15.24 -16.05 2.67
CA HIS C 454 15.24 -17.50 2.85
C HIS C 454 14.91 -17.88 4.28
N ILE C 455 14.04 -18.87 4.41
CA ILE C 455 13.45 -19.26 5.69
C ILE C 455 13.43 -20.78 5.75
N ILE C 456 13.85 -21.31 6.89
CA ILE C 456 13.66 -22.72 7.22
C ILE C 456 12.40 -22.82 8.06
N VAL C 457 11.52 -23.73 7.69
CA VAL C 457 10.38 -24.13 8.50
C VAL C 457 10.65 -25.57 8.88
N THR C 458 10.85 -25.82 10.18
CA THR C 458 11.25 -27.16 10.58
C THR C 458 10.50 -27.63 11.81
N SER C 459 10.23 -28.93 11.84
CA SER C 459 9.51 -29.61 12.92
C SER C 459 9.51 -31.11 12.63
N ALA C 460 9.11 -31.87 13.63
CA ALA C 460 8.94 -33.30 13.43
C ALA C 460 7.57 -33.65 12.86
N THR C 461 6.64 -32.72 12.86
CA THR C 461 5.28 -32.97 12.41
C THR C 461 4.92 -31.87 11.42
N LEU C 462 5.35 -32.02 10.17
CA LEU C 462 4.94 -31.10 9.12
C LEU C 462 3.94 -31.71 8.15
N ARG C 463 3.99 -33.02 7.92
CA ARG C 463 3.02 -33.66 7.05
C ARG C 463 1.90 -34.29 7.86
N SER C 464 0.78 -34.55 7.19
CA SER C 464 -0.40 -35.03 7.90
C SER C 464 -0.73 -36.46 7.49
N LEU C 465 -1.38 -36.62 6.35
CA LEU C 465 -1.65 -37.95 5.80
C LEU C 465 -0.54 -38.32 4.81
N ASN C 466 0.68 -38.28 5.35
CA ASN C 466 1.92 -38.58 4.61
C ASN C 466 2.11 -37.67 3.41
N SER C 467 1.61 -36.44 3.48
CA SER C 467 1.74 -35.47 2.40
C SER C 467 1.96 -34.08 2.97
N PHE C 468 2.60 -33.22 2.17
CA PHE C 468 2.81 -31.83 2.55
C PHE C 468 1.65 -30.93 2.20
N SER C 469 0.50 -31.48 1.81
CA SER C 469 -0.56 -30.61 1.32
C SER C 469 -1.18 -29.80 2.46
N ARG C 470 -1.35 -30.40 3.65
CA ARG C 470 -1.93 -29.64 4.77
C ARG C 470 -1.08 -28.42 5.10
N LEU C 471 0.23 -28.64 5.27
CA LEU C 471 1.12 -27.51 5.52
C LEU C 471 1.05 -26.51 4.37
N GLN C 472 0.98 -26.98 3.13
CA GLN C 472 0.92 -26.04 2.01
C GLN C 472 -0.35 -25.20 2.07
N GLU C 473 -1.48 -25.83 2.33
CA GLU C 473 -2.75 -25.12 2.37
C GLU C 473 -2.82 -24.14 3.54
N MET C 474 -2.22 -24.49 4.68
CA MET C 474 -2.32 -23.60 5.84
C MET C 474 -1.30 -22.47 5.78
N SER C 475 -0.10 -22.74 5.29
CA SER C 475 0.99 -21.76 5.37
C SER C 475 1.11 -20.89 4.13
N GLY C 476 0.65 -21.35 2.98
CA GLY C 476 0.92 -20.65 1.76
C GLY C 476 2.30 -20.88 1.16
N LEU C 477 3.14 -21.69 1.81
CA LEU C 477 4.36 -22.16 1.17
C LEU C 477 3.97 -22.99 -0.04
N LYS C 478 4.58 -22.72 -1.19
CA LYS C 478 4.24 -23.52 -2.36
C LYS C 478 5.46 -23.74 -3.25
N GLU C 479 5.42 -24.85 -4.00
CA GLU C 479 6.47 -25.15 -4.97
C GLU C 479 6.57 -24.07 -6.04
N LYS C 480 5.42 -23.64 -6.57
CA LYS C 480 5.39 -22.54 -7.54
C LYS C 480 6.35 -21.42 -7.15
N ALA C 481 6.41 -21.07 -5.87
CA ALA C 481 7.29 -20.01 -5.40
C ALA C 481 8.74 -20.46 -5.25
N GLY C 482 9.03 -21.73 -5.51
CA GLY C 482 10.37 -22.24 -5.30
C GLY C 482 10.63 -22.61 -3.85
N ASP C 483 9.59 -23.02 -3.12
CA ASP C 483 9.75 -23.57 -1.79
C ASP C 483 9.95 -25.07 -1.91
N ARG C 484 10.89 -25.61 -1.13
CA ARG C 484 11.19 -27.03 -1.12
C ARG C 484 10.55 -27.71 0.09
N PHE C 485 10.24 -29.00 -0.07
CA PHE C 485 9.50 -29.75 0.93
C PHE C 485 10.20 -31.10 1.09
N VAL C 486 10.87 -31.29 2.23
CA VAL C 486 11.74 -32.44 2.50
C VAL C 486 11.23 -33.18 3.74
N ALA C 487 11.20 -34.50 3.67
CA ALA C 487 10.82 -35.37 4.79
C ALA C 487 11.98 -36.31 5.08
N LEU C 488 12.64 -36.13 6.22
CA LEU C 488 13.75 -37.00 6.60
C LEU C 488 13.25 -38.21 7.40
N ASP C 489 14.15 -39.17 7.61
CA ASP C 489 13.85 -40.41 8.29
C ASP C 489 14.44 -40.42 9.71
N SER C 490 13.97 -41.36 10.52
CA SER C 490 14.49 -41.41 11.88
C SER C 490 15.57 -42.48 11.99
N PRO C 491 16.70 -42.17 12.61
CA PRO C 491 17.76 -43.19 12.76
C PRO C 491 17.47 -44.16 13.90
N PHE C 492 16.69 -43.71 14.87
CA PHE C 492 16.55 -44.44 16.13
C PHE C 492 15.70 -45.69 15.97
N ASN C 493 15.97 -46.65 16.86
CA ASN C 493 15.39 -47.99 16.74
C ASN C 493 14.29 -48.17 17.79
N HIS C 494 13.17 -47.49 17.51
CA HIS C 494 12.12 -47.32 18.52
C HIS C 494 11.61 -48.67 19.05
N CYS C 495 11.40 -49.64 18.16
CA CYS C 495 10.93 -50.95 18.61
C CYS C 495 11.92 -51.63 19.52
N GLU C 496 13.22 -51.44 19.28
CA GLU C 496 14.26 -52.01 20.12
C GLU C 496 14.66 -51.11 21.28
N GLN C 497 13.93 -50.02 21.49
CA GLN C 497 14.36 -48.98 22.42
C GLN C 497 13.28 -48.56 23.41
N GLY C 498 12.01 -48.84 23.14
CA GLY C 498 10.99 -48.42 24.09
C GLY C 498 9.73 -49.23 23.89
N LYS C 499 8.77 -48.97 24.77
CA LYS C 499 7.45 -49.56 24.74
C LYS C 499 6.39 -48.49 24.78
N ILE C 500 5.23 -48.77 24.16
CA ILE C 500 4.00 -48.03 24.37
C ILE C 500 3.19 -48.85 25.35
N VAL C 501 2.86 -48.25 26.49
CA VAL C 501 2.07 -48.88 27.54
C VAL C 501 0.72 -48.18 27.59
N ILE C 502 -0.31 -48.91 27.19
CA ILE C 502 -1.68 -48.44 27.25
C ILE C 502 -2.37 -49.27 28.33
N PRO C 503 -2.47 -48.76 29.54
CA PRO C 503 -3.20 -49.50 30.57
C PRO C 503 -4.65 -49.68 30.15
N ARG C 504 -5.29 -50.68 30.76
CA ARG C 504 -6.69 -50.97 30.50
C ARG C 504 -7.52 -50.13 31.47
N MET C 505 -7.64 -48.85 31.13
CA MET C 505 -8.48 -47.94 31.93
C MET C 505 -9.92 -48.40 31.89
N ARG C 506 -10.57 -48.41 33.04
CA ARG C 506 -11.97 -48.78 33.12
C ARG C 506 -12.86 -47.76 32.43
N VAL C 507 -12.51 -46.48 32.55
CA VAL C 507 -13.34 -45.47 31.93
C VAL C 507 -12.61 -44.59 30.91
N GLU C 508 -13.26 -44.33 29.79
CA GLU C 508 -12.74 -43.49 28.73
C GLU C 508 -12.57 -42.04 29.20
N PRO C 509 -11.62 -41.32 28.62
CA PRO C 509 -11.36 -39.90 28.97
C PRO C 509 -12.37 -38.95 28.34
N SER C 510 -13.65 -39.21 28.56
CA SER C 510 -14.72 -38.34 28.08
C SER C 510 -14.96 -37.21 29.11
N ILE C 511 -16.15 -36.64 29.12
CA ILE C 511 -16.39 -35.43 29.89
C ILE C 511 -17.06 -35.71 31.23
N ASP C 512 -18.12 -36.51 31.26
CA ASP C 512 -18.72 -36.82 32.56
C ASP C 512 -17.94 -37.90 33.29
N ASN C 513 -16.80 -38.34 32.75
CA ASN C 513 -15.98 -39.36 33.38
C ASN C 513 -14.59 -38.85 33.77
N GLU C 514 -14.36 -37.53 33.76
CA GLU C 514 -13.00 -37.01 33.93
C GLU C 514 -12.48 -37.30 35.34
N GLU C 515 -13.29 -37.05 36.37
CA GLU C 515 -12.85 -37.31 37.74
C GLU C 515 -12.44 -38.77 37.92
N GLN C 516 -13.30 -39.69 37.46
CA GLN C 516 -13.03 -41.12 37.53
C GLN C 516 -11.72 -41.47 36.82
N HIS C 517 -11.53 -40.93 35.61
CA HIS C 517 -10.36 -41.27 34.81
C HIS C 517 -9.08 -40.70 35.39
N ILE C 518 -9.14 -39.50 35.99
CA ILE C 518 -7.95 -38.94 36.62
C ILE C 518 -7.61 -39.70 37.89
N ALA C 519 -8.61 -40.19 38.62
CA ALA C 519 -8.31 -41.03 39.79
C ALA C 519 -7.64 -42.35 39.38
N GLU C 520 -8.12 -42.99 38.30
CA GLU C 520 -7.46 -44.21 37.82
C GLU C 520 -6.05 -43.92 37.36
N MET C 521 -5.87 -42.83 36.59
CA MET C 521 -4.54 -42.50 36.12
C MET C 521 -3.59 -42.25 37.29
N ALA C 522 -4.07 -41.55 38.32
CA ALA C 522 -3.24 -41.35 39.51
C ALA C 522 -2.85 -42.67 40.15
N ALA C 523 -3.80 -43.61 40.24
CA ALA C 523 -3.48 -44.88 40.88
C ALA C 523 -2.37 -45.62 40.12
N PHE C 524 -2.54 -45.74 38.81
CA PHE C 524 -1.54 -46.42 37.99
C PHE C 524 -0.19 -45.71 38.09
N PHE C 525 -0.18 -44.40 37.86
CA PHE C 525 1.03 -43.60 38.04
C PHE C 525 1.71 -43.89 39.36
N ARG C 526 0.92 -43.92 40.44
CA ARG C 526 1.49 -44.11 41.77
C ARG C 526 2.20 -45.45 41.88
N GLU C 527 1.63 -46.49 41.28
CA GLU C 527 2.36 -47.76 41.25
C GLU C 527 3.62 -47.69 40.38
N GLN C 528 3.58 -46.97 39.26
CA GLN C 528 4.79 -46.82 38.45
C GLN C 528 5.91 -46.12 39.23
N VAL C 529 5.57 -45.14 40.07
CA VAL C 529 6.59 -44.51 40.90
C VAL C 529 7.07 -45.49 41.98
N GLU C 530 6.15 -46.20 42.63
CA GLU C 530 6.55 -47.15 43.67
C GLU C 530 7.46 -48.26 43.14
N SER C 531 7.37 -48.60 41.86
CA SER C 531 8.29 -49.60 41.31
C SER C 531 9.74 -49.16 41.36
N LYS C 532 10.02 -47.85 41.34
CA LYS C 532 11.38 -47.31 41.38
C LYS C 532 12.20 -47.69 40.15
N LYS C 533 11.55 -48.03 39.04
CA LYS C 533 12.32 -48.42 37.86
C LYS C 533 12.79 -47.22 37.04
N HIS C 534 12.21 -46.05 37.26
CA HIS C 534 12.48 -44.89 36.43
C HIS C 534 12.94 -43.73 37.28
N LEU C 535 14.13 -43.22 36.96
CA LEU C 535 14.68 -42.08 37.69
C LEU C 535 14.11 -40.77 37.19
N GLY C 536 13.73 -40.72 35.91
CA GLY C 536 13.16 -39.54 35.29
C GLY C 536 11.80 -39.79 34.67
N MET C 537 10.83 -38.99 35.08
CA MET C 537 9.47 -39.07 34.57
C MET C 537 9.00 -37.70 34.12
N LEU C 538 8.11 -37.72 33.14
CA LEU C 538 7.44 -36.54 32.65
C LEU C 538 5.96 -36.87 32.58
N VAL C 539 5.11 -36.02 33.17
CA VAL C 539 3.65 -36.20 33.12
C VAL C 539 3.08 -35.02 32.35
N LEU C 540 2.37 -35.33 31.26
CA LEU C 540 1.84 -34.34 30.33
C LEU C 540 0.32 -34.37 30.36
N PHE C 541 -0.30 -33.19 30.46
CA PHE C 541 -1.74 -33.06 30.45
C PHE C 541 -2.18 -32.20 29.27
N ALA C 542 -3.45 -32.37 28.89
CA ALA C 542 -4.03 -31.56 27.86
C ALA C 542 -4.68 -30.30 28.42
N SER C 543 -4.79 -30.18 29.74
CA SER C 543 -5.42 -29.01 30.32
C SER C 543 -4.87 -28.78 31.72
N GLY C 544 -4.79 -27.50 32.10
CA GLY C 544 -4.47 -27.17 33.46
C GLY C 544 -5.47 -27.71 34.46
N ARG C 545 -6.75 -27.74 34.08
CA ARG C 545 -7.79 -28.29 34.93
C ARG C 545 -7.47 -29.75 35.29
N ALA C 546 -7.22 -30.58 34.27
CA ALA C 546 -6.92 -31.98 34.51
C ALA C 546 -5.65 -32.15 35.36
N MET C 547 -4.59 -31.39 35.05
CA MET C 547 -3.35 -31.51 35.81
C MET C 547 -3.56 -31.14 37.27
N GLN C 548 -4.21 -30.01 37.50
CA GLN C 548 -4.48 -29.60 38.88
C GLN C 548 -5.31 -30.65 39.60
N ARG C 549 -6.27 -31.26 38.89
CA ARG C 549 -7.10 -32.29 39.51
C ARG C 549 -6.28 -33.52 39.86
N PHE C 550 -5.43 -33.98 38.94
CA PHE C 550 -4.57 -35.14 39.18
C PHE C 550 -3.62 -34.88 40.33
N LEU C 551 -3.16 -33.65 40.51
CA LEU C 551 -2.24 -33.38 41.60
C LEU C 551 -2.88 -33.58 42.96
N ASP C 552 -4.20 -33.48 43.03
CA ASP C 552 -4.88 -33.72 44.30
C ASP C 552 -4.70 -35.16 44.79
N TYR C 553 -4.36 -36.08 43.90
CA TYR C 553 -4.18 -37.48 44.25
C TYR C 553 -2.73 -37.85 44.53
N VAL C 554 -1.79 -36.91 44.42
CA VAL C 554 -0.38 -37.25 44.59
C VAL C 554 0.30 -36.29 45.55
N THR C 555 -0.47 -35.71 46.47
CA THR C 555 0.09 -34.69 47.36
C THR C 555 1.26 -35.24 48.18
N ASP C 556 1.17 -36.49 48.62
CA ASP C 556 2.28 -37.13 49.34
C ASP C 556 3.54 -37.29 48.48
N LEU C 557 3.43 -37.24 47.15
CA LEU C 557 4.59 -37.33 46.28
C LEU C 557 5.14 -35.95 45.93
N ARG C 558 4.64 -34.92 46.61
CA ARG C 558 4.86 -33.54 46.20
C ARG C 558 6.35 -33.20 46.10
N LEU C 559 7.18 -33.77 46.98
CA LEU C 559 8.60 -33.37 47.03
C LEU C 559 9.38 -33.85 45.82
N MET C 560 8.91 -34.89 45.12
CA MET C 560 9.63 -35.29 43.92
C MET C 560 8.96 -34.78 42.64
N LEU C 561 7.90 -33.98 42.76
CA LEU C 561 7.23 -33.39 41.63
C LEU C 561 7.75 -31.98 41.40
N LEU C 562 8.07 -31.67 40.15
CA LEU C 562 8.32 -30.31 39.69
C LEU C 562 7.18 -29.96 38.75
N VAL C 563 6.30 -29.04 39.17
CA VAL C 563 5.00 -28.83 38.52
C VAL C 563 4.98 -27.47 37.84
N GLN C 564 4.57 -27.45 36.57
CA GLN C 564 4.36 -26.21 35.84
C GLN C 564 3.40 -25.31 36.60
N GLY C 565 3.80 -24.04 36.76
CA GLY C 565 3.08 -23.09 37.60
C GLY C 565 3.76 -22.79 38.91
N ASP C 566 4.63 -23.69 39.41
CA ASP C 566 5.25 -23.47 40.71
C ASP C 566 6.55 -22.68 40.58
N GLN C 567 7.27 -22.90 39.49
CA GLN C 567 8.46 -22.16 39.12
C GLN C 567 8.37 -21.90 37.62
N PRO C 568 9.17 -21.00 37.07
CA PRO C 568 9.19 -20.88 35.60
C PRO C 568 9.61 -22.20 34.95
N ARG C 569 9.08 -22.42 33.75
CA ARG C 569 9.11 -23.76 33.15
C ARG C 569 10.54 -24.29 33.03
N TYR C 570 11.42 -23.54 32.38
CA TYR C 570 12.74 -24.08 32.16
C TYR C 570 13.56 -24.13 33.45
N ARG C 571 13.18 -23.37 34.47
CA ARG C 571 13.89 -23.55 35.72
C ARG C 571 13.46 -24.84 36.41
N LEU C 572 12.21 -25.26 36.19
CA LEU C 572 11.79 -26.59 36.59
C LEU C 572 12.59 -27.66 35.86
N VAL C 573 12.76 -27.50 34.54
CA VAL C 573 13.58 -28.43 33.78
C VAL C 573 14.98 -28.53 34.40
N GLU C 574 15.59 -27.40 34.72
CA GLU C 574 16.96 -27.43 35.22
C GLU C 574 17.05 -28.15 36.56
N LEU C 575 16.15 -27.80 37.51
CA LEU C 575 16.11 -28.55 38.77
C LEU C 575 15.96 -30.05 38.50
N HIS C 576 15.13 -30.40 37.51
CA HIS C 576 14.90 -31.81 37.19
C HIS C 576 16.20 -32.48 36.79
N ARG C 577 16.98 -31.82 35.94
CA ARG C 577 18.25 -32.37 35.46
C ARG C 577 19.26 -32.50 36.59
N LYS C 578 19.36 -31.49 37.45
CA LYS C 578 20.28 -31.61 38.59
C LYS C 578 19.92 -32.82 39.45
N ARG C 579 18.63 -32.96 39.81
CA ARG C 579 18.26 -34.05 40.69
C ARG C 579 18.52 -35.40 40.05
N VAL C 580 18.12 -35.57 38.78
CA VAL C 580 18.34 -36.85 38.13
C VAL C 580 19.83 -37.15 38.03
N ALA C 581 20.63 -36.12 37.76
CA ALA C 581 22.06 -36.36 37.64
C ALA C 581 22.66 -36.80 38.97
N ASN C 582 22.09 -36.35 40.09
CA ASN C 582 22.56 -36.75 41.40
C ASN C 582 21.86 -38.01 41.90
N GLY C 583 21.30 -38.82 41.00
CA GLY C 583 20.70 -40.07 41.39
C GLY C 583 19.36 -39.99 42.10
N GLU C 584 18.73 -38.83 42.16
CA GLU C 584 17.45 -38.67 42.83
C GLU C 584 16.34 -38.70 41.78
N ARG C 585 15.27 -39.41 42.07
CA ARG C 585 14.16 -39.47 41.14
C ARG C 585 13.44 -38.13 41.09
N SER C 586 12.94 -37.82 39.90
CA SER C 586 12.34 -36.53 39.61
C SER C 586 11.20 -36.73 38.64
N VAL C 587 10.14 -35.95 38.81
CA VAL C 587 8.96 -36.06 37.95
C VAL C 587 8.56 -34.66 37.53
N LEU C 588 8.75 -34.35 36.25
CA LEU C 588 8.18 -33.13 35.71
C LEU C 588 6.72 -33.35 35.38
N VAL C 589 5.88 -32.41 35.79
CA VAL C 589 4.47 -32.39 35.42
C VAL C 589 4.19 -31.06 34.76
N GLY C 590 3.56 -31.11 33.59
CA GLY C 590 3.22 -29.88 32.91
C GLY C 590 2.31 -30.12 31.72
N LEU C 591 2.25 -29.10 30.86
CA LEU C 591 1.33 -29.05 29.74
C LEU C 591 2.08 -28.92 28.42
N GLN C 592 1.43 -28.31 27.43
CA GLN C 592 1.97 -28.09 26.09
C GLN C 592 3.46 -27.72 26.09
N SER C 593 3.87 -26.80 26.96
CA SER C 593 5.25 -26.32 26.97
C SER C 593 6.24 -27.46 27.20
N PHE C 594 5.87 -28.49 27.96
CA PHE C 594 6.75 -29.63 28.18
C PHE C 594 6.55 -30.74 27.15
N ALA C 595 5.59 -30.59 26.24
CA ALA C 595 5.18 -31.69 25.37
C ALA C 595 5.92 -31.73 24.04
N GLU C 596 6.77 -30.73 23.74
CA GLU C 596 7.26 -30.63 22.37
C GLU C 596 8.76 -30.53 22.17
N GLY C 597 9.40 -29.52 22.71
CA GLY C 597 10.79 -29.37 22.29
C GLY C 597 11.75 -29.90 23.32
N LEU C 598 11.17 -30.25 24.48
CA LEU C 598 11.93 -30.62 25.65
C LEU C 598 12.80 -31.82 25.36
N ASP C 599 14.07 -31.70 25.73
CA ASP C 599 15.06 -32.71 25.45
C ASP C 599 15.64 -33.19 26.78
N LEU C 600 15.50 -34.48 27.05
CA LEU C 600 16.00 -35.14 28.27
C LEU C 600 16.52 -36.51 27.82
N LYS C 601 17.82 -36.56 27.46
CA LYS C 601 18.39 -37.81 26.99
C LYS C 601 18.67 -38.77 28.13
N GLY C 602 18.37 -40.05 27.89
CA GLY C 602 18.75 -41.11 28.78
C GLY C 602 18.07 -41.09 30.13
N ASP C 603 18.89 -41.02 31.19
CA ASP C 603 18.39 -41.12 32.56
C ASP C 603 17.38 -40.02 32.86
N LEU C 604 17.59 -38.83 32.30
CA LEU C 604 16.71 -37.70 32.56
C LEU C 604 15.26 -37.99 32.21
N LEU C 605 14.97 -38.97 31.37
CA LEU C 605 13.59 -39.23 30.98
C LEU C 605 13.49 -40.64 30.42
N SER C 606 13.00 -41.58 31.24
CA SER C 606 12.67 -42.91 30.77
C SER C 606 11.22 -43.28 30.96
N GLN C 607 10.39 -42.45 31.61
CA GLN C 607 8.96 -42.74 31.60
C GLN C 607 8.15 -41.47 31.37
N VAL C 608 7.32 -41.50 30.32
CA VAL C 608 6.44 -40.40 29.94
C VAL C 608 5.00 -40.83 30.17
N HIS C 609 4.23 -40.03 30.90
CA HIS C 609 2.82 -40.29 31.14
C HIS C 609 1.98 -39.29 30.36
N ILE C 610 1.17 -39.78 29.43
CA ILE C 610 0.35 -38.93 28.58
C ILE C 610 -1.08 -39.09 29.06
N HIS C 611 -1.66 -37.98 29.52
CA HIS C 611 -2.98 -38.04 30.16
C HIS C 611 -4.06 -38.44 29.17
N LYS C 612 -3.97 -37.96 27.93
CA LYS C 612 -5.11 -37.92 27.02
C LYS C 612 -4.60 -37.82 25.58
N ILE C 613 -5.51 -38.11 24.64
CA ILE C 613 -5.38 -37.61 23.27
C ILE C 613 -5.78 -36.15 23.33
N ALA C 614 -4.87 -35.27 22.95
CA ALA C 614 -5.14 -33.82 22.96
C ALA C 614 -5.91 -33.47 21.69
N PHE C 615 -7.23 -33.60 21.76
CA PHE C 615 -8.07 -33.03 20.72
C PHE C 615 -8.33 -31.56 21.03
N PRO C 616 -8.23 -30.68 20.03
CA PRO C 616 -8.31 -29.25 20.30
C PRO C 616 -9.72 -28.85 20.74
N PRO C 617 -9.84 -27.83 21.59
CA PRO C 617 -11.17 -27.30 21.91
C PRO C 617 -11.84 -26.73 20.66
N ILE C 618 -13.14 -27.00 20.55
CA ILE C 618 -13.91 -26.73 19.34
C ILE C 618 -14.83 -25.56 19.65
N ASP C 619 -14.32 -24.60 20.42
CA ASP C 619 -15.11 -23.57 21.09
C ASP C 619 -14.98 -22.18 20.48
N SER C 620 -13.96 -21.92 19.67
CA SER C 620 -13.72 -20.59 19.15
C SER C 620 -14.76 -20.19 18.10
N PRO C 621 -15.05 -18.90 18.02
CA PRO C 621 -15.94 -18.45 16.95
C PRO C 621 -15.27 -18.79 15.63
N VAL C 622 -13.97 -18.61 15.58
CA VAL C 622 -13.17 -18.89 14.40
C VAL C 622 -13.21 -20.37 14.05
N VAL C 623 -13.12 -21.21 15.07
CA VAL C 623 -13.11 -22.65 14.87
C VAL C 623 -14.51 -23.15 14.48
N ILE C 624 -15.59 -22.60 15.09
CA ILE C 624 -16.94 -22.96 14.63
C ILE C 624 -17.19 -22.50 13.19
N THR C 625 -16.84 -21.26 12.89
CA THR C 625 -17.06 -20.74 11.53
C THR C 625 -16.23 -21.53 10.52
N GLU C 626 -15.04 -21.94 10.92
CA GLU C 626 -14.24 -22.83 10.09
C GLU C 626 -14.95 -24.17 9.91
N GLY C 627 -15.53 -24.69 10.99
CA GLY C 627 -16.24 -25.96 10.89
C GLY C 627 -17.38 -25.90 9.90
N GLU C 628 -18.20 -24.85 9.97
CA GLU C 628 -19.32 -24.78 9.03
C GLU C 628 -18.85 -24.48 7.60
N TRP C 629 -17.76 -23.74 7.43
CA TRP C 629 -17.23 -23.52 6.07
C TRP C 629 -16.69 -24.81 5.46
N LEU C 630 -15.89 -25.56 6.23
CA LEU C 630 -15.52 -26.91 5.82
C LEU C 630 -16.76 -27.73 5.43
N LYS C 631 -17.80 -27.71 6.27
CA LYS C 631 -19.00 -28.47 5.97
C LYS C 631 -19.61 -28.04 4.63
N SER C 632 -19.64 -26.73 4.36
CA SER C 632 -20.18 -26.23 3.09
C SER C 632 -19.28 -26.60 1.92
N LEU C 633 -18.00 -26.89 2.17
CA LEU C 633 -17.12 -27.46 1.16
C LEU C 633 -17.13 -28.99 1.17
N ASN C 634 -18.11 -29.57 1.87
CA ASN C 634 -18.26 -31.03 1.96
C ASN C 634 -16.98 -31.68 2.50
N ARG C 635 -16.49 -31.14 3.62
CA ARG C 635 -15.37 -31.74 4.33
C ARG C 635 -15.79 -31.98 5.76
N TYR C 636 -15.34 -33.09 6.33
CA TYR C 636 -15.68 -33.40 7.71
C TYR C 636 -14.77 -32.59 8.63
N PRO C 637 -15.32 -31.69 9.45
CA PRO C 637 -14.44 -30.87 10.31
C PRO C 637 -13.54 -31.71 11.21
N PHE C 638 -14.02 -32.84 11.73
CA PHE C 638 -13.15 -33.71 12.53
C PHE C 638 -11.90 -34.13 11.75
N GLU C 639 -12.05 -34.38 10.45
CA GLU C 639 -10.91 -34.85 9.67
C GLU C 639 -9.90 -33.73 9.40
N VAL C 640 -10.32 -32.47 9.47
CA VAL C 640 -9.46 -31.36 9.10
C VAL C 640 -8.92 -30.63 10.33
N GLN C 641 -9.77 -30.36 11.32
CA GLN C 641 -9.30 -29.49 12.40
C GLN C 641 -8.95 -30.23 13.69
N SER C 642 -9.71 -31.27 14.05
CA SER C 642 -9.46 -31.96 15.32
C SER C 642 -8.38 -33.04 15.19
N LEU C 643 -8.60 -34.02 14.30
CA LEU C 643 -7.74 -35.20 14.30
C LEU C 643 -6.30 -34.90 13.87
N PRO C 644 -6.02 -34.14 12.80
CA PRO C 644 -4.60 -33.91 12.46
C PRO C 644 -3.81 -33.30 13.59
N SER C 645 -4.40 -32.34 14.32
CA SER C 645 -3.64 -31.72 15.38
C SER C 645 -3.46 -32.67 16.56
N ALA C 646 -4.44 -33.55 16.79
CA ALA C 646 -4.28 -34.59 17.80
C ALA C 646 -3.14 -35.53 17.43
N SER C 647 -3.00 -35.84 16.14
CA SER C 647 -1.92 -36.72 15.70
C SER C 647 -0.57 -36.04 15.89
N PHE C 648 -0.43 -34.80 15.41
CA PHE C 648 0.81 -34.04 15.63
C PHE C 648 1.15 -33.98 17.12
N ASN C 649 0.14 -33.70 17.95
CA ASN C 649 0.34 -33.63 19.39
C ASN C 649 0.87 -34.95 19.94
N LEU C 650 0.21 -36.06 19.61
CA LEU C 650 0.62 -37.35 20.14
C LEU C 650 2.01 -37.72 19.65
N ILE C 651 2.33 -37.44 18.38
CA ILE C 651 3.65 -37.75 17.87
C ILE C 651 4.71 -36.99 18.66
N GLN C 652 4.44 -35.72 18.96
CA GLN C 652 5.42 -34.88 19.64
C GLN C 652 5.64 -35.35 21.08
N GLN C 653 4.54 -35.53 21.80
CA GLN C 653 4.57 -36.11 23.15
C GLN C 653 5.38 -37.42 23.18
N VAL C 654 4.99 -38.40 22.35
CA VAL C 654 5.74 -39.66 22.28
C VAL C 654 7.21 -39.39 21.97
N GLY C 655 7.48 -38.35 21.19
CA GLY C 655 8.84 -38.04 20.81
C GLY C 655 9.69 -37.47 21.92
N ARG C 656 9.09 -37.16 23.07
CA ARG C 656 9.96 -36.76 24.19
C ARG C 656 10.82 -37.93 24.70
N LEU C 657 10.37 -39.18 24.53
CA LEU C 657 11.06 -40.28 25.21
C LEU C 657 12.41 -40.56 24.57
N ILE C 658 12.40 -40.98 23.30
CA ILE C 658 13.60 -41.43 22.59
C ILE C 658 14.32 -40.23 21.97
N ARG C 659 15.48 -39.89 22.53
CA ARG C 659 16.29 -38.77 22.09
C ARG C 659 17.66 -39.21 21.57
N SER C 660 17.93 -40.51 21.55
CA SER C 660 19.27 -41.01 21.27
C SER C 660 19.21 -42.52 21.12
N HIS C 661 20.28 -43.08 20.55
CA HIS C 661 20.55 -44.49 20.74
C HIS C 661 20.94 -44.69 22.21
N GLY C 662 20.34 -45.68 22.86
CA GLY C 662 20.50 -45.88 24.28
C GLY C 662 19.45 -45.22 25.14
N CYS C 663 18.61 -44.35 24.57
CA CYS C 663 17.42 -43.96 25.31
C CYS C 663 16.54 -45.19 25.46
N TRP C 664 15.75 -45.19 26.52
CA TRP C 664 15.02 -46.40 26.87
C TRP C 664 13.82 -45.98 27.69
N GLY C 665 12.83 -46.87 27.76
CA GLY C 665 11.76 -46.67 28.71
C GLY C 665 10.42 -46.89 28.07
N GLU C 666 9.43 -46.10 28.48
CA GLU C 666 8.09 -46.30 27.97
C GLU C 666 7.29 -45.01 28.02
N VAL C 667 6.28 -44.98 27.17
CA VAL C 667 5.29 -43.92 27.13
C VAL C 667 3.97 -44.57 27.51
N VAL C 668 3.50 -44.28 28.71
CA VAL C 668 2.18 -44.68 29.17
C VAL C 668 1.17 -43.70 28.58
N ILE C 669 0.15 -44.21 27.89
CA ILE C 669 -0.91 -43.37 27.36
C ILE C 669 -2.21 -43.80 28.02
N TYR C 670 -2.82 -42.89 28.78
CA TYR C 670 -3.98 -43.19 29.60
C TYR C 670 -5.29 -42.98 28.86
N ASP C 671 -5.27 -42.89 27.54
CA ASP C 671 -6.48 -42.72 26.73
C ASP C 671 -6.71 -44.05 26.02
N LYS C 672 -7.70 -44.80 26.49
CA LYS C 672 -7.98 -46.09 25.87
C LYS C 672 -8.72 -45.99 24.55
N ARG C 673 -9.11 -44.78 24.13
CA ARG C 673 -9.70 -44.62 22.81
C ARG C 673 -8.72 -44.90 21.68
N LEU C 674 -7.41 -44.99 21.97
CA LEU C 674 -6.48 -45.48 20.97
C LEU C 674 -6.76 -46.93 20.60
N LEU C 675 -7.48 -47.66 21.45
CA LEU C 675 -7.91 -49.02 21.19
C LEU C 675 -9.41 -49.15 20.95
N THR C 676 -10.21 -48.32 21.61
CA THR C 676 -11.68 -48.39 21.55
C THR C 676 -12.25 -47.71 20.33
N LYS C 677 -11.82 -46.48 20.04
CA LYS C 677 -12.37 -45.73 18.93
C LYS C 677 -11.72 -46.13 17.60
N ASN C 678 -12.26 -45.56 16.52
CA ASN C 678 -11.89 -45.87 15.15
C ASN C 678 -10.81 -44.96 14.59
N TYR C 679 -10.52 -43.84 15.26
CA TYR C 679 -9.37 -43.00 14.95
C TYR C 679 -8.13 -43.45 15.71
N GLY C 680 -8.27 -44.47 16.57
CA GLY C 680 -7.18 -45.03 17.34
C GLY C 680 -6.07 -45.66 16.52
N LYS C 681 -6.46 -46.53 15.58
CA LYS C 681 -5.55 -47.03 14.56
C LYS C 681 -4.71 -45.89 14.00
N ARG C 682 -5.38 -44.88 13.43
CA ARG C 682 -4.65 -43.87 12.67
C ARG C 682 -3.68 -43.07 13.55
N LEU C 683 -4.09 -42.71 14.77
CA LEU C 683 -3.11 -42.15 15.70
C LEU C 683 -1.92 -43.10 15.91
N LEU C 684 -2.17 -44.39 16.20
CA LEU C 684 -1.06 -45.32 16.45
C LEU C 684 -0.20 -45.53 15.20
N ASP C 685 -0.82 -45.61 14.02
CA ASP C 685 -0.09 -45.83 12.79
C ASP C 685 0.79 -44.64 12.46
N ALA C 686 0.38 -43.43 12.88
CA ALA C 686 1.24 -42.27 12.65
C ALA C 686 2.43 -42.20 13.61
N LEU C 687 2.48 -43.02 14.65
CA LEU C 687 3.63 -43.02 15.56
C LEU C 687 4.74 -43.91 15.03
N PRO C 688 5.94 -43.83 15.61
CA PRO C 688 6.93 -44.87 15.36
C PRO C 688 6.43 -46.19 15.90
N VAL C 689 6.85 -47.28 15.25
CA VAL C 689 6.41 -48.59 15.69
C VAL C 689 7.02 -48.88 17.06
N PHE C 690 6.15 -49.12 18.04
CA PHE C 690 6.49 -49.51 19.39
C PHE C 690 5.67 -50.75 19.74
N PRO C 691 6.25 -51.73 20.42
CA PRO C 691 5.43 -52.77 21.02
C PRO C 691 4.43 -52.12 21.96
N ILE C 692 3.24 -52.71 22.08
CA ILE C 692 2.18 -52.15 22.91
C ILE C 692 1.81 -53.16 23.99
N GLU C 693 1.94 -52.75 25.25
CA GLU C 693 1.55 -53.56 26.39
C GLU C 693 0.31 -52.96 27.05
N GLN C 694 -0.58 -53.82 27.53
CA GLN C 694 -1.86 -53.39 28.08
C GLN C 694 -2.03 -53.93 29.50
N PRO C 695 -1.37 -53.30 30.48
CA PRO C 695 -1.41 -53.70 31.89
C PRO C 695 -2.68 -53.34 32.66
N GLU C 696 -2.97 -54.10 33.71
CA GLU C 696 -4.15 -53.86 34.56
C GLU C 696 -3.96 -52.62 35.41
N VAL C 697 -5.07 -52.03 35.82
CA VAL C 697 -5.03 -50.76 36.54
C VAL C 697 -5.59 -50.98 37.95
N PRO C 698 -5.02 -50.37 38.98
CA PRO C 698 -5.62 -50.45 40.31
C PRO C 698 -6.96 -49.74 40.36
N GLU C 699 -7.72 -50.06 41.39
CA GLU C 699 -9.00 -49.42 41.59
C GLU C 699 -8.82 -47.91 41.77
N GLY C 700 -9.69 -47.14 41.13
CA GLY C 700 -9.66 -45.70 41.23
C GLY C 700 -10.49 -45.17 42.37
N ILE C 701 -9.82 -44.65 43.40
CA ILE C 701 -10.50 -44.08 44.54
C ILE C 701 -10.69 -42.58 44.27
N VAL C 702 -11.93 -42.20 43.95
CA VAL C 702 -12.25 -40.80 43.70
C VAL C 702 -12.17 -40.01 45.00
N LYS C 703 -11.36 -38.96 45.01
CA LYS C 703 -11.21 -38.13 46.21
C LYS C 703 -12.33 -37.10 46.32
FE1 SF4 E . -25.69 15.06 -24.76
FE2 SF4 E . -27.46 14.57 -22.24
FE3 SF4 E . -24.35 14.35 -22.01
FE4 SF4 E . -25.97 12.24 -23.65
S1 SF4 E . -26.05 13.02 -21.60
S2 SF4 E . -24.25 13.55 -24.06
S3 SF4 E . -27.40 13.78 -24.29
S4 SF4 E . -25.76 15.88 -22.73
PB ADP F . 10.25 6.16 -26.03
O1B ADP F . 11.13 5.55 -24.95
O2B ADP F . 10.74 7.48 -26.59
O3B ADP F . 8.77 6.17 -25.77
PA ADP F . 9.28 4.21 -27.82
O1A ADP F . 8.94 3.06 -26.89
O2A ADP F . 8.17 5.06 -28.39
O3A ADP F . 10.47 5.09 -27.19
O5' ADP F . 10.08 3.75 -29.13
C5' ADP F . 10.79 2.55 -29.30
C4' ADP F . 10.50 2.15 -30.72
O4' ADP F . 11.18 0.92 -30.89
C3' ADP F . 9.02 1.81 -30.76
O3' ADP F . 8.57 1.67 -32.13
C2' ADP F . 9.02 0.46 -30.07
O2' ADP F . 7.88 -0.29 -30.48
C1' ADP F . 10.28 -0.16 -30.65
N9 ADP F . 11.04 -1.01 -29.74
C8 ADP F . 10.99 -1.05 -28.39
N7 ADP F . 11.88 -1.95 -27.92
C5 ADP F . 12.52 -2.50 -28.96
C6 ADP F . 13.57 -3.51 -29.16
N6 ADP F . 14.16 -4.14 -28.11
N1 ADP F . 13.93 -3.78 -30.44
C2 ADP F . 13.37 -3.16 -31.48
N3 ADP F . 12.41 -2.23 -31.37
C4 ADP F . 11.95 -1.87 -30.15
BE BEF G . 10.42 8.85 -26.50
F1 BEF G . 10.78 9.68 -27.75
F2 BEF G . 8.88 8.95 -26.25
F3 BEF G . 11.11 9.41 -25.22
MG MG H . 7.61 7.70 -25.28
FE1 SF4 I . 10.35 1.91 29.79
FE2 SF4 I . 9.37 1.01 32.60
FE3 SF4 I . 10.46 3.94 32.12
FE4 SF4 I . 12.39 1.45 32.11
S1 SF4 I . 10.91 2.29 33.50
S2 SF4 I . 11.95 3.10 30.71
S3 SF4 I . 10.83 0.25 31.15
S4 SF4 I . 8.88 2.67 31.26
PB ADP J . 15.01 -32.29 17.79
O1B ADP J . 15.39 -32.66 16.38
O2B ADP J . 15.01 -30.82 18.10
O3B ADP J . 13.76 -33.02 18.22
PA ADP J . 17.26 -31.93 19.47
O1A ADP J . 17.70 -30.79 18.59
O2A ADP J . 16.62 -31.68 20.82
O3A ADP J . 16.24 -32.88 18.64
O5' ADP J . 18.48 -32.92 19.76
C5' ADP J . 18.25 -33.97 20.70
C4' ADP J . 19.45 -34.19 21.63
O4' ADP J . 20.43 -35.01 21.01
C3' ADP J . 20.14 -32.88 21.96
O3' ADP J . 20.69 -33.03 23.26
C2' ADP J . 21.33 -32.84 21.03
O2' ADP J . 22.39 -32.05 21.58
C1' ADP J . 21.68 -34.31 20.97
N9 ADP J . 22.38 -34.60 19.72
C8 ADP J . 22.51 -33.78 18.67
N7 ADP J . 23.22 -34.40 17.69
C5 ADP J . 23.56 -35.62 18.12
C6 ADP J . 24.31 -36.77 17.59
N6 ADP J . 24.85 -36.73 16.35
N1 ADP J . 24.42 -37.87 18.38
C2 ADP J . 23.89 -37.92 19.62
N3 ADP J . 23.19 -36.91 20.16
C4 ADP J . 23.01 -35.75 19.48
BE BEF K . 12.41 -32.64 18.35
F1 BEF K . 11.59 -32.94 17.09
F2 BEF K . 11.66 -33.24 19.57
F3 BEF K . 12.35 -31.14 18.72
MG MG L . 13.59 -29.61 18.71
#